data_8XIW
#
_entry.id   8XIW
#
_cell.length_a   1.00
_cell.length_b   1.00
_cell.length_c   1.00
_cell.angle_alpha   90.00
_cell.angle_beta   90.00
_cell.angle_gamma   90.00
#
_symmetry.space_group_name_H-M   'P 1'
#
loop_
_entity.id
_entity.type
_entity.pdbx_description
1 polymer 'Methane monooxygenase'
2 polymer 'Methane monooxygenase'
3 polymer 'Methane monooxygenase'
4 polymer 'Methane monooxygenase'
5 non-polymer 'FE (III) ION'
6 water water
#
loop_
_entity_poly.entity_id
_entity_poly.type
_entity_poly.pdbx_seq_one_letter_code
_entity_poly.pdbx_strand_id
1 'polypeptide(L)'
;MAISLATKAATDALKVNRAPVGVEPQEVHKWLQSFNWDFKENRTKYATKYHMANQTKEQFKVIAKEYARMEAAKDERQFG
TLLDGLTRLGAGNKVHPRWGETMKVISNFLEVGEYNAIAASAMLWDSATAAEQKNGYLAQVLDEIRHTHQCAFINHYYSK
HYHDPAGHNDARRTRAIGPLWKGMKRVFADGFISGDAVECSVNLQLVGEACFTNPLIVAVTEWASANGDEITPTVFLSVE
TDELRHMANGYQTVVSIANDPAAAKYLNTDLNNAFWTQQKYFTPALGYLFEYGSKFKVEPWVKTWNRWVYEDWGGIWIGR
LGKYGVESPRSLRDAKTDAYWAHHDLALAAYALWPLGFARLALPDEEDQEWFEANYPGWADHYGKIYNEWKKLGYEDPKS
GFIPYAWLLANGHDVYIDRVSQVPFIPSLAKGSGSLRVHEFNGKKHSLTDDWGERMWLSEPERYECHNLFEQYEGRELSE
VIAEGHGVRSDGKTLIAQPHVRGDNLWTLEDIKRAGCVFPNPLAKF
;
A,E
2 'polypeptide(L)'
;MSQPQSSQVTKRGLTDPERAAIIAAAVPDHALDTQRKYHYFIQPRWKRLSEYEQLSCYAQPNPDWIAGGLDWGDWTQKFH
GGRPSWGNESTELRTTDWYRHRDPARRWHAPYVKDKSEEARYTQRFLAAYSSEGSIRTIDAYWRDEILNKYYGALLYNEY
GLFNAHSSVGRDCLSDTIRQSATFAGLDKVDNAQMIQMERLFIAKLVPGFDASTDVPKKIWTTDPIYAGARGAVEEIWQG
IQDWNEILWAGHAVYDATFGQFARREFFQRLATVYGDTLTPFFTAQSQTYFQTTRGAIEDLFVYCLANDPEFGAHNRTFL
NAWTEHYLARSVTALKDFVGIYAKVEKVAGATDRAGVSEALQRVFGDWKVDYADKIGFNIDVDQKVDAVLAGFKN
;
B,F
3 'polypeptide(L)'
;MAKREPIHENSTRTEWEGKIAKLNSVDQATKFIQDFRVAYSSPFRKSYDLDVDYQYIERKIEERLSVLKTEKLSVADLVT
KATTGEDAAAVEAAWIAKMKAAESKYAAERIHIEFRQLYKPPVLPVNVFLRTDAALGTILMELRNTDYYATPLEGLRKER
GVKVLHLQA
;
C,G
4 'polypeptide(L)'
;MSSAHNAYNAGIMQKTGKAFADEFFAEENQVVHESNAVVLVLMKSDEIDAIIEDMVLKGGKAKNPSIVVEDKAGFWWIKA
DGAIEIDAAEASDLLGKPFSVYDLLVNVSSTVGRAYTLGTKFTITSELMGLDRALTDI
;
D
#
# COMPACT_ATOMS: atom_id res chain seq x y z
N VAL A 16 3.43 -9.99 -37.69
CA VAL A 16 4.02 -10.30 -36.34
C VAL A 16 2.84 -10.85 -35.55
N ASN A 17 3.09 -11.85 -34.70
CA ASN A 17 1.98 -12.36 -33.82
C ASN A 17 1.67 -11.27 -32.82
N ARG A 18 0.39 -10.94 -32.64
CA ARG A 18 0.00 -9.89 -31.71
C ARG A 18 -0.75 -10.54 -30.55
N ALA A 19 0.00 -10.88 -29.50
CA ALA A 19 -0.57 -11.44 -28.29
C ALA A 19 0.03 -10.75 -27.07
N PRO A 20 -0.77 -10.44 -26.06
CA PRO A 20 -0.23 -9.74 -24.89
C PRO A 20 0.71 -10.60 -24.06
N VAL A 21 1.98 -10.22 -24.00
CA VAL A 21 2.99 -10.95 -23.27
C VAL A 21 3.77 -9.98 -22.39
N GLY A 22 4.42 -10.54 -21.37
CA GLY A 22 5.28 -9.78 -20.48
C GLY A 22 6.52 -10.57 -20.13
N VAL A 23 7.35 -9.98 -19.27
CA VAL A 23 8.59 -10.60 -18.82
C VAL A 23 8.55 -10.71 -17.31
N GLU A 24 8.58 -11.94 -16.81
CA GLU A 24 8.62 -12.20 -15.39
C GLU A 24 10.06 -12.07 -14.87
N PRO A 25 10.22 -11.86 -13.56
CA PRO A 25 11.59 -11.74 -13.01
C PRO A 25 12.42 -13.01 -13.16
N GLN A 26 11.80 -14.18 -13.35
CA GLN A 26 12.56 -15.41 -13.46
C GLN A 26 13.45 -15.42 -14.70
N GLU A 27 12.92 -14.97 -15.84
CA GLU A 27 13.71 -14.94 -17.06
C GLU A 27 14.88 -13.98 -16.93
N VAL A 28 14.66 -12.82 -16.31
CA VAL A 28 15.76 -11.87 -16.11
C VAL A 28 16.82 -12.45 -15.18
N HIS A 29 16.38 -13.11 -14.09
CA HIS A 29 17.32 -13.71 -13.15
C HIS A 29 18.08 -14.89 -13.75
N LYS A 30 17.52 -15.53 -14.78
CA LYS A 30 18.20 -16.67 -15.39
C LYS A 30 19.52 -16.26 -16.05
N TRP A 31 19.62 -15.01 -16.49
CA TRP A 31 20.80 -14.53 -17.21
C TRP A 31 21.75 -13.74 -16.32
N LEU A 32 21.52 -13.72 -15.00
CA LEU A 32 22.32 -12.88 -14.12
C LEU A 32 23.72 -13.44 -13.90
N GLN A 33 23.92 -14.76 -14.04
CA GLN A 33 25.22 -15.35 -13.75
C GLN A 33 26.29 -14.88 -14.74
N SER A 34 25.91 -14.54 -15.96
CA SER A 34 26.87 -14.17 -16.99
C SER A 34 27.15 -12.67 -17.02
N PHE A 35 26.74 -11.93 -16.00
CA PHE A 35 26.98 -10.48 -15.95
C PHE A 35 28.39 -10.13 -15.52
N ASN A 36 29.18 -11.09 -15.07
CA ASN A 36 30.50 -10.83 -14.51
C ASN A 36 31.58 -11.29 -15.48
N TRP A 37 32.57 -10.43 -15.72
CA TRP A 37 33.73 -10.76 -16.52
C TRP A 37 34.97 -10.69 -15.65
N ASP A 38 35.95 -11.53 -15.97
CA ASP A 38 37.14 -11.72 -15.13
C ASP A 38 38.33 -10.98 -15.70
N PHE A 39 39.03 -10.25 -14.84
CA PHE A 39 40.28 -9.58 -15.19
C PHE A 39 41.30 -9.84 -14.09
N LYS A 40 42.49 -9.26 -14.26
CA LYS A 40 43.62 -9.61 -13.40
C LYS A 40 43.37 -9.20 -11.94
N GLU A 41 42.83 -8.00 -11.73
CA GLU A 41 42.72 -7.43 -10.39
C GLU A 41 41.36 -7.67 -9.75
N ASN A 42 40.70 -8.79 -10.08
CA ASN A 42 39.40 -9.12 -9.51
C ASN A 42 39.62 -9.92 -8.24
N ARG A 43 39.75 -9.21 -7.12
CA ARG A 43 40.01 -9.84 -5.83
C ARG A 43 39.34 -9.05 -4.73
N THR A 44 39.19 -9.67 -3.57
CA THR A 44 38.59 -9.01 -2.43
C THR A 44 39.49 -7.91 -1.89
N LYS A 45 38.89 -6.90 -1.29
CA LYS A 45 39.60 -5.74 -0.79
C LYS A 45 39.96 -5.85 0.69
N TYR A 46 39.57 -6.94 1.36
CA TYR A 46 39.80 -7.09 2.79
C TYR A 46 40.53 -8.38 3.08
N ALA A 47 41.20 -8.42 4.23
CA ALA A 47 41.94 -9.61 4.62
C ALA A 47 40.99 -10.76 4.90
N THR A 48 41.37 -11.95 4.45
CA THR A 48 40.55 -13.14 4.63
C THR A 48 41.44 -14.37 4.56
N LYS A 49 40.90 -15.49 5.02
CA LYS A 49 41.61 -16.76 5.00
C LYS A 49 41.01 -17.80 4.08
N TYR A 50 39.76 -17.63 3.66
CA TYR A 50 39.06 -18.58 2.81
C TYR A 50 38.97 -18.06 1.38
N HIS A 51 38.56 -18.95 0.48
CA HIS A 51 38.34 -18.61 -0.92
C HIS A 51 36.95 -19.10 -1.30
N MET A 52 36.08 -18.17 -1.68
CA MET A 52 34.72 -18.53 -2.04
C MET A 52 34.67 -19.21 -3.41
N ALA A 53 33.66 -20.05 -3.60
CA ALA A 53 33.50 -20.78 -4.85
C ALA A 53 33.10 -19.82 -5.97
N ASN A 54 33.57 -20.14 -7.18
CA ASN A 54 33.29 -19.30 -8.34
C ASN A 54 31.81 -19.29 -8.68
N GLN A 55 31.16 -20.45 -8.62
CA GLN A 55 29.75 -20.57 -8.99
C GLN A 55 28.95 -21.05 -7.79
N THR A 56 27.88 -20.32 -7.47
CA THR A 56 27.00 -20.67 -6.37
C THR A 56 25.59 -20.21 -6.71
N LYS A 57 24.62 -21.10 -6.53
CA LYS A 57 23.23 -20.79 -6.84
C LYS A 57 22.61 -19.93 -5.73
N GLU A 58 21.40 -19.45 -6.00
CA GLU A 58 20.68 -18.62 -5.02
C GLU A 58 19.30 -19.26 -4.78
N GLN A 59 18.93 -19.47 -3.53
CA GLN A 59 17.66 -20.14 -3.21
C GLN A 59 16.47 -19.28 -3.59
N PHE A 60 16.52 -17.99 -3.29
CA PHE A 60 15.44 -17.06 -3.60
C PHE A 60 15.80 -16.19 -4.80
N LYS A 61 14.94 -16.22 -5.82
CA LYS A 61 15.20 -15.46 -7.07
C LYS A 61 14.49 -14.11 -7.01
N VAL A 62 15.22 -13.04 -6.72
CA VAL A 62 14.68 -11.69 -6.63
C VAL A 62 15.51 -10.70 -7.43
N ILE A 63 14.82 -9.71 -7.99
CA ILE A 63 15.47 -8.59 -8.67
C ILE A 63 15.02 -7.30 -8.00
N ALA A 64 15.47 -6.16 -8.51
CA ALA A 64 15.18 -4.88 -7.87
C ALA A 64 13.68 -4.62 -7.89
N LYS A 65 13.06 -4.83 -9.05
CA LYS A 65 11.61 -4.53 -9.17
C LYS A 65 10.85 -5.37 -8.14
N GLU A 66 10.98 -6.69 -8.18
CA GLU A 66 10.21 -7.55 -7.28
C GLU A 66 10.44 -7.23 -5.81
N TYR A 67 11.69 -6.97 -5.44
CA TYR A 67 12.00 -6.61 -4.06
C TYR A 67 11.28 -5.32 -3.66
N ALA A 68 11.29 -4.33 -4.54
CA ALA A 68 10.62 -3.07 -4.25
C ALA A 68 9.12 -3.29 -4.07
N ARG A 69 8.52 -4.14 -4.91
CA ARG A 69 7.09 -4.39 -4.80
C ARG A 69 6.74 -5.06 -3.47
N MET A 70 7.51 -6.08 -3.09
CA MET A 70 7.24 -6.75 -1.83
C MET A 70 7.38 -5.80 -0.64
N GLU A 71 8.45 -5.01 -0.63
CA GLU A 71 8.66 -4.08 0.47
C GLU A 71 7.57 -3.02 0.51
N ALA A 72 7.10 -2.57 -0.66
CA ALA A 72 6.02 -1.60 -0.70
C ALA A 72 4.75 -2.17 -0.10
N ALA A 73 4.40 -3.39 -0.51
CA ALA A 73 3.19 -4.05 0.03
C ALA A 73 3.27 -4.03 1.56
N LYS A 74 4.26 -4.72 2.12
CA LYS A 74 4.46 -4.74 3.59
C LYS A 74 4.34 -3.32 4.15
N ASP A 75 5.16 -2.38 3.72
CA ASP A 75 5.09 -1.03 4.35
C ASP A 75 3.68 -0.45 4.37
N GLU A 76 2.86 -0.74 3.37
CA GLU A 76 1.49 -0.15 3.29
C GLU A 76 0.61 -0.59 4.45
N ARG A 77 0.39 -1.90 4.60
CA ARG A 77 -0.48 -2.43 5.66
C ARG A 77 0.06 -2.01 7.03
N GLN A 78 1.35 -2.20 7.26
CA GLN A 78 1.94 -1.90 8.60
C GLN A 78 1.63 -0.44 8.93
N PHE A 79 2.05 0.48 8.08
CA PHE A 79 1.85 1.92 8.38
C PHE A 79 0.36 2.24 8.35
N GLY A 80 -0.42 1.52 7.54
CA GLY A 80 -1.88 1.73 7.58
C GLY A 80 -2.45 1.37 8.95
N THR A 81 -2.22 0.13 9.41
CA THR A 81 -2.79 -0.33 10.70
C THR A 81 -2.25 0.49 11.86
N LEU A 82 -0.96 0.80 11.85
CA LEU A 82 -0.36 1.52 13.00
C LEU A 82 -0.94 2.92 13.07
N LEU A 83 -1.05 3.60 11.92
CA LEU A 83 -1.53 4.97 12.05
C LEU A 83 -3.04 5.11 11.99
N ASP A 84 -3.79 4.06 11.63
CA ASP A 84 -5.25 4.16 11.68
C ASP A 84 -5.85 3.45 12.89
N GLY A 85 -5.65 2.14 12.99
CA GLY A 85 -6.40 1.35 13.94
C GLY A 85 -6.07 1.63 15.39
N LEU A 86 -4.81 1.45 15.76
CA LEU A 86 -4.39 1.69 17.13
C LEU A 86 -4.56 3.16 17.51
N THR A 87 -4.35 4.06 16.56
CA THR A 87 -4.55 5.48 16.86
C THR A 87 -6.00 5.78 17.21
N ARG A 88 -6.94 5.20 16.46
CA ARG A 88 -8.35 5.43 16.78
C ARG A 88 -8.74 4.72 18.07
N LEU A 89 -8.22 3.52 18.30
CA LEU A 89 -8.55 2.76 19.50
C LEU A 89 -7.91 3.32 20.76
N GLY A 90 -6.98 4.26 20.65
CA GLY A 90 -6.30 4.78 21.81
C GLY A 90 -5.43 3.78 22.52
N ALA A 91 -4.65 3.00 21.78
CA ALA A 91 -3.83 1.94 22.36
C ALA A 91 -2.54 2.45 23.01
N GLY A 92 -2.25 3.75 22.89
CA GLY A 92 -1.03 4.28 23.48
C GLY A 92 -1.00 4.18 24.99
N ASN A 93 -2.11 4.53 25.64
CA ASN A 93 -2.21 4.53 27.09
C ASN A 93 -2.90 3.28 27.64
N LYS A 94 -2.71 2.14 26.99
CA LYS A 94 -3.26 0.87 27.46
C LYS A 94 -2.14 -0.15 27.71
N VAL A 95 -0.95 0.34 28.06
CA VAL A 95 0.21 -0.50 28.28
C VAL A 95 0.67 -0.31 29.72
N HIS A 96 1.02 -1.42 30.37
CA HIS A 96 1.58 -1.34 31.71
C HIS A 96 2.90 -0.57 31.67
N PRO A 97 3.16 0.28 32.65
CA PRO A 97 4.38 1.11 32.60
C PRO A 97 5.67 0.32 32.51
N ARG A 98 5.74 -0.84 33.15
CA ARG A 98 6.98 -1.63 33.13
C ARG A 98 7.32 -2.07 31.71
N TRP A 99 6.33 -2.49 30.94
CA TRP A 99 6.60 -2.89 29.56
C TRP A 99 7.05 -1.70 28.71
N GLY A 100 6.49 -0.51 28.95
CA GLY A 100 6.97 0.67 28.26
C GLY A 100 8.43 0.96 28.57
N GLU A 101 8.81 0.85 29.84
CA GLU A 101 10.20 1.05 30.21
C GLU A 101 11.10 0.01 29.54
N THR A 102 10.65 -1.24 29.46
CA THR A 102 11.43 -2.26 28.77
C THR A 102 11.58 -1.95 27.28
N MET A 103 10.49 -1.51 26.64
CA MET A 103 10.55 -1.16 25.22
C MET A 103 11.54 -0.02 24.98
N LYS A 104 11.63 0.91 25.92
CA LYS A 104 12.57 2.02 25.80
C LYS A 104 13.97 1.55 25.48
N VAL A 105 14.40 0.44 26.08
CA VAL A 105 15.73 -0.12 25.84
C VAL A 105 15.73 -1.04 24.63
N ILE A 106 14.71 -1.90 24.52
CA ILE A 106 14.72 -2.94 23.50
C ILE A 106 14.76 -2.33 22.11
N SER A 107 13.90 -1.33 21.86
CA SER A 107 13.79 -0.77 20.51
C SER A 107 15.11 -0.13 20.08
N ASN A 108 15.72 0.65 20.95
CA ASN A 108 16.97 1.34 20.60
C ASN A 108 18.09 0.34 20.36
N PHE A 109 18.22 -0.66 21.22
CA PHE A 109 19.28 -1.64 21.04
C PHE A 109 19.11 -2.40 19.72
N LEU A 110 17.88 -2.81 19.43
CA LEU A 110 17.62 -3.51 18.16
C LEU A 110 17.94 -2.61 16.97
N GLU A 111 17.63 -1.32 17.08
CA GLU A 111 17.93 -0.39 15.99
C GLU A 111 19.42 -0.32 15.67
N VAL A 112 20.25 -0.24 16.71
CA VAL A 112 21.73 -0.14 16.50
C VAL A 112 22.26 -1.46 15.97
N GLY A 113 21.66 -2.58 16.37
CA GLY A 113 22.08 -3.86 15.85
C GLY A 113 21.78 -3.97 14.37
N GLU A 114 20.59 -3.55 13.96
CA GLU A 114 20.23 -3.58 12.54
C GLU A 114 21.14 -2.66 11.75
N TYR A 115 21.43 -1.47 12.29
CA TYR A 115 22.28 -0.53 11.57
C TYR A 115 23.67 -1.11 11.33
N ASN A 116 24.23 -1.80 12.31
CA ASN A 116 25.54 -2.40 12.08
C ASN A 116 25.46 -3.62 11.17
N ALA A 117 24.32 -4.32 11.18
CA ALA A 117 24.12 -5.39 10.21
C ALA A 117 24.17 -4.87 8.79
N ILE A 118 23.78 -3.61 8.58
CA ILE A 118 23.91 -3.02 7.25
C ILE A 118 25.35 -3.09 6.76
N ALA A 119 26.29 -2.63 7.58
CA ALA A 119 27.69 -2.62 7.18
C ALA A 119 28.24 -4.03 7.05
N ALA A 120 27.83 -4.97 7.89
CA ALA A 120 28.43 -6.31 7.75
C ALA A 120 28.06 -6.89 6.39
N SER A 121 26.81 -6.74 5.97
CA SER A 121 26.35 -7.34 4.69
C SER A 121 27.13 -6.75 3.51
N ALA A 122 27.41 -5.44 3.55
CA ALA A 122 28.19 -4.81 2.46
C ALA A 122 29.56 -5.47 2.38
N MET A 123 30.21 -5.65 3.52
CA MET A 123 31.51 -6.35 3.53
C MET A 123 31.27 -7.77 2.99
N LEU A 124 30.12 -8.36 3.32
CA LEU A 124 29.91 -9.68 2.70
C LEU A 124 29.64 -9.54 1.21
N TRP A 125 28.91 -8.51 0.81
CA TRP A 125 28.70 -8.24 -0.61
C TRP A 125 30.03 -8.00 -1.32
N ASP A 126 30.90 -7.22 -0.69
CA ASP A 126 32.22 -6.98 -1.29
C ASP A 126 32.99 -8.28 -1.45
N SER A 127 32.97 -9.13 -0.43
CA SER A 127 33.78 -10.34 -0.45
C SER A 127 33.29 -11.41 -1.43
N ALA A 128 32.09 -11.27 -1.99
CA ALA A 128 31.54 -12.32 -2.83
C ALA A 128 32.23 -12.35 -4.19
N THR A 129 31.95 -13.41 -4.95
CA THR A 129 32.52 -13.59 -6.28
C THR A 129 31.50 -13.94 -7.36
N ALA A 130 30.28 -14.31 -7.00
CA ALA A 130 29.24 -14.64 -7.97
C ALA A 130 28.18 -13.55 -7.99
N ALA A 131 27.55 -13.36 -9.15
CA ALA A 131 26.58 -12.28 -9.31
C ALA A 131 25.36 -12.51 -8.42
N GLU A 132 24.89 -13.74 -8.32
CA GLU A 132 23.72 -14.03 -7.50
C GLU A 132 23.98 -13.73 -6.03
N GLN A 133 25.18 -14.06 -5.54
CA GLN A 133 25.54 -13.75 -4.17
C GLN A 133 25.52 -12.24 -3.93
N LYS A 134 26.06 -11.47 -4.89
CA LYS A 134 26.06 -10.02 -4.75
C LYS A 134 24.64 -9.47 -4.73
N ASN A 135 23.79 -10.07 -5.55
CA ASN A 135 22.36 -9.66 -5.57
C ASN A 135 21.78 -9.96 -4.20
N GLY A 136 21.98 -11.17 -3.70
CA GLY A 136 21.38 -11.53 -2.40
C GLY A 136 21.93 -10.67 -1.28
N TYR A 137 23.23 -10.40 -1.27
CA TYR A 137 23.83 -9.50 -0.26
C TYR A 137 23.26 -8.10 -0.42
N LEU A 138 23.10 -7.65 -1.66
CA LEU A 138 22.57 -6.29 -1.92
C LEU A 138 21.15 -6.20 -1.35
N ALA A 139 20.35 -7.24 -1.54
CA ALA A 139 18.99 -7.26 -0.98
C ALA A 139 19.08 -7.07 0.54
N GLN A 140 19.94 -7.84 1.20
CA GLN A 140 20.06 -7.76 2.68
C GLN A 140 20.42 -6.33 3.06
N VAL A 141 21.38 -5.73 2.39
CA VAL A 141 21.79 -4.32 2.70
C VAL A 141 20.54 -3.45 2.70
N LEU A 142 19.66 -3.62 1.71
CA LEU A 142 18.46 -2.74 1.60
C LEU A 142 17.49 -3.07 2.74
N ASP A 143 17.37 -4.34 3.10
CA ASP A 143 16.40 -4.74 4.16
C ASP A 143 16.87 -4.17 5.49
N GLU A 144 18.10 -4.44 5.89
CA GLU A 144 18.60 -4.00 7.21
C GLU A 144 18.38 -2.49 7.36
N ILE A 145 18.47 -1.73 6.27
CA ILE A 145 18.13 -0.31 6.33
C ILE A 145 16.66 -0.14 6.70
N ARG A 146 15.79 -0.93 6.07
CA ARG A 146 14.37 -0.87 6.40
C ARG A 146 14.12 -1.20 7.86
N HIS A 147 14.81 -2.21 8.39
CA HIS A 147 14.62 -2.62 9.78
C HIS A 147 15.03 -1.50 10.74
N THR A 148 16.15 -0.84 10.45
CA THR A 148 16.58 0.28 11.28
C THR A 148 15.52 1.37 11.30
N HIS A 149 14.99 1.72 10.12
CA HIS A 149 13.96 2.75 10.07
C HIS A 149 12.70 2.34 10.82
N GLN A 150 12.35 1.05 10.76
CA GLN A 150 11.16 0.58 11.47
C GLN A 150 11.33 0.67 12.99
N CYS A 151 12.50 0.31 13.50
CA CYS A 151 12.72 0.46 14.95
C CYS A 151 12.67 1.93 15.36
N ALA A 152 13.26 2.81 14.55
CA ALA A 152 13.16 4.23 14.82
C ALA A 152 11.70 4.68 14.84
N PHE A 153 10.89 4.13 13.94
CA PHE A 153 9.47 4.49 13.90
C PHE A 153 8.73 4.01 15.14
N ILE A 154 9.10 2.83 15.66
CA ILE A 154 8.48 2.37 16.91
C ILE A 154 8.78 3.36 18.03
N ASN A 155 10.04 3.78 18.14
CA ASN A 155 10.39 4.76 19.17
C ASN A 155 9.64 6.07 18.97
N HIS A 156 9.51 6.52 17.72
CA HIS A 156 8.79 7.74 17.43
C HIS A 156 7.33 7.65 17.85
N TYR A 157 6.67 6.53 17.53
CA TYR A 157 5.27 6.38 17.89
C TYR A 157 5.09 6.34 19.40
N TYR A 158 5.98 5.64 20.11
CA TYR A 158 5.88 5.65 21.57
C TYR A 158 6.07 7.05 22.13
N SER A 159 7.03 7.81 21.57
CA SER A 159 7.22 9.18 22.02
C SER A 159 5.99 10.04 21.76
N LYS A 160 5.22 9.71 20.73
CA LYS A 160 4.08 10.55 20.37
C LYS A 160 2.92 10.39 21.33
N HIS A 161 2.60 9.15 21.74
CA HIS A 161 1.34 8.88 22.43
C HIS A 161 1.49 8.36 23.86
N TYR A 162 2.67 7.91 24.27
CA TYR A 162 2.84 7.39 25.62
C TYR A 162 2.72 8.52 26.65
N HIS A 163 2.48 8.14 27.89
CA HIS A 163 2.35 9.10 28.97
C HIS A 163 3.67 9.46 29.63
N ASP A 164 4.77 8.84 29.21
CA ASP A 164 6.12 9.18 29.71
C ASP A 164 7.03 9.37 28.50
N PRO A 165 6.99 10.55 27.87
CA PRO A 165 7.85 10.77 26.69
C PRO A 165 9.33 10.66 26.97
N ALA A 166 9.78 11.05 28.17
CA ALA A 166 11.21 11.11 28.45
C ALA A 166 11.83 9.72 28.36
N GLY A 167 13.01 9.67 27.73
CA GLY A 167 13.68 8.42 27.46
C GLY A 167 13.30 7.78 26.15
N HIS A 168 12.18 8.19 25.55
CA HIS A 168 11.77 7.72 24.24
C HIS A 168 12.18 8.65 23.11
N ASN A 169 12.40 9.93 23.41
CA ASN A 169 12.68 10.92 22.37
C ASN A 169 14.15 11.28 22.26
N ASP A 170 14.97 10.97 23.26
CA ASP A 170 16.40 11.30 23.20
C ASP A 170 17.23 10.12 23.67
N ALA A 171 16.88 8.91 23.22
CA ALA A 171 17.61 7.72 23.62
C ALA A 171 18.99 7.68 22.99
N ARG A 172 19.15 8.22 21.79
CA ARG A 172 20.42 8.16 21.09
C ARG A 172 21.50 9.03 21.72
N ARG A 173 21.14 9.90 22.66
CA ARG A 173 22.10 10.78 23.33
C ARG A 173 22.40 10.35 24.76
N THR A 174 21.42 9.82 25.48
CA THR A 174 21.58 9.47 26.89
C THR A 174 21.88 8.00 27.12
N ARG A 175 22.06 7.22 26.05
CA ARG A 175 22.33 5.80 26.21
C ARG A 175 23.79 5.49 26.49
N ALA A 176 24.68 6.47 26.39
CA ALA A 176 26.10 6.23 26.59
C ALA A 176 26.50 6.17 28.05
N ILE A 177 25.66 6.66 28.96
CA ILE A 177 26.02 6.66 30.38
C ILE A 177 26.00 5.26 30.95
N GLY A 178 25.03 4.45 30.55
CA GLY A 178 24.80 3.15 31.16
C GLY A 178 25.91 2.15 30.91
N PRO A 179 25.99 1.12 31.75
CA PRO A 179 27.04 0.11 31.61
C PRO A 179 26.74 -0.94 30.57
N LEU A 180 25.46 -1.25 30.35
CA LEU A 180 25.08 -2.27 29.38
C LEU A 180 25.39 -1.86 27.94
N TRP A 181 25.46 -0.56 27.69
CA TRP A 181 25.78 -0.08 26.33
C TRP A 181 27.07 -0.74 25.83
N LYS A 182 28.13 -0.74 26.64
CA LYS A 182 29.43 -1.22 26.17
C LYS A 182 29.33 -2.66 25.67
N GLY A 183 28.60 -3.47 26.42
CA GLY A 183 28.43 -4.90 26.04
C GLY A 183 27.68 -5.03 24.74
N MET A 184 26.63 -4.24 24.56
CA MET A 184 25.81 -4.32 23.32
C MET A 184 26.69 -3.95 22.13
N LYS A 185 27.54 -2.94 22.30
CA LYS A 185 28.40 -2.48 21.18
C LYS A 185 29.39 -3.59 20.80
N ARG A 186 29.80 -4.41 21.76
CA ARG A 186 30.79 -5.49 21.48
C ARG A 186 30.11 -6.58 20.65
N VAL A 187 28.86 -6.93 20.98
CA VAL A 187 28.18 -8.08 20.30
C VAL A 187 27.49 -7.65 19.01
N PHE A 188 27.33 -6.35 18.77
CA PHE A 188 26.57 -5.89 17.57
C PHE A 188 27.31 -4.78 16.83
N ALA A 189 27.93 -3.83 17.55
CA ALA A 189 28.55 -2.68 16.91
C ALA A 189 29.91 -3.10 16.37
N ASP A 190 30.61 -3.99 17.07
CA ASP A 190 31.93 -4.43 16.66
C ASP A 190 32.02 -5.91 16.34
N GLY A 191 31.02 -6.71 16.71
CA GLY A 191 31.15 -8.16 16.47
C GLY A 191 30.85 -8.53 15.04
N PHE A 192 30.27 -7.61 14.27
CA PHE A 192 29.85 -7.96 12.88
C PHE A 192 30.74 -7.28 11.83
N ILE A 193 31.48 -6.23 12.19
CA ILE A 193 32.28 -5.53 11.20
C ILE A 193 33.77 -5.57 11.49
N SER A 194 34.22 -6.56 12.24
CA SER A 194 35.63 -6.72 12.56
C SER A 194 36.05 -8.16 12.34
N GLY A 195 37.30 -8.34 11.94
CA GLY A 195 37.83 -9.65 11.67
C GLY A 195 37.66 -10.05 10.22
N ASP A 196 37.71 -11.36 9.97
CA ASP A 196 37.61 -11.90 8.59
C ASP A 196 36.23 -11.61 8.03
N ALA A 197 36.10 -11.60 6.70
CA ALA A 197 34.78 -11.40 6.07
C ALA A 197 33.86 -12.57 6.46
N VAL A 198 34.41 -13.79 6.47
CA VAL A 198 33.61 -14.99 6.85
C VAL A 198 33.32 -14.92 8.35
N GLU A 199 34.32 -14.68 9.19
CA GLU A 199 34.05 -14.51 10.61
C GLU A 199 32.79 -13.69 10.83
N CYS A 200 32.66 -12.57 10.13
CA CYS A 200 31.48 -11.74 10.25
C CYS A 200 30.24 -12.44 9.73
N SER A 201 30.39 -13.24 8.67
CA SER A 201 29.23 -14.03 8.16
C SER A 201 28.69 -14.94 9.27
N VAL A 202 29.51 -15.87 9.76
CA VAL A 202 29.08 -16.82 10.82
C VAL A 202 28.56 -16.04 12.01
N ASN A 203 29.18 -14.92 12.35
CA ASN A 203 28.78 -14.17 13.57
C ASN A 203 27.44 -13.47 13.35
N LEU A 204 27.07 -13.17 12.09
CA LEU A 204 25.82 -12.38 11.86
C LEU A 204 24.69 -13.28 11.35
N GLN A 205 24.97 -14.22 10.46
CA GLN A 205 23.86 -15.03 9.89
C GLN A 205 23.72 -16.37 10.62
N LEU A 206 24.73 -17.24 10.53
CA LEU A 206 24.59 -18.61 11.10
C LEU A 206 24.29 -18.56 12.60
N VAL A 207 24.71 -17.53 13.33
CA VAL A 207 24.49 -17.55 14.81
C VAL A 207 23.61 -16.37 15.19
N GLY A 208 24.09 -15.14 15.00
CA GLY A 208 23.34 -13.95 15.43
C GLY A 208 21.92 -13.89 14.92
N GLU A 209 21.67 -14.27 13.67
CA GLU A 209 20.31 -14.11 13.09
C GLU A 209 19.50 -15.41 13.18
N ALA A 210 20.13 -16.57 13.01
CA ALA A 210 19.36 -17.84 12.97
C ALA A 210 19.22 -18.47 14.36
N CYS A 211 19.92 -17.94 15.37
CA CYS A 211 19.89 -18.60 16.70
C CYS A 211 19.34 -17.63 17.75
N PHE A 212 19.57 -16.32 17.63
CA PHE A 212 19.17 -15.42 18.73
C PHE A 212 18.00 -14.49 18.39
N THR A 213 17.92 -13.93 17.19
CA THR A 213 16.85 -12.95 16.88
C THR A 213 15.51 -13.66 16.80
N ASN A 214 15.49 -14.89 16.28
CA ASN A 214 14.24 -15.68 16.25
C ASN A 214 13.61 -15.60 17.63
N PRO A 215 14.20 -16.19 18.70
CA PRO A 215 13.53 -16.13 20.01
C PRO A 215 13.29 -14.73 20.48
N LEU A 216 14.21 -13.81 20.19
CA LEU A 216 14.04 -12.42 20.65
C LEU A 216 12.75 -11.84 20.09
N ILE A 217 12.59 -11.92 18.77
CA ILE A 217 11.39 -11.29 18.12
C ILE A 217 10.11 -12.03 18.53
N VAL A 218 10.11 -13.37 18.58
CA VAL A 218 8.87 -14.07 18.89
C VAL A 218 8.49 -13.87 20.36
N ALA A 219 9.47 -13.90 21.26
CA ALA A 219 9.18 -13.72 22.68
C ALA A 219 8.78 -12.29 22.98
N VAL A 220 9.39 -11.30 22.30
CA VAL A 220 8.98 -9.92 22.51
C VAL A 220 7.53 -9.74 22.07
N THR A 221 7.15 -10.37 20.96
CA THR A 221 5.77 -10.22 20.44
C THR A 221 4.79 -10.93 21.38
N GLU A 222 5.20 -12.06 21.97
CA GLU A 222 4.33 -12.78 22.90
C GLU A 222 4.14 -12.00 24.21
N TRP A 223 5.24 -11.56 24.81
CA TRP A 223 5.17 -10.85 26.09
C TRP A 223 4.49 -9.50 25.93
N ALA A 224 4.73 -8.80 24.81
CA ALA A 224 4.08 -7.52 24.58
C ALA A 224 2.57 -7.69 24.44
N SER A 225 2.14 -8.73 23.74
CA SER A 225 0.71 -9.02 23.66
C SER A 225 0.14 -9.34 25.03
N ALA A 226 0.88 -10.11 25.83
CA ALA A 226 0.40 -10.46 27.17
C ALA A 226 0.29 -9.25 28.09
N ASN A 227 1.01 -8.17 27.80
CA ASN A 227 1.03 -7.01 28.68
C ASN A 227 0.21 -5.84 28.15
N GLY A 228 -0.57 -6.04 27.10
CA GLY A 228 -1.42 -5.00 26.57
C GLY A 228 -0.81 -4.12 25.51
N ASP A 229 0.30 -4.54 24.91
CA ASP A 229 0.97 -3.73 23.85
C ASP A 229 0.50 -4.21 22.47
N GLU A 230 0.47 -3.32 21.47
CA GLU A 230 -0.06 -3.71 20.14
C GLU A 230 0.80 -3.13 19.00
N ILE A 231 1.72 -2.21 19.28
CA ILE A 231 2.60 -1.69 18.24
C ILE A 231 3.72 -2.68 17.95
N THR A 232 4.36 -3.18 19.00
CA THR A 232 5.48 -4.11 18.84
C THR A 232 5.06 -5.40 18.13
N PRO A 233 3.92 -6.05 18.48
CA PRO A 233 3.48 -7.20 17.70
C PRO A 233 3.34 -6.83 16.23
N THR A 234 2.83 -5.63 15.94
CA THR A 234 2.56 -5.22 14.56
C THR A 234 3.86 -5.07 13.78
N VAL A 235 4.84 -4.36 14.35
CA VAL A 235 6.08 -4.02 13.59
C VAL A 235 7.12 -5.14 13.69
N PHE A 236 7.30 -5.73 14.86
CA PHE A 236 8.37 -6.75 15.04
C PHE A 236 8.17 -7.95 14.12
N LEU A 237 6.92 -8.39 13.98
CA LEU A 237 6.61 -9.58 13.16
C LEU A 237 6.94 -9.27 11.70
N SER A 238 6.80 -8.01 11.28
CA SER A 238 7.21 -7.64 9.90
C SER A 238 8.72 -7.84 9.77
N VAL A 239 9.50 -7.17 10.63
CA VAL A 239 10.98 -7.37 10.61
C VAL A 239 11.40 -8.84 10.48
N GLU A 240 10.65 -9.74 11.10
CA GLU A 240 11.06 -11.16 11.11
C GLU A 240 10.92 -11.79 9.72
N THR A 241 9.98 -11.31 8.90
CA THR A 241 9.74 -11.90 7.56
C THR A 241 11.01 -11.84 6.71
N ASP A 242 11.64 -10.66 6.64
CA ASP A 242 12.86 -10.45 5.82
C ASP A 242 13.93 -11.43 6.30
N GLU A 243 13.99 -11.70 7.60
CA GLU A 243 15.08 -12.54 8.16
C GLU A 243 15.04 -13.92 7.49
N LEU A 244 13.85 -14.40 7.12
CA LEU A 244 13.77 -15.76 6.53
C LEU A 244 14.82 -15.89 5.43
N ARG A 245 14.80 -14.97 4.46
CA ARG A 245 15.81 -14.97 3.37
C ARG A 245 17.23 -14.84 3.91
N HIS A 246 17.50 -13.85 4.76
CA HIS A 246 18.80 -13.69 5.40
C HIS A 246 19.46 -15.01 5.81
N MET A 247 18.69 -15.90 6.43
CA MET A 247 19.26 -17.22 6.83
C MET A 247 19.62 -18.01 5.56
N ALA A 248 18.82 -17.90 4.50
CA ALA A 248 19.17 -18.58 3.26
C ALA A 248 20.52 -18.10 2.73
N ASN A 249 20.76 -16.79 2.77
CA ASN A 249 22.05 -16.26 2.35
C ASN A 249 23.18 -16.79 3.23
N GLY A 250 22.95 -16.86 4.54
CA GLY A 250 23.97 -17.39 5.44
C GLY A 250 24.31 -18.84 5.12
N TYR A 251 23.30 -19.68 4.91
CA TYR A 251 23.57 -21.10 4.54
C TYR A 251 24.35 -21.11 3.23
N GLN A 252 23.92 -20.32 2.24
CA GLN A 252 24.58 -20.35 0.94
C GLN A 252 26.07 -20.06 1.04
N THR A 253 26.47 -19.01 1.76
CA THR A 253 27.92 -18.76 1.91
C THR A 253 28.57 -19.91 2.67
N VAL A 254 27.94 -20.51 3.67
CA VAL A 254 28.66 -21.60 4.40
C VAL A 254 29.14 -22.68 3.43
N VAL A 255 28.25 -23.16 2.55
CA VAL A 255 28.63 -24.26 1.60
C VAL A 255 29.69 -23.75 0.63
N SER A 256 29.62 -22.49 0.19
CA SER A 256 30.57 -21.98 -0.82
C SER A 256 32.01 -22.12 -0.31
N ILE A 257 32.27 -21.71 0.93
CA ILE A 257 33.66 -21.75 1.47
C ILE A 257 34.01 -23.18 1.86
N ALA A 258 33.00 -24.02 2.04
CA ALA A 258 33.25 -25.45 2.38
C ALA A 258 33.93 -26.27 1.29
N ASN A 259 34.57 -27.38 1.65
CA ASN A 259 35.28 -28.24 0.67
C ASN A 259 36.60 -27.57 0.28
N ASP A 260 36.98 -26.47 0.94
CA ASP A 260 38.32 -25.87 0.68
C ASP A 260 39.23 -26.33 1.83
N PRO A 261 40.55 -26.51 1.64
CA PRO A 261 41.42 -27.05 2.69
C PRO A 261 41.46 -26.14 3.92
N ALA A 262 41.29 -24.83 3.73
CA ALA A 262 41.37 -23.89 4.88
C ALA A 262 40.19 -24.09 5.81
N ALA A 263 38.98 -24.12 5.26
CA ALA A 263 37.76 -24.22 6.09
C ALA A 263 37.93 -25.27 7.19
N ALA A 264 38.43 -26.45 6.85
CA ALA A 264 38.50 -27.54 7.81
C ALA A 264 39.43 -27.25 8.99
N LYS A 265 40.26 -26.20 8.90
CA LYS A 265 41.18 -25.88 9.98
C LYS A 265 40.73 -24.69 10.83
N TYR A 266 39.78 -23.90 10.36
CA TYR A 266 39.38 -22.69 11.06
C TYR A 266 37.89 -22.58 11.36
N LEU A 267 37.03 -23.33 10.67
CA LEU A 267 35.59 -23.11 10.79
C LEU A 267 35.09 -23.43 12.19
N ASN A 268 35.58 -24.51 12.79
CA ASN A 268 35.11 -24.89 14.12
C ASN A 268 35.49 -23.83 15.16
N THR A 269 36.73 -23.35 15.11
CA THR A 269 37.15 -22.30 16.03
C THR A 269 36.33 -21.04 15.83
N ASP A 270 36.08 -20.67 14.57
CA ASP A 270 35.30 -19.47 14.29
C ASP A 270 33.89 -19.60 14.87
N LEU A 271 33.26 -20.76 14.65
CA LEU A 271 31.90 -20.98 15.14
C LEU A 271 31.85 -20.95 16.66
N ASN A 272 32.81 -21.60 17.32
CA ASN A 272 32.81 -21.61 18.77
C ASN A 272 32.98 -20.20 19.33
N ASN A 273 33.92 -19.43 18.78
CA ASN A 273 34.13 -18.07 19.27
C ASN A 273 32.89 -17.21 19.06
N ALA A 274 32.27 -17.31 17.89
CA ALA A 274 31.08 -16.51 17.63
C ALA A 274 29.94 -16.88 18.58
N PHE A 275 29.72 -18.18 18.79
CA PHE A 275 28.64 -18.61 19.67
C PHE A 275 28.87 -18.12 21.09
N TRP A 276 30.09 -18.26 21.60
CA TRP A 276 30.37 -17.85 23.00
C TRP A 276 30.23 -16.33 23.12
N THR A 277 30.85 -15.58 22.21
CA THR A 277 30.77 -14.11 22.25
C THR A 277 29.32 -13.66 22.32
N GLN A 278 28.49 -14.15 21.40
CA GLN A 278 27.08 -13.71 21.34
C GLN A 278 26.36 -14.15 22.62
N GLN A 279 26.39 -15.45 22.94
CA GLN A 279 25.61 -15.90 24.11
C GLN A 279 25.97 -15.18 25.40
N LYS A 280 27.24 -14.85 25.63
CA LYS A 280 27.68 -14.26 26.92
C LYS A 280 26.89 -12.99 27.27
N TYR A 281 26.32 -12.32 26.28
CA TYR A 281 25.57 -11.06 26.54
C TYR A 281 24.04 -11.22 26.48
N PHE A 282 23.51 -11.84 25.42
CA PHE A 282 22.04 -11.95 25.27
C PHE A 282 21.44 -12.80 26.38
N THR A 283 22.10 -13.90 26.75
CA THR A 283 21.57 -14.79 27.80
C THR A 283 21.29 -13.98 29.07
N PRO A 284 22.26 -13.27 29.69
CA PRO A 284 21.95 -12.46 30.86
C PRO A 284 20.97 -11.31 30.57
N ALA A 285 21.12 -10.59 29.46
CA ALA A 285 20.30 -9.39 29.21
C ALA A 285 18.83 -9.76 28.93
N LEU A 286 18.58 -10.58 27.92
CA LEU A 286 17.20 -10.85 27.54
C LEU A 286 16.39 -11.41 28.71
N GLY A 287 16.99 -12.33 29.46
CA GLY A 287 16.31 -12.88 30.62
C GLY A 287 15.96 -11.81 31.64
N TYR A 288 16.89 -10.90 31.91
CA TYR A 288 16.61 -9.82 32.85
C TYR A 288 15.49 -8.93 32.33
N LEU A 289 15.59 -8.49 31.07
CA LEU A 289 14.59 -7.59 30.52
C LEU A 289 13.21 -8.23 30.46
N PHE A 290 13.14 -9.55 30.30
CA PHE A 290 11.85 -10.21 30.22
C PHE A 290 11.27 -10.46 31.61
N GLU A 291 12.02 -11.12 32.48
CA GLU A 291 11.46 -11.53 33.76
C GLU A 291 11.30 -10.36 34.72
N TYR A 292 12.28 -9.45 34.76
CA TYR A 292 12.24 -8.36 35.73
C TYR A 292 11.58 -7.11 35.18
N GLY A 293 11.08 -7.13 33.94
CA GLY A 293 10.50 -5.94 33.36
C GLY A 293 9.11 -6.14 32.79
N SER A 294 8.31 -6.98 33.45
CA SER A 294 6.94 -7.22 33.01
C SER A 294 6.08 -7.52 34.22
N LYS A 295 4.79 -7.25 34.09
CA LYS A 295 3.82 -7.51 35.16
C LYS A 295 3.24 -8.92 35.05
N PHE A 296 2.79 -9.30 33.87
CA PHE A 296 2.26 -10.64 33.63
C PHE A 296 3.31 -11.45 32.88
N LYS A 297 3.66 -12.61 33.44
CA LYS A 297 4.76 -13.42 32.94
C LYS A 297 4.22 -14.65 32.22
N VAL A 298 4.78 -14.93 31.05
CA VAL A 298 4.31 -16.05 30.24
C VAL A 298 4.93 -17.36 30.70
N GLU A 299 6.25 -17.45 30.64
CA GLU A 299 6.96 -18.67 31.01
C GLU A 299 8.37 -18.29 31.44
N PRO A 300 9.03 -19.13 32.24
CA PRO A 300 10.39 -18.81 32.68
C PRO A 300 11.35 -18.73 31.49
N TRP A 301 12.36 -17.87 31.64
CA TRP A 301 13.29 -17.62 30.54
C TRP A 301 14.12 -18.85 30.20
N VAL A 302 14.46 -19.68 31.19
CA VAL A 302 15.30 -20.84 30.91
C VAL A 302 14.56 -21.83 30.01
N LYS A 303 13.25 -21.96 30.19
CA LYS A 303 12.48 -22.85 29.32
C LYS A 303 12.49 -22.34 27.88
N THR A 304 12.33 -21.03 27.68
CA THR A 304 12.41 -20.47 26.33
C THR A 304 13.79 -20.67 25.73
N TRP A 305 14.84 -20.48 26.52
CA TRP A 305 16.19 -20.69 26.04
C TRP A 305 16.40 -22.13 25.60
N ASN A 306 15.90 -23.09 26.40
CA ASN A 306 16.02 -24.50 26.02
C ASN A 306 15.21 -24.80 24.76
N ARG A 307 14.02 -24.21 24.65
CA ARG A 307 13.17 -24.48 23.49
C ARG A 307 13.77 -23.94 22.20
N TRP A 308 14.31 -22.74 22.23
CA TRP A 308 14.67 -22.06 20.99
C TRP A 308 16.14 -22.17 20.62
N VAL A 309 17.03 -22.38 21.58
CA VAL A 309 18.47 -22.39 21.33
C VAL A 309 19.04 -23.80 21.35
N TYR A 310 18.82 -24.53 22.45
CA TYR A 310 19.46 -25.83 22.60
C TYR A 310 18.82 -26.90 21.72
N GLU A 311 17.50 -26.85 21.56
CA GLU A 311 16.78 -27.92 20.86
C GLU A 311 16.44 -27.57 19.42
N ASP A 312 16.25 -26.30 19.10
CA ASP A 312 15.84 -25.93 17.72
C ASP A 312 17.09 -25.66 16.88
N TRP A 313 17.87 -24.65 17.25
CA TRP A 313 19.10 -24.30 16.49
C TRP A 313 20.08 -25.47 16.51
N GLY A 314 20.35 -26.03 17.70
CA GLY A 314 21.33 -27.13 17.80
C GLY A 314 20.87 -28.38 17.11
N GLY A 315 19.58 -28.72 17.22
CA GLY A 315 19.08 -29.97 16.65
C GLY A 315 18.85 -29.94 15.16
N ILE A 316 18.70 -28.74 14.58
CA ILE A 316 18.36 -28.65 13.12
C ILE A 316 19.51 -28.03 12.34
N TRP A 317 20.17 -27.02 12.89
CA TRP A 317 21.23 -26.35 12.15
C TRP A 317 22.60 -26.98 12.42
N ILE A 318 23.04 -26.97 13.67
CA ILE A 318 24.35 -27.51 13.99
C ILE A 318 24.35 -29.03 13.89
N GLY A 319 23.28 -29.66 14.38
CA GLY A 319 23.23 -31.14 14.36
C GLY A 319 23.32 -31.69 12.95
N ARG A 320 22.47 -31.20 12.05
CA ARG A 320 22.43 -31.75 10.67
C ARG A 320 23.65 -31.27 9.86
N LEU A 321 24.53 -30.45 10.41
CA LEU A 321 25.69 -30.02 9.59
C LEU A 321 26.87 -30.96 9.87
N GLY A 322 26.58 -32.14 10.41
CA GLY A 322 27.60 -33.16 10.72
C GLY A 322 28.25 -33.43 9.37
N LYS A 323 27.51 -33.30 8.26
CA LYS A 323 28.13 -33.62 6.94
C LYS A 323 29.52 -32.94 6.82
N TYR A 324 29.53 -31.60 6.77
CA TYR A 324 30.84 -30.90 6.77
C TYR A 324 31.44 -31.02 8.18
N GLY A 325 32.61 -30.43 8.40
CA GLY A 325 33.27 -30.54 9.72
C GLY A 325 32.75 -29.53 10.71
N VAL A 326 31.51 -29.72 11.18
CA VAL A 326 30.95 -28.80 12.21
C VAL A 326 30.54 -29.68 13.40
N GLU A 327 30.98 -29.32 14.60
CA GLU A 327 30.68 -30.15 15.80
C GLU A 327 29.99 -29.26 16.83
N SER A 328 29.29 -29.85 17.81
CA SER A 328 28.69 -28.95 18.78
C SER A 328 29.78 -28.12 19.45
N PRO A 329 29.51 -26.84 19.75
CA PRO A 329 30.54 -26.01 20.39
C PRO A 329 30.96 -26.58 21.73
N ARG A 330 32.25 -26.45 22.03
CA ARG A 330 32.81 -26.99 23.27
C ARG A 330 32.34 -26.22 24.50
N SER A 331 31.76 -25.04 24.34
CA SER A 331 31.35 -24.20 25.45
C SER A 331 29.84 -24.30 25.71
N LEU A 332 29.21 -25.40 25.31
CA LEU A 332 27.77 -25.53 25.52
C LEU A 332 27.44 -25.76 27.00
N ARG A 333 28.30 -26.48 27.72
CA ARG A 333 28.03 -26.75 29.13
C ARG A 333 28.04 -25.46 29.95
N ASP A 334 29.01 -24.58 29.70
CA ASP A 334 29.06 -23.31 30.41
C ASP A 334 27.85 -22.44 30.07
N ALA A 335 27.43 -22.44 28.81
CA ALA A 335 26.25 -21.69 28.42
C ALA A 335 25.00 -22.22 29.12
N LYS A 336 24.86 -23.54 29.21
CA LYS A 336 23.72 -24.12 29.91
C LYS A 336 23.74 -23.76 31.39
N THR A 337 24.93 -23.80 32.01
CA THR A 337 25.02 -23.42 33.42
C THR A 337 24.66 -21.95 33.62
N ASP A 338 25.05 -21.09 32.69
CA ASP A 338 24.81 -19.64 32.87
C ASP A 338 23.38 -19.26 32.50
N ALA A 339 22.68 -20.12 31.77
CA ALA A 339 21.29 -19.84 31.37
C ALA A 339 20.42 -19.72 32.62
N TYR A 340 20.66 -20.55 33.62
CA TYR A 340 19.78 -20.61 34.83
C TYR A 340 19.99 -19.46 35.84
N TRP A 341 21.17 -18.85 35.95
CA TRP A 341 21.33 -17.88 37.07
C TRP A 341 21.86 -16.53 36.58
N ALA A 342 22.39 -16.46 35.35
CA ALA A 342 23.01 -15.19 34.91
C ALA A 342 21.99 -14.06 34.88
N HIS A 343 20.77 -14.31 34.41
CA HIS A 343 19.81 -13.19 34.28
C HIS A 343 19.66 -12.53 35.64
N HIS A 344 19.58 -13.33 36.70
CA HIS A 344 19.44 -12.83 38.06
C HIS A 344 20.69 -12.09 38.51
N ASP A 345 21.87 -12.66 38.21
CA ASP A 345 23.12 -12.01 38.60
C ASP A 345 23.25 -10.63 37.96
N LEU A 346 22.87 -10.51 36.69
CA LEU A 346 22.93 -9.23 36.01
C LEU A 346 21.87 -8.26 36.53
N ALA A 347 20.69 -8.79 36.88
CA ALA A 347 19.62 -7.94 37.37
C ALA A 347 20.00 -7.29 38.69
N LEU A 348 20.72 -8.02 39.54
CA LEU A 348 21.18 -7.44 40.79
C LEU A 348 22.05 -6.20 40.53
N ALA A 349 23.02 -6.32 39.63
CA ALA A 349 23.89 -5.18 39.32
C ALA A 349 23.12 -4.06 38.65
N ALA A 350 22.17 -4.40 37.78
CA ALA A 350 21.37 -3.38 37.11
C ALA A 350 20.55 -2.57 38.11
N TYR A 351 19.97 -3.25 39.11
CA TYR A 351 19.25 -2.54 40.16
C TYR A 351 20.20 -1.73 41.03
N ALA A 352 21.42 -2.21 41.24
CA ALA A 352 22.36 -1.50 42.10
C ALA A 352 22.78 -0.15 41.52
N LEU A 353 22.64 0.05 40.21
CA LEU A 353 23.10 1.26 39.54
C LEU A 353 21.97 1.88 38.73
N TRP A 354 20.80 2.03 39.35
CA TRP A 354 19.66 2.61 38.64
C TRP A 354 19.89 4.03 38.13
N PRO A 355 20.54 4.95 38.85
CA PRO A 355 20.62 6.33 38.33
C PRO A 355 21.42 6.46 37.05
N LEU A 356 22.24 5.47 36.69
CA LEU A 356 23.07 5.56 35.50
C LEU A 356 22.33 5.13 34.24
N GLY A 357 21.12 4.61 34.34
CA GLY A 357 20.35 4.19 33.20
C GLY A 357 19.50 5.30 32.63
N PHE A 358 18.58 4.92 31.75
CA PHE A 358 17.64 5.89 31.17
C PHE A 358 16.23 5.32 31.12
N ALA A 359 15.90 4.41 32.04
CA ALA A 359 14.56 3.85 32.14
C ALA A 359 14.22 3.66 33.60
N ARG A 360 12.92 3.65 33.89
CA ARG A 360 12.45 3.47 35.26
C ARG A 360 12.37 1.99 35.61
N LEU A 361 12.66 1.68 36.88
CA LEU A 361 12.73 0.30 37.34
C LEU A 361 11.81 0.11 38.54
N ALA A 362 11.41 -1.14 38.76
CA ALA A 362 10.55 -1.50 39.88
C ALA A 362 11.06 -2.79 40.51
N LEU A 363 11.12 -2.81 41.84
CA LEU A 363 11.54 -4.01 42.54
C LEU A 363 10.43 -5.06 42.52
N PRO A 364 10.78 -6.33 42.57
CA PRO A 364 9.76 -7.38 42.59
C PRO A 364 8.88 -7.29 43.84
N ASP A 365 7.61 -7.60 43.68
CA ASP A 365 6.64 -7.61 44.76
C ASP A 365 6.38 -9.04 45.21
N GLU A 366 5.37 -9.23 46.06
CA GLU A 366 5.11 -10.54 46.66
C GLU A 366 4.76 -11.58 45.61
N GLU A 367 3.91 -11.21 44.64
CA GLU A 367 3.53 -12.17 43.61
C GLU A 367 4.73 -12.56 42.74
N ASP A 368 5.55 -11.58 42.36
CA ASP A 368 6.74 -11.88 41.59
C ASP A 368 7.71 -12.74 42.39
N GLN A 369 7.85 -12.45 43.69
CA GLN A 369 8.73 -13.27 44.53
C GLN A 369 8.25 -14.71 44.60
N GLU A 370 6.94 -14.90 44.76
CA GLU A 370 6.39 -16.26 44.78
C GLU A 370 6.61 -16.98 43.47
N TRP A 371 6.40 -16.27 42.34
CA TRP A 371 6.64 -16.88 41.04
C TRP A 371 8.10 -17.28 40.87
N PHE A 372 9.02 -16.39 41.26
CA PHE A 372 10.44 -16.68 41.15
C PHE A 372 10.83 -17.88 42.01
N GLU A 373 10.32 -17.94 43.23
CA GLU A 373 10.63 -19.07 44.10
C GLU A 373 10.08 -20.38 43.54
N ALA A 374 8.86 -20.33 42.99
CA ALA A 374 8.27 -21.54 42.42
C ALA A 374 9.06 -22.03 41.21
N ASN A 375 9.50 -21.11 40.34
CA ASN A 375 10.15 -21.54 39.11
C ASN A 375 11.64 -21.80 39.31
N TYR A 376 12.31 -20.99 40.14
CA TYR A 376 13.74 -21.15 40.40
C TYR A 376 13.96 -21.47 41.87
N PRO A 377 14.09 -22.74 42.24
CA PRO A 377 14.34 -23.06 43.66
C PRO A 377 15.64 -22.46 44.14
N GLY A 378 15.64 -22.01 45.40
CA GLY A 378 16.78 -21.35 45.97
C GLY A 378 16.91 -19.88 45.67
N TRP A 379 16.00 -19.32 44.87
CA TRP A 379 16.04 -17.89 44.57
C TRP A 379 15.79 -17.05 45.81
N ALA A 380 14.89 -17.52 46.69
CA ALA A 380 14.49 -16.75 47.86
C ALA A 380 15.67 -16.42 48.75
N ASP A 381 16.29 -17.44 49.34
CA ASP A 381 17.33 -17.23 50.35
C ASP A 381 18.51 -16.43 49.82
N HIS A 382 18.72 -16.40 48.51
CA HIS A 382 19.86 -15.69 47.96
C HIS A 382 19.54 -14.27 47.53
N TYR A 383 18.40 -14.06 46.86
CA TYR A 383 18.10 -12.75 46.28
C TYR A 383 16.96 -12.02 46.97
N GLY A 384 15.92 -12.74 47.43
CA GLY A 384 14.80 -12.07 48.06
C GLY A 384 15.18 -11.39 49.36
N LYS A 385 16.11 -11.98 50.11
CA LYS A 385 16.57 -11.33 51.33
C LYS A 385 17.25 -10.01 51.02
N ILE A 386 18.10 -9.98 50.00
CA ILE A 386 18.76 -8.74 49.61
C ILE A 386 17.74 -7.71 49.15
N TYR A 387 16.76 -8.14 48.35
CA TYR A 387 15.77 -7.19 47.86
C TYR A 387 14.92 -6.63 48.99
N ASN A 388 14.53 -7.48 49.94
CA ASN A 388 13.75 -7.00 51.08
C ASN A 388 14.55 -6.06 51.96
N GLU A 389 15.83 -6.37 52.18
CA GLU A 389 16.67 -5.43 52.94
C GLU A 389 16.66 -4.09 52.20
N TRP A 390 16.96 -4.12 50.91
CA TRP A 390 17.01 -2.86 50.16
C TRP A 390 15.71 -2.09 50.30
N LYS A 391 14.57 -2.78 50.22
CA LYS A 391 13.28 -2.11 50.31
C LYS A 391 13.07 -1.50 51.70
N LYS A 392 13.52 -2.20 52.75
CA LYS A 392 13.33 -1.69 54.10
C LYS A 392 14.17 -0.44 54.35
N LEU A 393 15.29 -0.29 53.65
CA LEU A 393 16.19 0.89 53.90
C LEU A 393 15.86 2.05 52.95
N GLY A 394 14.60 2.27 52.61
CA GLY A 394 14.20 3.42 51.75
C GLY A 394 14.73 3.46 50.33
N TYR A 395 14.76 2.32 49.63
CA TYR A 395 15.21 2.28 48.21
C TYR A 395 14.39 3.22 47.31
N GLU A 396 13.15 3.56 47.66
CA GLU A 396 12.30 4.34 46.76
C GLU A 396 12.08 5.81 47.09
N ASP A 397 11.90 6.10 48.38
CA ASP A 397 11.65 7.48 48.85
C ASP A 397 12.87 8.38 48.61
N PRO A 398 12.69 9.61 48.07
CA PRO A 398 13.81 10.49 47.79
C PRO A 398 14.56 10.90 49.06
N LYS A 399 13.86 11.13 50.17
CA LYS A 399 14.50 11.66 51.40
C LYS A 399 15.57 10.72 51.96
N SER A 400 15.28 9.42 52.09
CA SER A 400 16.25 8.53 52.73
C SER A 400 17.66 8.79 52.24
N GLY A 401 17.82 9.11 50.96
CA GLY A 401 19.15 9.28 50.40
C GLY A 401 19.97 8.01 50.38
N PHE A 402 19.36 6.90 49.97
CA PHE A 402 20.01 5.60 49.95
C PHE A 402 20.23 5.15 48.51
N ILE A 403 21.46 4.78 48.20
CA ILE A 403 21.83 4.23 46.89
C ILE A 403 22.46 2.86 47.13
N PRO A 404 21.99 1.81 46.45
CA PRO A 404 22.52 0.46 46.74
C PRO A 404 24.00 0.30 46.46
N TYR A 405 24.60 1.15 45.62
CA TYR A 405 26.02 1.01 45.33
C TYR A 405 26.86 1.22 46.59
N ALA A 406 26.50 2.22 47.40
CA ALA A 406 27.21 2.45 48.64
C ALA A 406 27.05 1.26 49.59
N TRP A 407 25.86 0.68 49.65
CA TRP A 407 25.63 -0.49 50.49
C TRP A 407 26.50 -1.66 50.04
N LEU A 408 26.57 -1.90 48.73
CA LEU A 408 27.40 -2.99 48.22
C LEU A 408 28.87 -2.75 48.53
N LEU A 409 29.33 -1.50 48.36
CA LEU A 409 30.73 -1.19 48.66
C LEU A 409 31.04 -1.36 50.14
N ALA A 410 30.13 -0.94 51.01
CA ALA A 410 30.38 -1.01 52.45
C ALA A 410 30.25 -2.43 52.99
N ASN A 411 29.49 -3.29 52.32
CA ASN A 411 29.29 -4.65 52.80
C ASN A 411 30.33 -5.63 52.29
N GLY A 412 31.33 -5.16 51.54
CA GLY A 412 32.44 -5.99 51.11
C GLY A 412 32.34 -6.47 49.68
N HIS A 413 31.16 -6.47 49.08
CA HIS A 413 31.01 -6.89 47.69
C HIS A 413 31.55 -5.81 46.76
N ASP A 414 31.95 -6.23 45.56
CA ASP A 414 32.52 -5.33 44.58
C ASP A 414 31.94 -5.65 43.20
N VAL A 415 31.99 -4.65 42.32
CA VAL A 415 31.50 -4.78 40.96
C VAL A 415 32.68 -4.60 40.02
N TYR A 416 32.90 -5.60 39.15
CA TYR A 416 33.96 -5.58 38.17
C TYR A 416 33.39 -5.66 36.77
N ILE A 417 34.15 -5.16 35.80
CA ILE A 417 33.78 -5.23 34.39
C ILE A 417 34.83 -6.04 33.65
N ASP A 418 34.38 -7.08 32.94
CA ASP A 418 35.30 -7.93 32.15
C ASP A 418 35.87 -7.09 31.01
N ARG A 419 37.18 -7.18 30.78
CA ARG A 419 37.83 -6.41 29.72
C ARG A 419 37.40 -6.87 28.34
N VAL A 420 37.11 -8.16 28.16
CA VAL A 420 36.76 -8.66 26.84
C VAL A 420 35.28 -8.48 26.56
N SER A 421 34.42 -9.04 27.42
CA SER A 421 32.99 -9.03 27.16
C SER A 421 32.30 -7.75 27.62
N GLN A 422 32.89 -7.03 28.57
CA GLN A 422 32.33 -5.78 29.11
C GLN A 422 30.95 -6.02 29.74
N VAL A 423 30.93 -6.92 30.71
CA VAL A 423 29.70 -7.27 31.43
C VAL A 423 29.95 -7.16 32.92
N PRO A 424 29.11 -6.45 33.67
CA PRO A 424 29.33 -6.33 35.11
C PRO A 424 29.28 -7.69 35.80
N PHE A 425 30.11 -7.86 36.83
CA PHE A 425 30.23 -9.13 37.51
C PHE A 425 30.49 -8.89 38.99
N ILE A 426 29.74 -9.59 39.83
CA ILE A 426 29.88 -9.51 41.27
C ILE A 426 30.28 -10.89 41.79
N PRO A 427 31.57 -11.09 42.10
CA PRO A 427 32.02 -12.44 42.46
C PRO A 427 31.37 -13.01 43.71
N SER A 428 31.02 -12.17 44.69
CA SER A 428 30.51 -12.68 45.95
C SER A 428 29.07 -13.18 45.81
N LEU A 429 28.26 -12.50 45.02
CA LEU A 429 26.83 -12.79 44.90
C LEU A 429 26.48 -13.37 43.54
N ALA A 430 27.33 -14.25 43.01
CA ALA A 430 27.12 -14.87 41.71
C ALA A 430 27.02 -16.38 41.89
N LYS A 431 26.00 -16.98 41.27
CA LYS A 431 25.82 -18.42 41.26
C LYS A 431 26.15 -19.06 39.92
N GLY A 432 26.33 -18.26 38.87
CA GLY A 432 26.66 -18.78 37.57
C GLY A 432 28.14 -19.14 37.45
N SER A 433 28.48 -19.57 36.24
CA SER A 433 29.88 -19.99 35.98
C SER A 433 30.79 -18.78 35.90
N GLY A 434 32.09 -19.02 35.91
CA GLY A 434 33.09 -17.98 35.84
C GLY A 434 33.65 -17.60 37.20
N SER A 435 34.83 -16.97 37.16
CA SER A 435 35.52 -16.53 38.36
C SER A 435 36.41 -15.35 38.02
N LEU A 436 36.82 -14.62 39.04
CA LEU A 436 37.56 -13.37 38.86
C LEU A 436 39.05 -13.66 38.75
N ARG A 437 39.67 -13.14 37.70
CA ARG A 437 41.11 -13.22 37.50
C ARG A 437 41.65 -11.82 37.21
N VAL A 438 42.77 -11.47 37.83
CA VAL A 438 43.41 -10.18 37.65
C VAL A 438 44.82 -10.40 37.13
N HIS A 439 45.16 -9.72 36.05
CA HIS A 439 46.47 -9.84 35.41
C HIS A 439 47.11 -8.47 35.30
N GLU A 440 48.44 -8.46 35.26
CA GLU A 440 49.23 -7.25 35.11
C GLU A 440 50.07 -7.36 33.84
N PHE A 441 49.96 -6.36 32.97
CA PHE A 441 50.70 -6.35 31.71
C PHE A 441 51.09 -4.92 31.38
N ASN A 442 52.39 -4.69 31.19
CA ASN A 442 52.92 -3.38 30.80
C ASN A 442 52.45 -2.29 31.77
N GLY A 443 52.45 -2.63 33.06
CA GLY A 443 51.99 -1.68 34.06
C GLY A 443 50.53 -1.33 33.98
N LYS A 444 49.68 -2.28 33.59
CA LYS A 444 48.24 -2.08 33.53
C LYS A 444 47.54 -3.32 34.07
N LYS A 445 46.45 -3.10 34.81
CA LYS A 445 45.73 -4.18 35.45
C LYS A 445 44.46 -4.49 34.66
N HIS A 446 44.25 -5.76 34.35
CA HIS A 446 43.09 -6.22 33.60
C HIS A 446 42.34 -7.28 34.40
N SER A 447 41.02 -7.27 34.26
CA SER A 447 40.15 -8.22 34.96
C SER A 447 39.40 -9.07 33.94
N LEU A 448 39.43 -10.38 34.14
CA LEU A 448 38.75 -11.33 33.27
C LEU A 448 37.88 -12.25 34.12
N THR A 449 36.78 -12.71 33.54
CA THR A 449 35.78 -13.46 34.28
C THR A 449 35.52 -14.86 33.76
N ASP A 450 36.21 -15.32 32.72
CA ASP A 450 35.97 -16.65 32.20
C ASP A 450 37.18 -17.14 31.42
N ASP A 451 37.22 -18.44 31.16
CA ASP A 451 38.38 -19.06 30.53
C ASP A 451 38.46 -18.69 29.05
N TRP A 452 37.34 -18.71 28.34
CA TRP A 452 37.36 -18.41 26.92
C TRP A 452 37.75 -16.96 26.67
N GLY A 453 37.21 -16.03 27.46
CA GLY A 453 37.63 -14.65 27.33
C GLY A 453 39.10 -14.46 27.67
N GLU A 454 39.59 -15.17 28.68
CA GLU A 454 41.00 -15.09 29.02
C GLU A 454 41.88 -15.58 27.88
N ARG A 455 41.50 -16.69 27.25
CA ARG A 455 42.25 -17.19 26.11
C ARG A 455 42.23 -16.21 24.96
N MET A 456 41.06 -15.61 24.68
CA MET A 456 40.96 -14.63 23.61
C MET A 456 41.84 -13.43 23.87
N TRP A 457 41.87 -12.94 25.11
CA TRP A 457 42.70 -11.78 25.42
C TRP A 457 44.19 -12.13 25.38
N LEU A 458 44.55 -13.33 25.83
CA LEU A 458 46.00 -13.67 25.86
C LEU A 458 46.49 -13.84 24.42
N SER A 459 45.70 -14.47 23.55
CA SER A 459 46.13 -14.71 22.15
C SER A 459 46.32 -13.39 21.40
N GLU A 460 45.27 -12.59 21.28
CA GLU A 460 45.36 -11.32 20.49
C GLU A 460 45.11 -10.11 21.41
N PRO A 461 46.13 -9.58 22.12
CA PRO A 461 45.87 -8.50 23.07
C PRO A 461 45.69 -7.11 22.42
N GLU A 462 45.83 -7.01 21.10
CA GLU A 462 45.77 -5.69 20.42
C GLU A 462 44.33 -5.35 20.06
N ARG A 463 43.43 -6.33 20.07
CA ARG A 463 42.06 -6.06 19.64
C ARG A 463 41.22 -5.45 20.75
N TYR A 464 41.48 -5.82 22.01
CA TYR A 464 40.64 -5.41 23.14
C TYR A 464 41.39 -4.36 23.95
N GLU A 465 41.05 -3.09 23.72
CA GLU A 465 41.67 -1.98 24.45
C GLU A 465 40.66 -0.96 24.90
N CYS A 466 39.39 -1.34 25.06
CA CYS A 466 38.36 -0.39 25.42
C CYS A 466 38.50 0.06 26.87
N HIS A 467 37.89 1.21 27.16
CA HIS A 467 37.91 1.78 28.50
C HIS A 467 36.64 1.37 29.23
N ASN A 468 36.79 0.83 30.44
CA ASN A 468 35.61 0.43 31.19
C ASN A 468 34.95 1.64 31.83
N LEU A 469 33.82 1.40 32.50
CA LEU A 469 33.02 2.49 33.04
C LEU A 469 33.77 3.25 34.14
N PHE A 470 34.47 2.53 35.01
CA PHE A 470 35.04 3.14 36.20
C PHE A 470 36.27 4.00 35.90
N GLU A 471 37.05 3.64 34.88
CA GLU A 471 38.22 4.43 34.54
C GLU A 471 37.81 5.83 34.06
N GLN A 472 36.77 5.91 33.25
CA GLN A 472 36.35 7.20 32.72
C GLN A 472 35.77 8.11 33.80
N TYR A 473 35.05 7.54 34.76
CA TYR A 473 34.37 8.31 35.80
C TYR A 473 35.09 8.21 37.14
N GLU A 474 36.39 7.93 37.14
CA GLU A 474 37.11 7.77 38.39
C GLU A 474 37.19 9.10 39.14
N GLY A 475 36.90 9.06 40.43
CA GLY A 475 37.00 10.25 41.26
C GLY A 475 36.03 11.36 40.90
N ARG A 476 34.84 10.99 40.44
CA ARG A 476 33.82 12.00 40.05
C ARG A 476 32.50 11.68 40.76
N GLU A 477 31.85 12.70 41.33
CA GLU A 477 30.60 12.50 42.05
C GLU A 477 29.46 12.28 41.07
N LEU A 478 28.43 11.57 41.52
CA LEU A 478 27.41 11.05 40.61
C LEU A 478 26.61 12.17 39.95
N SER A 479 26.30 13.24 40.69
CA SER A 479 25.41 14.27 40.16
C SER A 479 26.15 14.94 39.01
N GLU A 480 27.45 15.15 39.16
CA GLU A 480 28.25 15.78 38.08
C GLU A 480 28.07 14.93 36.82
N VAL A 481 28.37 13.64 36.89
CA VAL A 481 28.31 12.75 35.69
C VAL A 481 26.92 12.81 35.05
N ILE A 482 25.87 12.59 35.82
CA ILE A 482 24.49 12.54 35.25
C ILE A 482 24.18 13.86 34.55
N ALA A 483 24.48 14.99 35.19
CA ALA A 483 24.11 16.27 34.57
C ALA A 483 24.85 16.50 33.27
N GLU A 484 26.13 16.10 33.21
CA GLU A 484 26.92 16.31 31.99
C GLU A 484 26.39 15.49 30.82
N GLY A 485 25.82 14.32 31.10
CA GLY A 485 25.32 13.43 30.07
C GLY A 485 23.91 13.72 29.61
N HIS A 486 23.36 14.87 29.96
CA HIS A 486 21.99 15.25 29.57
C HIS A 486 20.97 14.21 30.02
N GLY A 487 21.12 13.73 31.24
CA GLY A 487 20.21 12.73 31.77
C GLY A 487 19.16 13.29 32.70
N VAL A 488 18.59 14.46 32.33
CA VAL A 488 17.56 15.11 33.12
C VAL A 488 16.36 15.38 32.23
N ARG A 489 15.22 15.62 32.87
CA ARG A 489 13.96 15.83 32.17
C ARG A 489 13.89 17.26 31.66
N SER A 490 12.69 17.66 31.19
CA SER A 490 12.53 18.98 30.60
C SER A 490 12.77 20.09 31.61
N ASP A 491 12.34 19.89 32.86
CA ASP A 491 12.51 20.92 33.88
C ASP A 491 13.98 21.15 34.23
N GLY A 492 14.87 20.24 33.83
CA GLY A 492 16.29 20.41 34.07
C GLY A 492 16.79 19.98 35.42
N LYS A 493 15.93 19.42 36.27
CA LYS A 493 16.37 18.97 37.59
C LYS A 493 15.78 17.64 38.02
N THR A 494 15.00 16.97 37.16
CA THR A 494 14.42 15.67 37.48
C THR A 494 15.06 14.60 36.61
N LEU A 495 15.53 13.53 37.25
CA LEU A 495 16.23 12.47 36.53
C LEU A 495 15.27 11.72 35.61
N ILE A 496 15.83 11.21 34.50
CA ILE A 496 15.04 10.37 33.60
C ILE A 496 14.75 9.02 34.24
N ALA A 497 15.74 8.46 34.92
CA ALA A 497 15.60 7.15 35.56
C ALA A 497 15.12 7.30 36.99
N GLN A 498 14.14 6.49 37.38
CA GLN A 498 13.56 6.52 38.70
C GLN A 498 13.54 5.11 39.28
N PRO A 499 13.56 4.98 40.61
CA PRO A 499 13.48 3.67 41.25
C PRO A 499 12.08 3.12 41.41
N HIS A 500 11.07 3.74 40.79
CA HIS A 500 9.70 3.24 40.86
C HIS A 500 8.95 3.72 39.63
N VAL A 501 7.83 3.06 39.35
CA VAL A 501 7.02 3.36 38.17
C VAL A 501 5.80 4.22 38.51
N ARG A 502 5.71 4.71 39.74
CA ARG A 502 4.61 5.57 40.12
C ARG A 502 4.80 6.98 39.56
N GLY A 503 3.71 7.74 39.55
CA GLY A 503 3.69 9.07 38.99
C GLY A 503 3.98 10.20 39.95
N ASP A 504 4.40 9.84 41.16
CA ASP A 504 4.63 10.87 42.20
C ASP A 504 5.94 10.60 42.94
N ASN A 505 6.42 11.58 43.67
CA ASN A 505 7.65 11.45 44.48
C ASN A 505 8.83 11.04 43.60
N LEU A 506 9.16 11.92 42.64
CA LEU A 506 10.26 11.68 41.73
C LEU A 506 11.55 12.26 42.28
N TRP A 507 12.65 11.55 42.07
CA TRP A 507 13.95 12.00 42.56
C TRP A 507 14.46 13.17 41.72
N THR A 508 15.33 13.96 42.32
CA THR A 508 15.94 15.11 41.68
C THR A 508 17.45 15.02 41.81
N LEU A 509 18.16 16.00 41.26
CA LEU A 509 19.62 16.00 41.34
C LEU A 509 20.10 16.25 42.76
N GLU A 510 19.34 17.02 43.55
CA GLU A 510 19.74 17.30 44.92
C GLU A 510 19.76 16.04 45.77
N ASP A 511 18.84 15.11 45.51
CA ASP A 511 18.83 13.85 46.24
C ASP A 511 20.09 13.05 45.97
N ILE A 512 20.50 12.96 44.71
CA ILE A 512 21.73 12.24 44.37
C ILE A 512 22.93 12.97 44.96
N LYS A 513 22.91 14.30 44.97
CA LYS A 513 24.01 15.04 45.58
C LYS A 513 24.11 14.75 47.06
N ARG A 514 22.97 14.65 47.75
CA ARG A 514 22.98 14.29 49.17
C ARG A 514 23.40 12.85 49.38
N ALA A 515 23.27 12.00 48.35
CA ALA A 515 23.74 10.59 48.47
C ALA A 515 25.27 10.51 48.50
N GLY A 516 25.98 11.47 47.88
CA GLY A 516 27.46 11.52 47.95
C GLY A 516 28.20 10.28 47.46
N CYS A 517 27.79 9.65 46.35
CA CYS A 517 28.55 8.49 45.80
C CYS A 517 29.80 8.92 45.00
N VAL A 518 30.85 8.10 44.99
CA VAL A 518 32.08 8.37 44.24
C VAL A 518 32.66 7.04 43.78
N PHE A 519 33.07 6.98 42.51
CA PHE A 519 33.58 5.74 41.96
C PHE A 519 34.98 5.44 42.51
N PRO A 520 35.21 4.24 43.06
CA PRO A 520 36.45 3.97 43.80
C PRO A 520 37.57 3.26 43.03
N ASN A 521 37.37 2.89 41.76
CA ASN A 521 38.39 2.16 41.00
C ASN A 521 38.74 0.85 41.69
N PRO A 522 37.87 -0.16 41.62
CA PRO A 522 38.05 -1.35 42.45
C PRO A 522 39.35 -2.11 42.22
N LEU A 523 39.95 -2.01 41.04
CA LEU A 523 41.15 -2.77 40.75
C LEU A 523 42.38 -2.25 41.50
N ALA A 524 42.30 -1.10 42.16
CA ALA A 524 43.46 -0.55 42.84
C ALA A 524 43.82 -1.30 44.11
N LYS A 525 42.90 -2.11 44.64
CA LYS A 525 43.16 -2.83 45.88
C LYS A 525 44.13 -3.99 45.71
N PHE A 526 44.44 -4.39 44.47
CA PHE A 526 45.38 -5.48 44.24
C PHE A 526 46.77 -4.95 43.92
N PRO B 4 -7.68 -29.26 21.58
CA PRO B 4 -6.91 -28.23 22.28
C PRO B 4 -5.43 -28.25 21.91
N GLN B 5 -4.63 -27.49 22.63
CA GLN B 5 -3.19 -27.43 22.40
C GLN B 5 -2.45 -27.52 23.73
N SER B 6 -1.21 -28.00 23.67
CA SER B 6 -0.43 -28.18 24.88
C SER B 6 -0.14 -26.85 25.57
N SER B 7 0.26 -25.85 24.80
CA SER B 7 0.57 -24.54 25.37
C SER B 7 -0.71 -23.79 25.71
N GLN B 8 -0.77 -23.23 26.91
CA GLN B 8 -1.94 -22.47 27.32
C GLN B 8 -2.08 -21.21 26.47
N VAL B 9 -3.32 -20.91 26.07
CA VAL B 9 -3.58 -19.74 25.24
C VAL B 9 -3.35 -18.49 26.06
N THR B 10 -2.62 -17.53 25.49
CA THR B 10 -2.33 -16.29 26.18
C THR B 10 -3.49 -15.32 26.00
N LYS B 11 -3.89 -14.66 27.09
CA LYS B 11 -4.97 -13.70 27.06
C LYS B 11 -4.38 -12.30 26.90
N ARG B 12 -4.77 -11.61 25.82
CA ARG B 12 -4.25 -10.28 25.56
C ARG B 12 -4.74 -9.29 26.60
N GLY B 13 -3.85 -8.41 27.04
CA GLY B 13 -4.22 -7.42 28.03
C GLY B 13 -5.06 -6.27 27.52
N LEU B 14 -5.19 -6.13 26.20
CA LEU B 14 -6.01 -5.07 25.64
C LEU B 14 -7.50 -5.37 25.73
N THR B 15 -7.88 -6.65 25.67
CA THR B 15 -9.28 -7.03 25.65
C THR B 15 -9.73 -7.84 26.86
N ASP B 16 -8.83 -8.50 27.56
CA ASP B 16 -9.23 -9.28 28.73
C ASP B 16 -9.75 -8.36 29.82
N PRO B 17 -10.90 -8.64 30.42
CA PRO B 17 -11.46 -7.70 31.40
C PRO B 17 -10.59 -7.46 32.61
N GLU B 18 -10.14 -8.52 33.29
CA GLU B 18 -9.35 -8.35 34.51
C GLU B 18 -8.02 -7.66 34.23
N ARG B 19 -7.32 -8.10 33.18
CA ARG B 19 -6.05 -7.48 32.86
C ARG B 19 -6.21 -6.03 32.46
N ALA B 20 -7.26 -5.72 31.68
CA ALA B 20 -7.52 -4.34 31.32
C ALA B 20 -7.82 -3.49 32.55
N ALA B 21 -8.59 -4.03 33.49
CA ALA B 21 -8.89 -3.29 34.71
C ALA B 21 -7.63 -3.01 35.51
N ILE B 22 -6.76 -4.02 35.65
CA ILE B 22 -5.52 -3.83 36.40
C ILE B 22 -4.63 -2.79 35.72
N ILE B 23 -4.51 -2.89 34.40
CA ILE B 23 -3.66 -1.94 33.66
C ILE B 23 -4.21 -0.53 33.79
N ALA B 24 -5.53 -0.37 33.67
CA ALA B 24 -6.13 0.95 33.83
C ALA B 24 -5.91 1.50 35.23
N ALA B 25 -5.95 0.63 36.24
CA ALA B 25 -5.67 1.06 37.60
C ALA B 25 -4.23 1.53 37.75
N ALA B 26 -3.29 0.84 37.08
CA ALA B 26 -1.88 1.16 37.24
C ALA B 26 -1.47 2.44 36.52
N VAL B 27 -2.10 2.77 35.41
CA VAL B 27 -1.64 3.88 34.57
C VAL B 27 -1.90 5.20 35.28
N PRO B 28 -0.93 6.11 35.34
CA PRO B 28 -1.18 7.43 35.95
C PRO B 28 -2.14 8.26 35.12
N ASP B 29 -2.76 9.23 35.78
CA ASP B 29 -3.79 10.07 35.17
C ASP B 29 -3.24 11.29 34.46
N HIS B 30 -1.94 11.58 34.58
CA HIS B 30 -1.36 12.75 33.93
C HIS B 30 0.03 12.39 33.38
N ALA B 31 0.42 13.10 32.33
CA ALA B 31 1.71 12.86 31.69
C ALA B 31 2.85 13.37 32.57
N LEU B 32 3.98 12.66 32.51
CA LEU B 32 5.15 13.00 33.30
C LEU B 32 6.14 13.90 32.58
N ASP B 33 5.87 14.24 31.31
CA ASP B 33 6.76 15.12 30.56
C ASP B 33 5.96 15.83 29.49
N THR B 34 6.50 16.96 29.02
CA THR B 34 5.82 17.78 28.03
C THR B 34 6.45 17.75 26.65
N GLN B 35 7.72 17.37 26.54
CA GLN B 35 8.39 17.32 25.25
C GLN B 35 8.03 16.03 24.53
N ARG B 36 7.25 16.16 23.46
CA ARG B 36 6.78 15.00 22.70
C ARG B 36 7.33 15.00 21.28
N LYS B 37 8.49 15.62 21.07
CA LYS B 37 9.13 15.67 19.77
C LYS B 37 10.29 14.69 19.74
N TYR B 38 10.30 13.83 18.73
CA TYR B 38 11.33 12.81 18.63
C TYR B 38 12.64 13.44 18.18
N HIS B 39 13.65 13.38 19.04
CA HIS B 39 14.98 13.93 18.76
C HIS B 39 14.91 15.42 18.42
N TYR B 40 14.49 16.20 19.41
CA TYR B 40 14.34 17.64 19.25
C TYR B 40 15.67 18.36 19.13
N PHE B 41 16.78 17.72 19.50
CA PHE B 41 18.08 18.37 19.53
C PHE B 41 18.81 18.31 18.19
N ILE B 42 18.22 17.70 17.17
CA ILE B 42 18.84 17.64 15.86
C ILE B 42 18.68 18.98 15.16
N GLN B 43 19.79 19.51 14.66
CA GLN B 43 19.76 20.79 13.96
C GLN B 43 19.08 20.64 12.61
N PRO B 44 18.00 21.37 12.33
CA PRO B 44 17.29 21.18 11.06
C PRO B 44 17.95 21.94 9.93
N ARG B 45 18.07 21.27 8.78
CA ARG B 45 18.62 21.92 7.59
C ARG B 45 17.66 22.95 7.03
N TRP B 46 16.39 22.55 6.93
CA TRP B 46 15.33 23.46 6.42
C TRP B 46 14.60 24.16 7.56
N LYS B 47 13.38 24.66 7.34
CA LYS B 47 12.70 25.46 8.38
C LYS B 47 12.42 24.62 9.63
N ARG B 48 11.87 23.41 9.47
CA ARG B 48 11.46 22.62 10.67
C ARG B 48 11.87 21.16 10.54
N LEU B 49 12.03 20.46 11.66
CA LEU B 49 12.54 19.05 11.54
C LEU B 49 11.61 18.24 10.64
N SER B 50 12.16 17.33 9.84
CA SER B 50 11.35 16.45 8.95
C SER B 50 11.44 15.02 9.48
N GLU B 51 10.52 14.14 9.06
CA GLU B 51 10.63 12.76 9.50
C GLU B 51 11.91 12.11 9.02
N TYR B 52 12.39 12.51 7.83
CA TYR B 52 13.63 11.95 7.30
C TYR B 52 14.80 12.23 8.23
N GLU B 53 14.92 13.47 8.69
CA GLU B 53 16.00 13.83 9.60
C GLU B 53 15.87 13.10 10.93
N GLN B 54 14.64 13.00 11.45
CA GLN B 54 14.44 12.33 12.74
C GLN B 54 14.81 10.85 12.66
N LEU B 55 14.40 10.18 11.59
CA LEU B 55 14.65 8.75 11.48
C LEU B 55 16.10 8.43 11.09
N SER B 56 16.76 9.31 10.34
CA SER B 56 18.07 8.97 9.81
C SER B 56 19.22 9.43 10.68
N CYS B 57 19.18 10.69 11.14
CA CYS B 57 20.36 11.30 11.76
C CYS B 57 20.75 10.62 13.06
N TYR B 58 22.05 10.61 13.33
CA TYR B 58 22.65 10.14 14.57
C TYR B 58 22.42 8.65 14.82
N ALA B 59 22.16 7.88 13.76
CA ALA B 59 21.97 6.45 13.93
C ALA B 59 23.27 5.75 14.28
N GLN B 60 24.36 6.14 13.64
CA GLN B 60 25.64 5.48 13.83
C GLN B 60 26.27 5.93 15.15
N PRO B 61 26.63 5.01 16.05
CA PRO B 61 27.30 5.40 17.29
C PRO B 61 28.77 5.69 17.06
N ASN B 62 29.14 6.97 17.12
CA ASN B 62 30.50 7.37 16.87
C ASN B 62 31.11 8.01 18.12
N PRO B 63 32.39 7.68 18.43
CA PRO B 63 33.06 8.27 19.58
C PRO B 63 33.35 9.76 19.34
N ASP B 64 33.88 10.45 20.35
CA ASP B 64 34.10 11.88 20.23
C ASP B 64 35.27 12.22 19.31
N TRP B 65 36.30 11.37 19.26
CA TRP B 65 37.47 11.67 18.44
C TRP B 65 37.16 11.62 16.95
N ILE B 66 36.04 11.05 16.55
CA ILE B 66 35.55 11.19 15.18
C ILE B 66 34.63 12.40 15.15
N ALA B 67 34.81 13.26 14.15
CA ALA B 67 34.12 14.53 14.11
C ALA B 67 32.61 14.35 14.16
N GLY B 68 31.96 15.10 15.04
CA GLY B 68 30.52 15.03 15.19
C GLY B 68 30.01 13.92 16.07
N GLY B 69 30.88 13.18 16.74
CA GLY B 69 30.45 12.07 17.56
C GLY B 69 29.82 12.52 18.87
N LEU B 70 29.26 11.55 19.62
CA LEU B 70 28.67 11.86 20.95
C LEU B 70 29.19 10.87 21.98
N ASP B 71 29.40 9.61 21.60
CA ASP B 71 29.85 8.61 22.59
C ASP B 71 31.31 8.88 22.98
N TRP B 72 31.83 8.12 23.94
CA TRP B 72 33.26 8.25 24.35
C TRP B 72 33.98 6.89 24.34
N GLY B 73 35.31 6.88 24.27
CA GLY B 73 36.09 5.67 24.37
C GLY B 73 36.39 5.04 23.01
N ASP B 74 37.26 4.03 23.05
CA ASP B 74 37.66 3.32 21.86
C ASP B 74 36.62 2.26 21.51
N TRP B 75 36.82 1.60 20.36
CA TRP B 75 35.95 0.51 19.95
C TRP B 75 36.24 -0.73 20.78
N THR B 76 35.17 -1.48 21.09
CA THR B 76 35.31 -2.65 21.94
C THR B 76 36.15 -3.74 21.27
N GLN B 77 35.97 -3.94 19.97
CA GLN B 77 36.70 -4.96 19.23
C GLN B 77 37.19 -4.38 17.91
N LYS B 78 38.38 -4.79 17.50
CA LYS B 78 39.02 -4.26 16.31
C LYS B 78 39.56 -5.39 15.45
N PHE B 79 40.02 -5.05 14.26
CA PHE B 79 40.64 -6.01 13.37
C PHE B 79 41.94 -6.53 13.97
N HIS B 80 42.44 -7.61 13.37
CA HIS B 80 43.76 -8.13 13.80
C HIS B 80 44.80 -7.07 13.46
N GLY B 81 45.71 -6.79 14.37
CA GLY B 81 46.73 -5.79 14.23
C GLY B 81 46.36 -4.44 14.80
N GLY B 82 45.08 -4.19 15.05
CA GLY B 82 44.65 -2.97 15.70
C GLY B 82 43.95 -1.94 14.84
N ARG B 83 43.60 -2.27 13.61
CA ARG B 83 42.90 -1.31 12.76
C ARG B 83 41.47 -1.12 13.28
N PRO B 84 41.05 0.13 13.51
CA PRO B 84 39.71 0.36 14.07
C PRO B 84 38.61 -0.01 13.07
N SER B 85 37.43 -0.29 13.61
CA SER B 85 36.28 -0.58 12.76
C SER B 85 35.94 0.61 11.87
N TRP B 86 35.96 1.82 12.44
CA TRP B 86 35.79 3.04 11.68
C TRP B 86 36.80 4.06 12.18
N GLY B 87 37.38 4.83 11.27
CA GLY B 87 38.38 5.80 11.67
C GLY B 87 38.57 6.87 10.62
N ASN B 88 39.43 7.83 10.94
CA ASN B 88 39.76 8.92 10.03
C ASN B 88 40.78 8.53 8.97
N GLU B 89 41.32 7.32 9.03
CA GLU B 89 42.35 6.87 8.11
C GLU B 89 41.77 6.31 6.81
N SER B 90 40.45 6.26 6.67
CA SER B 90 39.82 5.68 5.50
C SER B 90 39.59 6.67 4.37
N THR B 91 39.94 7.95 4.56
CA THR B 91 39.73 8.95 3.52
C THR B 91 40.72 10.08 3.71
N GLU B 92 40.88 10.88 2.65
CA GLU B 92 41.79 12.02 2.67
C GLU B 92 41.10 13.33 3.02
N LEU B 93 39.82 13.47 2.70
CA LEU B 93 39.11 14.72 2.95
C LEU B 93 38.76 14.84 4.43
N ARG B 94 38.87 16.06 4.95
CA ARG B 94 38.57 16.36 6.35
C ARG B 94 37.36 17.27 6.44
N THR B 95 36.68 17.22 7.57
CA THR B 95 35.52 18.08 7.80
C THR B 95 35.33 18.27 9.30
N THR B 96 34.61 19.33 9.64
CA THR B 96 34.31 19.61 11.05
C THR B 96 33.20 18.71 11.57
N ASP B 97 32.21 18.40 10.73
CA ASP B 97 31.08 17.56 11.12
C ASP B 97 30.74 16.63 9.97
N TRP B 98 30.52 15.36 10.28
CA TRP B 98 30.14 14.36 9.28
C TRP B 98 28.64 14.16 9.19
N TYR B 99 27.85 14.91 9.96
CA TYR B 99 26.40 14.75 10.00
C TYR B 99 25.67 15.89 9.31
N ARG B 100 26.36 16.64 8.45
CA ARG B 100 25.77 17.81 7.81
C ARG B 100 25.10 17.50 6.47
N HIS B 101 25.24 16.28 5.95
CA HIS B 101 24.72 15.97 4.63
C HIS B 101 23.24 15.59 4.72
N ARG B 102 22.43 16.22 3.87
CA ARG B 102 21.01 15.93 3.78
C ARG B 102 20.62 15.71 2.34
N ASP B 103 19.87 14.66 2.08
CA ASP B 103 19.40 14.37 0.73
C ASP B 103 18.34 15.39 0.32
N PRO B 104 18.53 16.12 -0.79
CA PRO B 104 17.49 17.08 -1.21
C PRO B 104 16.15 16.45 -1.50
N ALA B 105 16.12 15.17 -1.88
CA ALA B 105 14.87 14.48 -2.14
C ALA B 105 14.19 13.96 -0.89
N ARG B 106 14.88 13.98 0.25
CA ARG B 106 14.33 13.51 1.53
C ARG B 106 13.81 12.09 1.42
N ARG B 107 14.67 11.19 0.96
CA ARG B 107 14.30 9.81 0.68
C ARG B 107 14.72 8.91 1.83
N TRP B 108 13.75 8.22 2.42
CA TRP B 108 14.01 7.05 3.24
C TRP B 108 13.27 5.87 2.61
N HIS B 109 13.26 4.74 3.31
CA HIS B 109 12.98 3.46 2.64
C HIS B 109 11.59 3.43 2.01
N ALA B 110 10.57 3.86 2.74
CA ALA B 110 9.19 3.66 2.27
C ALA B 110 8.87 4.43 0.99
N PRO B 111 9.10 5.74 0.88
CA PRO B 111 8.82 6.41 -0.40
C PRO B 111 9.65 5.86 -1.54
N TYR B 112 10.90 5.53 -1.23
CA TYR B 112 11.83 4.98 -2.26
C TYR B 112 11.22 3.71 -2.87
N VAL B 113 10.90 2.72 -2.03
CA VAL B 113 10.37 1.47 -2.55
C VAL B 113 9.01 1.68 -3.19
N LYS B 114 8.22 2.64 -2.68
CA LYS B 114 6.93 2.92 -3.29
C LYS B 114 7.09 3.40 -4.74
N ASP B 115 8.01 4.34 -4.96
CA ASP B 115 8.25 4.84 -6.31
C ASP B 115 8.77 3.74 -7.23
N LYS B 116 9.69 2.91 -6.72
CA LYS B 116 10.21 1.83 -7.56
C LYS B 116 9.11 0.84 -7.94
N SER B 117 8.22 0.52 -7.01
CA SER B 117 7.11 -0.38 -7.33
C SER B 117 6.17 0.23 -8.36
N GLU B 118 5.92 1.53 -8.22
CA GLU B 118 5.09 2.23 -9.22
C GLU B 118 5.71 2.03 -10.59
N GLU B 119 6.98 2.37 -10.72
CA GLU B 119 7.64 2.27 -12.03
C GLU B 119 7.59 0.85 -12.57
N ALA B 120 7.79 -0.15 -11.70
CA ALA B 120 7.78 -1.54 -12.15
C ALA B 120 6.42 -1.93 -12.72
N ARG B 121 5.35 -1.62 -11.99
CA ARG B 121 4.02 -2.00 -12.46
C ARG B 121 3.64 -1.25 -13.74
N TYR B 122 3.99 0.02 -13.83
CA TYR B 122 3.71 0.76 -15.06
C TYR B 122 4.48 0.17 -16.23
N THR B 123 5.73 -0.25 -16.00
CA THR B 123 6.51 -0.87 -17.07
C THR B 123 5.84 -2.16 -17.54
N GLN B 124 5.35 -2.98 -16.62
CA GLN B 124 4.68 -4.21 -17.00
C GLN B 124 3.45 -3.91 -17.86
N ARG B 125 2.63 -2.95 -17.43
CA ARG B 125 1.43 -2.62 -18.20
C ARG B 125 1.79 -2.09 -19.58
N PHE B 126 2.80 -1.23 -19.68
CA PHE B 126 3.20 -0.70 -20.98
C PHE B 126 3.70 -1.81 -21.89
N LEU B 127 4.49 -2.74 -21.35
CA LEU B 127 4.97 -3.84 -22.17
C LEU B 127 3.81 -4.68 -22.70
N ALA B 128 2.82 -4.96 -21.85
CA ALA B 128 1.67 -5.74 -22.31
C ALA B 128 0.93 -5.01 -23.42
N ALA B 129 0.69 -3.72 -23.25
CA ALA B 129 -0.03 -2.96 -24.27
C ALA B 129 0.75 -2.88 -25.57
N TYR B 130 2.06 -2.64 -25.49
CA TYR B 130 2.89 -2.56 -26.68
C TYR B 130 2.92 -3.88 -27.43
N SER B 131 3.01 -5.00 -26.71
CA SER B 131 2.93 -6.29 -27.35
C SER B 131 1.58 -6.50 -28.02
N SER B 132 0.50 -6.08 -27.35
CA SER B 132 -0.83 -6.29 -27.90
C SER B 132 -1.04 -5.51 -29.20
N GLU B 133 -0.58 -4.26 -29.24
CA GLU B 133 -0.87 -3.43 -30.41
C GLU B 133 0.06 -3.70 -31.59
N GLY B 134 1.15 -4.44 -31.39
CA GLY B 134 2.02 -4.81 -32.49
C GLY B 134 2.71 -3.66 -33.18
N SER B 135 3.31 -2.75 -32.40
CA SER B 135 3.99 -1.59 -32.97
C SER B 135 5.42 -1.89 -33.40
N ILE B 136 5.90 -3.12 -33.22
CA ILE B 136 7.28 -3.45 -33.55
C ILE B 136 7.52 -3.45 -35.06
N ARG B 137 6.46 -3.47 -35.87
CA ARG B 137 6.64 -3.58 -37.31
C ARG B 137 7.34 -2.36 -37.89
N THR B 138 7.02 -1.17 -37.39
CA THR B 138 7.59 0.07 -37.93
C THR B 138 8.92 0.39 -37.23
N ILE B 139 9.90 -0.45 -37.51
CA ILE B 139 11.24 -0.28 -36.97
C ILE B 139 12.25 -0.50 -38.09
N ASP B 140 13.41 0.13 -37.97
CA ASP B 140 14.49 -0.09 -38.92
C ASP B 140 15.14 -1.43 -38.63
N ALA B 141 15.21 -2.28 -39.66
CA ALA B 141 15.72 -3.64 -39.47
C ALA B 141 17.21 -3.62 -39.11
N TYR B 142 18.00 -2.85 -39.86
CA TYR B 142 19.44 -2.82 -39.62
C TYR B 142 19.77 -2.28 -38.24
N TRP B 143 19.09 -1.20 -37.82
CA TRP B 143 19.30 -0.66 -36.49
C TRP B 143 18.88 -1.65 -35.42
N ARG B 144 17.85 -2.46 -35.68
CA ARG B 144 17.38 -3.39 -34.68
C ARG B 144 18.34 -4.57 -34.50
N ASP B 145 18.80 -5.16 -35.61
CA ASP B 145 19.53 -6.41 -35.53
C ASP B 145 21.05 -6.26 -35.55
N GLU B 146 21.56 -5.05 -35.72
CA GLU B 146 23.00 -4.85 -35.80
C GLU B 146 23.56 -3.87 -34.78
N ILE B 147 22.77 -2.91 -34.32
CA ILE B 147 23.24 -1.91 -33.35
C ILE B 147 22.72 -2.22 -31.96
N LEU B 148 21.41 -2.39 -31.81
CA LEU B 148 20.83 -2.64 -30.49
C LEU B 148 21.42 -3.91 -29.87
N ASN B 149 21.17 -5.06 -30.50
CA ASN B 149 21.57 -6.34 -29.92
C ASN B 149 23.07 -6.45 -29.69
N LYS B 150 23.87 -5.65 -30.38
CA LYS B 150 25.32 -5.75 -30.26
C LYS B 150 25.93 -4.75 -29.28
N TYR B 151 25.33 -3.57 -29.09
CA TYR B 151 25.95 -2.56 -28.25
C TYR B 151 25.11 -2.15 -27.06
N TYR B 152 23.78 -2.09 -27.20
CA TYR B 152 22.96 -1.82 -26.05
C TYR B 152 23.07 -2.95 -25.03
N GLY B 153 23.33 -4.17 -25.50
CA GLY B 153 23.63 -5.27 -24.61
C GLY B 153 25.04 -5.30 -24.07
N ALA B 154 25.93 -4.48 -24.62
CA ALA B 154 27.27 -4.35 -24.08
C ALA B 154 27.37 -3.24 -23.04
N LEU B 155 26.49 -2.26 -23.11
CA LEU B 155 26.49 -1.18 -22.12
C LEU B 155 26.15 -1.69 -20.71
N LEU B 156 25.45 -2.81 -20.60
CA LEU B 156 25.07 -3.32 -19.30
C LEU B 156 26.27 -3.77 -18.48
N TYR B 157 27.38 -4.11 -19.12
CA TYR B 157 28.58 -4.46 -18.36
C TYR B 157 29.20 -3.23 -17.71
N ASN B 158 29.19 -2.10 -18.41
CA ASN B 158 29.57 -0.84 -17.79
C ASN B 158 28.67 -0.53 -16.60
N GLU B 159 27.35 -0.73 -16.79
CA GLU B 159 26.42 -0.49 -15.69
C GLU B 159 26.73 -1.39 -14.49
N TYR B 160 27.02 -2.67 -14.76
CA TYR B 160 27.31 -3.62 -13.69
C TYR B 160 28.59 -3.26 -12.94
N GLY B 161 29.63 -2.83 -13.67
CA GLY B 161 30.85 -2.42 -13.01
C GLY B 161 30.64 -1.21 -12.11
N LEU B 162 29.92 -0.21 -12.62
CA LEU B 162 29.64 0.95 -11.80
C LEU B 162 28.81 0.59 -10.58
N PHE B 163 27.91 -0.38 -10.71
CA PHE B 163 27.15 -0.85 -9.55
C PHE B 163 28.06 -1.53 -8.53
N ASN B 164 28.93 -2.43 -9.00
CA ASN B 164 29.80 -3.18 -8.09
C ASN B 164 30.83 -2.30 -7.40
N ALA B 165 31.09 -1.10 -7.94
CA ALA B 165 32.08 -0.23 -7.31
C ALA B 165 31.66 0.27 -5.93
N HIS B 166 30.40 0.08 -5.51
CA HIS B 166 29.86 0.76 -4.34
C HIS B 166 30.02 -0.01 -3.03
N SER B 167 30.55 -1.24 -3.05
CA SER B 167 30.62 -2.03 -1.81
C SER B 167 31.56 -1.39 -0.80
N SER B 168 32.73 -0.94 -1.24
CA SER B 168 33.68 -0.31 -0.34
C SER B 168 33.10 0.97 0.26
N VAL B 169 32.38 1.74 -0.55
CA VAL B 169 31.74 2.95 -0.04
C VAL B 169 30.68 2.58 1.00
N GLY B 170 29.93 1.52 0.74
CA GLY B 170 28.90 1.10 1.68
C GLY B 170 29.47 0.64 3.00
N ARG B 171 30.68 0.09 3.03
CA ARG B 171 31.19 -0.46 4.32
C ARG B 171 32.07 0.56 5.05
N ASP B 172 32.86 1.34 4.31
CA ASP B 172 33.80 2.24 4.99
C ASP B 172 33.23 3.63 5.26
N CYS B 173 32.00 3.92 4.84
CA CYS B 173 31.45 5.26 5.03
C CYS B 173 31.36 5.61 6.51
N LEU B 174 31.50 6.90 6.85
CA LEU B 174 31.53 7.29 8.29
C LEU B 174 30.27 8.03 8.77
N SER B 175 29.22 8.13 7.96
CA SER B 175 27.97 8.75 8.47
C SER B 175 26.77 7.92 8.03
N ASP B 176 25.61 8.15 8.63
CA ASP B 176 24.40 7.35 8.32
C ASP B 176 23.70 7.89 7.07
N THR B 177 23.61 9.21 6.92
CA THR B 177 22.87 9.81 5.79
C THR B 177 23.54 9.42 4.47
N ILE B 178 24.88 9.44 4.46
CA ILE B 178 25.66 9.14 3.23
C ILE B 178 25.55 7.65 2.89
N ARG B 179 25.45 6.79 3.89
CA ARG B 179 25.38 5.32 3.64
C ARG B 179 24.13 5.02 2.83
N GLN B 180 23.03 5.74 3.08
CA GLN B 180 21.78 5.56 2.32
C GLN B 180 21.96 6.00 0.86
N SER B 181 22.51 7.19 0.62
CA SER B 181 22.63 7.72 -0.74
C SER B 181 23.44 6.77 -1.62
N ALA B 182 24.56 6.26 -1.10
CA ALA B 182 25.38 5.35 -1.87
C ALA B 182 24.63 4.06 -2.21
N THR B 183 23.91 3.50 -1.23
CA THR B 183 23.15 2.28 -1.48
C THR B 183 22.09 2.51 -2.54
N PHE B 184 21.38 3.64 -2.46
CA PHE B 184 20.34 3.93 -3.44
C PHE B 184 20.93 4.10 -4.84
N ALA B 185 22.07 4.80 -4.92
CA ALA B 185 22.74 4.99 -6.22
C ALA B 185 23.08 3.62 -6.80
N GLY B 186 23.73 2.77 -6.01
CA GLY B 186 24.10 1.43 -6.48
C GLY B 186 22.90 0.65 -6.97
N LEU B 187 21.78 0.75 -6.25
CA LEU B 187 20.55 0.02 -6.64
C LEU B 187 20.05 0.57 -7.97
N ASP B 188 20.17 1.88 -8.17
CA ASP B 188 19.74 2.49 -9.45
C ASP B 188 20.56 1.88 -10.59
N LYS B 189 21.88 1.81 -10.43
CA LYS B 189 22.76 1.29 -11.50
C LYS B 189 22.35 -0.15 -11.83
N VAL B 190 22.19 -1.00 -10.83
CA VAL B 190 21.88 -2.40 -11.12
C VAL B 190 20.50 -2.50 -11.77
N ASP B 191 19.56 -1.63 -11.37
CA ASP B 191 18.26 -1.62 -12.00
C ASP B 191 18.35 -1.21 -13.47
N ASN B 192 19.22 -0.25 -13.80
CA ASN B 192 19.41 0.11 -15.20
C ASN B 192 19.93 -1.07 -16.01
N ALA B 193 20.91 -1.81 -15.46
CA ALA B 193 21.42 -2.97 -16.17
C ALA B 193 20.33 -4.01 -16.41
N GLN B 194 19.52 -4.29 -15.37
CA GLN B 194 18.46 -5.27 -15.53
C GLN B 194 17.37 -4.88 -16.52
N MET B 195 17.15 -3.58 -16.71
CA MET B 195 16.20 -3.12 -17.74
C MET B 195 16.77 -3.45 -19.13
N ILE B 196 17.97 -2.93 -19.42
CA ILE B 196 18.62 -3.26 -20.73
C ILE B 196 18.47 -4.75 -20.97
N GLN B 197 18.67 -5.60 -19.97
CA GLN B 197 18.53 -7.03 -20.27
C GLN B 197 17.07 -7.40 -20.53
N MET B 198 16.14 -6.83 -19.73
CA MET B 198 14.73 -7.13 -19.91
C MET B 198 14.22 -6.63 -21.25
N GLU B 199 14.67 -5.45 -21.69
CA GLU B 199 14.27 -4.96 -23.00
C GLU B 199 14.76 -5.87 -24.10
N ARG B 200 16.01 -6.34 -24.00
CA ARG B 200 16.51 -7.26 -25.01
C ARG B 200 15.69 -8.55 -25.05
N LEU B 201 15.36 -9.09 -23.87
CA LEU B 201 14.55 -10.31 -23.83
C LEU B 201 13.17 -10.09 -24.43
N PHE B 202 12.55 -8.95 -24.12
CA PHE B 202 11.22 -8.66 -24.67
C PHE B 202 11.26 -8.54 -26.18
N ILE B 203 12.29 -7.89 -26.72
CA ILE B 203 12.41 -7.79 -28.17
C ILE B 203 12.61 -9.18 -28.78
N ALA B 204 13.40 -10.03 -28.11
CA ALA B 204 13.61 -11.38 -28.62
C ALA B 204 12.30 -12.17 -28.64
N LYS B 205 11.44 -11.97 -27.64
CA LYS B 205 10.20 -12.74 -27.55
C LYS B 205 9.19 -12.39 -28.63
N LEU B 206 9.39 -11.32 -29.39
CA LEU B 206 8.45 -10.90 -30.42
C LEU B 206 8.91 -11.27 -31.82
N VAL B 207 10.11 -10.87 -32.21
CA VAL B 207 10.63 -11.08 -33.56
C VAL B 207 11.35 -12.41 -33.59
N PRO B 208 10.92 -13.37 -34.40
CA PRO B 208 11.67 -14.63 -34.53
C PRO B 208 13.04 -14.40 -35.14
N GLY B 209 14.00 -15.23 -34.73
CA GLY B 209 15.37 -15.09 -35.20
C GLY B 209 16.21 -14.12 -34.42
N PHE B 210 15.72 -13.61 -33.30
CA PHE B 210 16.45 -12.68 -32.45
C PHE B 210 17.02 -13.44 -31.26
N ASP B 211 18.32 -13.27 -31.01
CA ASP B 211 19.01 -13.99 -29.96
C ASP B 211 19.17 -13.09 -28.74
N ALA B 212 18.70 -13.57 -27.58
CA ALA B 212 18.76 -12.83 -26.34
C ALA B 212 19.96 -13.21 -25.47
N SER B 213 20.82 -14.09 -25.94
CA SER B 213 21.98 -14.49 -25.17
C SER B 213 22.96 -13.35 -25.05
N THR B 214 23.81 -13.42 -24.02
CA THR B 214 24.78 -12.38 -23.72
C THR B 214 26.18 -12.71 -24.21
N ASP B 215 26.34 -13.76 -25.03
CA ASP B 215 27.66 -14.13 -25.51
C ASP B 215 28.26 -13.07 -26.43
N VAL B 216 27.49 -12.64 -27.43
CA VAL B 216 27.99 -11.61 -28.36
C VAL B 216 28.24 -10.28 -27.65
N PRO B 217 27.32 -9.76 -26.82
CA PRO B 217 27.65 -8.52 -26.09
C PRO B 217 28.88 -8.66 -25.20
N LYS B 218 29.06 -9.82 -24.55
CA LYS B 218 30.24 -10.02 -23.73
C LYS B 218 31.51 -10.00 -24.57
N LYS B 219 31.47 -10.67 -25.74
CA LYS B 219 32.64 -10.67 -26.61
C LYS B 219 32.96 -9.27 -27.11
N ILE B 220 31.93 -8.49 -27.45
CA ILE B 220 32.18 -7.12 -27.89
C ILE B 220 32.75 -6.28 -26.75
N TRP B 221 32.22 -6.45 -25.54
CA TRP B 221 32.71 -5.68 -24.41
C TRP B 221 34.17 -6.00 -24.09
N THR B 222 34.54 -7.27 -24.13
CA THR B 222 35.88 -7.67 -23.72
C THR B 222 36.89 -7.70 -24.86
N THR B 223 36.47 -7.57 -26.10
CA THR B 223 37.42 -7.70 -27.20
C THR B 223 37.36 -6.55 -28.19
N ASP B 224 36.19 -6.03 -28.51
CA ASP B 224 36.07 -5.02 -29.55
C ASP B 224 36.74 -3.73 -29.11
N PRO B 225 37.50 -3.08 -30.01
CA PRO B 225 38.20 -1.85 -29.62
C PRO B 225 37.27 -0.71 -29.22
N ILE B 226 36.03 -0.70 -29.74
CA ILE B 226 35.16 0.45 -29.56
C ILE B 226 34.94 0.75 -28.08
N TYR B 227 34.67 -0.29 -27.29
CA TYR B 227 34.49 -0.12 -25.85
C TYR B 227 35.78 -0.26 -25.07
N ALA B 228 36.88 -0.65 -25.73
CA ALA B 228 38.10 -1.05 -25.03
C ALA B 228 38.50 -0.04 -23.97
N GLY B 229 38.78 1.20 -24.39
CA GLY B 229 39.21 2.21 -23.43
C GLY B 229 38.23 2.38 -22.30
N ALA B 230 36.94 2.44 -22.61
CA ALA B 230 35.93 2.59 -21.58
C ALA B 230 36.07 1.50 -20.53
N ARG B 231 36.23 0.25 -20.98
CA ARG B 231 36.39 -0.86 -20.04
C ARG B 231 37.47 -0.56 -19.03
N GLY B 232 38.63 -0.09 -19.51
CA GLY B 232 39.73 0.19 -18.60
C GLY B 232 39.33 1.13 -17.49
N ALA B 233 38.62 2.21 -17.84
CA ALA B 233 38.23 3.18 -16.83
C ALA B 233 37.42 2.51 -15.73
N VAL B 234 36.46 1.65 -16.11
CA VAL B 234 35.63 1.01 -15.11
C VAL B 234 36.49 0.21 -14.14
N GLU B 235 37.48 -0.50 -14.66
CA GLU B 235 38.34 -1.29 -13.79
C GLU B 235 39.06 -0.38 -12.79
N GLU B 236 39.55 0.77 -13.27
CA GLU B 236 40.28 1.67 -12.39
C GLU B 236 39.41 2.21 -11.26
N ILE B 237 38.09 2.09 -11.38
CA ILE B 237 37.19 2.55 -10.33
C ILE B 237 36.77 1.35 -9.49
N TRP B 238 36.69 0.18 -10.12
CA TRP B 238 36.18 -0.99 -9.41
C TRP B 238 37.18 -1.49 -8.37
N GLN B 239 38.46 -1.62 -8.76
CA GLN B 239 39.47 -2.18 -7.88
C GLN B 239 40.72 -1.33 -7.75
N GLY B 240 40.83 -0.24 -8.50
CA GLY B 240 42.03 0.57 -8.44
C GLY B 240 42.21 1.29 -7.11
N ILE B 241 41.12 1.76 -6.52
CA ILE B 241 41.19 2.66 -5.37
C ILE B 241 40.29 2.13 -4.26
N GLN B 242 40.55 2.61 -3.04
CA GLN B 242 39.78 2.22 -1.87
C GLN B 242 39.19 3.39 -1.09
N ASP B 243 39.64 4.62 -1.34
CA ASP B 243 39.04 5.78 -0.69
C ASP B 243 37.61 5.95 -1.18
N TRP B 244 36.66 6.00 -0.25
CA TRP B 244 35.24 6.04 -0.66
C TRP B 244 34.87 7.38 -1.27
N ASN B 245 35.41 8.48 -0.75
CA ASN B 245 35.16 9.79 -1.34
C ASN B 245 35.66 9.84 -2.78
N GLU B 246 36.87 9.33 -3.00
CA GLU B 246 37.42 9.30 -4.36
C GLU B 246 36.58 8.40 -5.26
N ILE B 247 36.11 7.27 -4.74
CA ILE B 247 35.29 6.37 -5.54
C ILE B 247 34.01 7.07 -5.98
N LEU B 248 33.34 7.75 -5.04
CA LEU B 248 32.07 8.44 -5.36
C LEU B 248 32.32 9.57 -6.36
N TRP B 249 33.39 10.34 -6.16
CA TRP B 249 33.66 11.47 -7.05
C TRP B 249 34.03 10.99 -8.45
N ALA B 250 34.83 9.94 -8.56
CA ALA B 250 35.26 9.47 -9.87
C ALA B 250 34.15 8.72 -10.60
N GLY B 251 33.27 8.04 -9.88
CA GLY B 251 32.25 7.26 -10.54
C GLY B 251 30.92 7.94 -10.76
N HIS B 252 30.68 9.10 -10.13
CA HIS B 252 29.41 9.77 -10.28
C HIS B 252 29.51 11.22 -10.71
N ALA B 253 30.69 11.84 -10.64
CA ALA B 253 30.82 13.25 -10.98
C ALA B 253 31.73 13.52 -12.17
N VAL B 254 32.56 12.56 -12.59
CA VAL B 254 33.47 12.78 -13.70
C VAL B 254 33.21 11.77 -14.80
N TYR B 255 33.43 10.49 -14.51
CA TYR B 255 33.30 9.48 -15.54
C TYR B 255 31.86 9.32 -15.99
N ASP B 256 30.93 9.16 -15.05
CA ASP B 256 29.54 8.93 -15.41
C ASP B 256 28.95 10.13 -16.13
N ALA B 257 29.05 11.31 -15.52
CA ALA B 257 28.36 12.50 -16.00
C ALA B 257 28.77 12.90 -17.41
N THR B 258 29.92 12.43 -17.89
CA THR B 258 30.30 12.67 -19.27
C THR B 258 30.05 11.44 -20.15
N PHE B 259 30.68 10.32 -19.83
CA PHE B 259 30.62 9.17 -20.75
C PHE B 259 29.24 8.56 -20.78
N GLY B 260 28.65 8.28 -19.61
CA GLY B 260 27.35 7.66 -19.59
C GLY B 260 26.28 8.56 -20.18
N GLN B 261 26.38 9.86 -19.90
CA GLN B 261 25.44 10.81 -20.48
C GLN B 261 25.54 10.81 -22.00
N PHE B 262 26.75 10.86 -22.55
CA PHE B 262 26.90 10.85 -23.99
C PHE B 262 26.39 9.55 -24.60
N ALA B 263 26.70 8.42 -23.96
CA ALA B 263 26.32 7.13 -24.53
C ALA B 263 24.81 6.93 -24.50
N ARG B 264 24.19 7.16 -23.34
CA ARG B 264 22.77 6.89 -23.20
C ARG B 264 21.91 7.95 -23.90
N ARG B 265 22.26 9.23 -23.75
CA ARG B 265 21.39 10.29 -24.22
C ARG B 265 21.72 10.77 -25.63
N GLU B 266 23.00 11.06 -25.89
CA GLU B 266 23.36 11.69 -27.15
C GLU B 266 23.48 10.72 -28.30
N PHE B 267 23.56 9.42 -28.05
CA PHE B 267 23.67 8.45 -29.14
C PHE B 267 22.47 7.53 -29.23
N PHE B 268 22.16 6.78 -28.16
CA PHE B 268 21.10 5.78 -28.27
C PHE B 268 19.73 6.43 -28.28
N GLN B 269 19.48 7.36 -27.36
CA GLN B 269 18.16 7.96 -27.24
C GLN B 269 17.78 8.75 -28.49
N ARG B 270 18.73 9.49 -29.06
CA ARG B 270 18.41 10.33 -30.22
C ARG B 270 18.32 9.50 -31.50
N LEU B 271 19.32 8.69 -31.78
CA LEU B 271 19.30 7.87 -32.98
C LEU B 271 18.19 6.83 -32.96
N ALA B 272 17.73 6.43 -31.77
CA ALA B 272 16.58 5.53 -31.69
C ALA B 272 15.35 6.19 -32.28
N THR B 273 15.11 7.46 -31.94
CA THR B 273 14.01 8.19 -32.56
C THR B 273 14.26 8.40 -34.05
N VAL B 274 15.49 8.80 -34.41
CA VAL B 274 15.78 9.13 -35.80
C VAL B 274 15.53 7.93 -36.71
N TYR B 275 15.83 6.73 -36.23
CA TYR B 275 15.67 5.52 -37.02
C TYR B 275 14.36 4.79 -36.73
N GLY B 276 13.36 5.50 -36.22
CA GLY B 276 12.03 4.93 -36.05
C GLY B 276 11.90 3.80 -35.03
N ASP B 277 12.51 3.96 -33.86
CA ASP B 277 12.36 3.00 -32.77
C ASP B 277 11.55 3.65 -31.65
N THR B 278 10.54 2.94 -31.16
CA THR B 278 9.61 3.48 -30.18
C THR B 278 9.69 2.76 -28.83
N LEU B 279 10.76 2.03 -28.57
CA LEU B 279 10.87 1.25 -27.35
C LEU B 279 12.06 1.65 -26.49
N THR B 280 13.21 1.96 -27.10
CA THR B 280 14.37 2.40 -26.32
C THR B 280 14.13 3.67 -25.50
N PRO B 281 13.45 4.71 -26.02
CA PRO B 281 13.24 5.90 -25.18
C PRO B 281 12.52 5.62 -23.88
N PHE B 282 11.63 4.63 -23.86
CA PHE B 282 10.91 4.31 -22.63
C PHE B 282 11.85 3.91 -21.50
N PHE B 283 12.98 3.27 -21.83
CA PHE B 283 13.95 2.87 -20.81
C PHE B 283 15.01 3.94 -20.58
N THR B 284 15.41 4.65 -21.64
CA THR B 284 16.36 5.75 -21.44
C THR B 284 15.76 6.84 -20.56
N ALA B 285 14.44 7.01 -20.57
CA ALA B 285 13.81 7.98 -19.68
C ALA B 285 14.01 7.60 -18.22
N GLN B 286 13.82 6.33 -17.88
CA GLN B 286 14.05 5.88 -16.52
C GLN B 286 15.50 6.03 -16.13
N SER B 287 16.42 5.70 -17.05
CA SER B 287 17.84 5.87 -16.76
C SER B 287 18.16 7.33 -16.46
N GLN B 288 17.61 8.25 -17.26
CA GLN B 288 17.86 9.67 -17.04
C GLN B 288 17.30 10.14 -15.71
N THR B 289 16.10 9.67 -15.35
CA THR B 289 15.51 10.05 -14.07
C THR B 289 16.38 9.60 -12.91
N TYR B 290 16.85 8.36 -12.96
CA TYR B 290 17.71 7.85 -11.90
C TYR B 290 19.01 8.65 -11.83
N PHE B 291 19.58 8.98 -12.98
CA PHE B 291 20.82 9.75 -12.98
C PHE B 291 20.63 11.11 -12.34
N GLN B 292 19.52 11.80 -12.66
CA GLN B 292 19.28 13.11 -12.07
C GLN B 292 19.08 13.02 -10.57
N THR B 293 18.34 12.02 -10.11
CA THR B 293 18.13 11.85 -8.68
C THR B 293 19.45 11.61 -7.95
N THR B 294 20.33 10.78 -8.51
CA THR B 294 21.63 10.56 -7.89
C THR B 294 22.49 11.82 -7.94
N ARG B 295 22.42 12.56 -9.05
CA ARG B 295 23.23 13.76 -9.22
C ARG B 295 22.91 14.80 -8.16
N GLY B 296 21.63 14.96 -7.82
CA GLY B 296 21.27 15.93 -6.81
C GLY B 296 21.97 15.66 -5.48
N ALA B 297 21.92 14.41 -5.03
CA ALA B 297 22.54 14.05 -3.76
C ALA B 297 24.06 14.17 -3.82
N ILE B 298 24.67 13.75 -4.93
CA ILE B 298 26.13 13.85 -5.04
C ILE B 298 26.58 15.30 -5.00
N GLU B 299 25.86 16.17 -5.73
CA GLU B 299 26.20 17.59 -5.73
C GLU B 299 26.04 18.19 -4.34
N ASP B 300 24.96 17.84 -3.64
CA ASP B 300 24.77 18.36 -2.29
C ASP B 300 25.89 17.90 -1.36
N LEU B 301 26.30 16.64 -1.48
CA LEU B 301 27.36 16.14 -0.59
C LEU B 301 28.69 16.82 -0.86
N PHE B 302 29.06 16.98 -2.13
CA PHE B 302 30.42 17.43 -2.42
C PHE B 302 30.55 18.96 -2.48
N VAL B 303 29.63 19.64 -3.17
CA VAL B 303 29.77 21.07 -3.34
C VAL B 303 29.52 21.80 -2.02
N TYR B 304 28.52 21.37 -1.25
CA TYR B 304 28.09 22.09 -0.06
C TYR B 304 28.89 21.70 1.17
N CYS B 305 28.88 20.42 1.53
CA CYS B 305 29.45 20.01 2.81
C CYS B 305 30.97 20.04 2.80
N LEU B 306 31.59 19.55 1.74
CA LEU B 306 33.03 19.32 1.72
C LEU B 306 33.81 20.46 1.08
N ALA B 307 33.49 20.80 -0.17
CA ALA B 307 34.24 21.81 -0.89
C ALA B 307 34.06 23.21 -0.31
N ASN B 308 33.02 23.41 0.48
CA ASN B 308 32.74 24.71 1.09
C ASN B 308 32.82 24.64 2.62
N ASP B 309 33.68 23.78 3.13
CA ASP B 309 33.87 23.67 4.57
C ASP B 309 34.45 24.97 5.12
N PRO B 310 34.00 25.42 6.29
CA PRO B 310 34.52 26.69 6.83
C PRO B 310 36.02 26.70 7.07
N GLU B 311 36.62 25.55 7.40
CA GLU B 311 38.03 25.51 7.73
C GLU B 311 38.86 24.62 6.81
N PHE B 312 38.25 23.58 6.22
CA PHE B 312 38.95 22.63 5.36
C PHE B 312 38.56 22.81 3.90
N GLY B 313 38.38 24.05 3.46
CA GLY B 313 37.98 24.30 2.10
C GLY B 313 39.07 24.04 1.06
N ALA B 314 40.17 24.79 1.17
CA ALA B 314 41.24 24.67 0.18
C ALA B 314 41.89 23.29 0.22
N HIS B 315 41.99 22.71 1.41
CA HIS B 315 42.60 21.39 1.53
C HIS B 315 41.80 20.34 0.76
N ASN B 316 40.48 20.40 0.83
CA ASN B 316 39.65 19.48 0.07
C ASN B 316 39.64 19.83 -1.41
N ARG B 317 39.67 21.13 -1.72
CA ARG B 317 39.64 21.55 -3.13
C ARG B 317 40.88 21.05 -3.87
N THR B 318 42.04 21.05 -3.22
CA THR B 318 43.25 20.56 -3.86
C THR B 318 43.10 19.11 -4.28
N PHE B 319 42.63 18.25 -3.38
CA PHE B 319 42.45 16.85 -3.70
C PHE B 319 41.37 16.67 -4.77
N LEU B 320 40.30 17.46 -4.69
CA LEU B 320 39.24 17.35 -5.70
C LEU B 320 39.78 17.66 -7.09
N ASN B 321 40.56 18.73 -7.23
CA ASN B 321 41.14 19.06 -8.52
C ASN B 321 42.13 17.98 -8.99
N ALA B 322 42.94 17.46 -8.06
CA ALA B 322 43.91 16.43 -8.43
C ALA B 322 43.21 15.19 -8.97
N TRP B 323 42.12 14.77 -8.33
CA TRP B 323 41.38 13.63 -8.86
C TRP B 323 40.66 13.98 -10.16
N THR B 324 40.13 15.20 -10.24
CA THR B 324 39.32 15.58 -11.39
C THR B 324 40.12 15.58 -12.67
N GLU B 325 41.34 16.11 -12.64
CA GLU B 325 42.12 16.17 -13.87
C GLU B 325 42.43 14.76 -14.39
N HIS B 326 42.83 13.86 -13.51
CA HIS B 326 43.18 12.49 -13.90
C HIS B 326 41.96 11.76 -14.47
N TYR B 327 40.83 11.82 -13.76
CA TYR B 327 39.67 11.06 -14.22
C TYR B 327 39.02 11.71 -15.44
N LEU B 328 39.15 13.03 -15.60
CA LEU B 328 38.69 13.66 -16.83
C LEU B 328 39.53 13.23 -18.02
N ALA B 329 40.84 13.10 -17.83
CA ALA B 329 41.68 12.58 -18.90
C ALA B 329 41.26 11.16 -19.27
N ARG B 330 41.00 10.31 -18.27
CA ARG B 330 40.57 8.95 -18.56
C ARG B 330 39.23 8.93 -19.30
N SER B 331 38.28 9.77 -18.87
CA SER B 331 36.98 9.81 -19.54
C SER B 331 37.10 10.33 -20.97
N VAL B 332 37.97 11.30 -21.22
CA VAL B 332 38.15 11.77 -22.63
C VAL B 332 38.66 10.59 -23.48
N THR B 333 39.70 9.90 -23.01
CA THR B 333 40.26 8.75 -23.74
C THR B 333 39.17 7.72 -24.01
N ALA B 334 38.28 7.50 -23.05
CA ALA B 334 37.18 6.57 -23.30
C ALA B 334 36.24 7.10 -24.37
N LEU B 335 35.90 8.39 -24.31
CA LEU B 335 35.00 8.97 -25.30
C LEU B 335 35.63 8.97 -26.69
N LYS B 336 36.93 9.28 -26.77
CA LYS B 336 37.61 9.25 -28.06
C LYS B 336 37.62 7.85 -28.64
N ASP B 337 37.83 6.83 -27.80
CA ASP B 337 37.78 5.46 -28.29
C ASP B 337 36.37 5.10 -28.75
N PHE B 338 35.34 5.54 -28.01
CA PHE B 338 33.97 5.14 -28.30
C PHE B 338 33.40 5.82 -29.54
N VAL B 339 33.80 7.06 -29.82
CA VAL B 339 33.15 7.84 -30.87
C VAL B 339 33.31 7.22 -32.26
N GLY B 340 34.14 6.18 -32.39
CA GLY B 340 34.30 5.51 -33.67
C GLY B 340 33.14 4.64 -34.09
N ILE B 341 32.09 4.54 -33.27
CA ILE B 341 30.92 3.75 -33.64
C ILE B 341 30.11 4.40 -34.75
N TYR B 342 30.34 5.69 -35.03
CA TYR B 342 29.54 6.42 -35.99
C TYR B 342 29.74 5.93 -37.42
N ALA B 343 30.74 5.10 -37.68
CA ALA B 343 30.97 4.56 -39.02
C ALA B 343 30.11 3.34 -39.32
N LYS B 344 29.31 2.86 -38.35
CA LYS B 344 28.47 1.69 -38.54
C LYS B 344 27.00 2.05 -38.74
N VAL B 345 26.68 3.32 -38.94
CA VAL B 345 25.30 3.75 -39.09
C VAL B 345 25.17 4.58 -40.37
N GLU B 346 23.97 4.59 -40.93
CA GLU B 346 23.70 5.36 -42.15
C GLU B 346 23.81 6.86 -41.87
N LYS B 347 24.35 7.58 -42.84
CA LYS B 347 24.58 9.01 -42.66
C LYS B 347 23.26 9.77 -42.61
N VAL B 348 23.13 10.65 -41.62
CA VAL B 348 21.99 11.55 -41.49
C VAL B 348 22.52 12.95 -41.23
N ALA B 349 22.12 13.90 -42.06
CA ALA B 349 22.64 15.25 -41.95
C ALA B 349 22.17 15.90 -40.64
N GLY B 350 23.12 16.45 -39.89
CA GLY B 350 22.82 17.14 -38.65
C GLY B 350 22.77 16.25 -37.42
N ALA B 351 22.86 14.93 -37.57
CA ALA B 351 22.79 14.03 -36.43
C ALA B 351 23.93 13.02 -36.45
N THR B 352 24.45 12.71 -37.64
CA THR B 352 25.51 11.74 -37.79
C THR B 352 26.80 12.32 -38.36
N ASP B 353 26.74 13.42 -39.10
CA ASP B 353 27.93 14.03 -39.66
C ASP B 353 28.78 14.65 -38.55
N ARG B 354 29.89 15.27 -38.94
CA ARG B 354 30.83 15.81 -37.97
C ARG B 354 30.21 16.93 -37.16
N ALA B 355 29.38 17.77 -37.79
CA ALA B 355 28.79 18.90 -37.09
C ALA B 355 27.89 18.45 -35.94
N GLY B 356 27.07 17.42 -36.17
CA GLY B 356 26.20 16.94 -35.10
C GLY B 356 26.96 16.37 -33.94
N VAL B 357 28.00 15.58 -34.21
CA VAL B 357 28.81 15.02 -33.14
C VAL B 357 29.51 16.13 -32.36
N SER B 358 30.03 17.13 -33.07
CA SER B 358 30.66 18.25 -32.40
C SER B 358 29.67 19.00 -31.50
N GLU B 359 28.45 19.21 -32.00
CA GLU B 359 27.44 19.89 -31.19
C GLU B 359 27.08 19.09 -29.95
N ALA B 360 26.93 17.77 -30.10
CA ALA B 360 26.61 16.93 -28.94
C ALA B 360 27.73 16.97 -27.90
N LEU B 361 28.98 16.88 -28.36
CA LEU B 361 30.10 16.93 -27.42
C LEU B 361 30.17 18.28 -26.72
N GLN B 362 29.94 19.37 -27.46
CA GLN B 362 29.94 20.68 -26.84
C GLN B 362 28.83 20.81 -25.80
N ARG B 363 27.65 20.28 -26.10
CA ARG B 363 26.56 20.31 -25.14
C ARG B 363 26.91 19.57 -23.87
N VAL B 364 27.45 18.35 -24.01
CA VAL B 364 27.78 17.54 -22.85
C VAL B 364 28.85 18.23 -22.00
N PHE B 365 29.90 18.73 -22.64
CA PHE B 365 31.00 19.31 -21.90
C PHE B 365 30.59 20.64 -21.25
N GLY B 366 29.76 21.43 -21.93
CA GLY B 366 29.26 22.65 -21.31
C GLY B 366 28.37 22.37 -20.11
N ASP B 367 27.51 21.36 -20.22
CA ASP B 367 26.69 20.98 -19.07
C ASP B 367 27.55 20.54 -17.90
N TRP B 368 28.59 19.73 -18.18
CA TRP B 368 29.46 19.29 -17.10
C TRP B 368 30.21 20.47 -16.47
N LYS B 369 30.69 21.40 -17.31
CA LYS B 369 31.41 22.56 -16.79
C LYS B 369 30.51 23.41 -15.90
N VAL B 370 29.26 23.61 -16.31
CA VAL B 370 28.34 24.40 -15.50
C VAL B 370 28.01 23.68 -14.19
N ASP B 371 27.73 22.38 -14.26
CA ASP B 371 27.22 21.67 -13.09
C ASP B 371 28.29 21.46 -12.03
N TYR B 372 29.48 21.00 -12.43
CA TYR B 372 30.49 20.55 -11.47
C TYR B 372 31.74 21.40 -11.47
N ALA B 373 32.35 21.64 -12.62
CA ALA B 373 33.68 22.24 -12.66
C ALA B 373 33.70 23.64 -12.06
N ASP B 374 32.68 24.44 -12.37
CA ASP B 374 32.66 25.82 -11.89
C ASP B 374 32.47 25.91 -10.38
N LYS B 375 31.92 24.87 -9.75
CA LYS B 375 31.67 24.92 -8.31
C LYS B 375 32.94 24.71 -7.49
N ILE B 376 33.87 23.89 -7.97
CA ILE B 376 35.08 23.58 -7.23
C ILE B 376 36.30 24.33 -7.76
N GLY B 377 36.10 25.26 -8.70
CA GLY B 377 37.20 26.06 -9.20
C GLY B 377 38.04 25.44 -10.28
N PHE B 378 37.60 24.32 -10.85
CA PHE B 378 38.35 23.69 -11.94
C PHE B 378 38.29 24.55 -13.20
N ASN B 379 39.37 24.51 -13.98
CA ASN B 379 39.48 25.26 -15.22
C ASN B 379 39.47 24.28 -16.39
N ILE B 380 38.50 24.46 -17.29
CA ILE B 380 38.34 23.58 -18.45
C ILE B 380 38.00 24.43 -19.66
N ASP B 381 38.57 24.06 -20.82
CA ASP B 381 38.25 24.75 -22.10
C ASP B 381 37.61 23.73 -23.03
N VAL B 382 36.31 23.88 -23.31
CA VAL B 382 35.58 22.84 -24.09
C VAL B 382 36.21 22.62 -25.46
N ASP B 383 36.64 23.66 -26.18
CA ASP B 383 37.09 23.42 -27.55
C ASP B 383 38.24 22.40 -27.59
N GLN B 384 39.18 22.50 -26.64
CA GLN B 384 40.30 21.57 -26.61
C GLN B 384 39.83 20.14 -26.40
N LYS B 385 38.91 19.96 -25.46
CA LYS B 385 38.38 18.60 -25.18
C LYS B 385 37.59 18.11 -26.40
N VAL B 386 36.84 19.00 -27.04
CA VAL B 386 35.99 18.61 -28.17
C VAL B 386 36.84 18.13 -29.34
N ASP B 387 37.84 18.91 -29.73
CA ASP B 387 38.63 18.49 -30.87
C ASP B 387 39.62 17.37 -30.52
N ALA B 388 40.02 17.25 -29.25
CA ALA B 388 40.78 16.08 -28.84
C ALA B 388 39.95 14.81 -29.00
N VAL B 389 38.66 14.87 -28.65
CA VAL B 389 37.80 13.72 -28.85
C VAL B 389 37.58 13.46 -30.35
N LEU B 390 37.33 14.52 -31.12
CA LEU B 390 37.07 14.36 -32.55
C LEU B 390 38.29 13.96 -33.34
N ALA B 391 39.49 14.05 -32.76
CA ALA B 391 40.68 13.54 -33.45
C ALA B 391 40.53 12.06 -33.79
N GLY B 392 39.80 11.31 -32.97
CA GLY B 392 39.53 9.91 -33.24
C GLY B 392 38.35 9.64 -34.15
N PHE B 393 37.63 10.68 -34.57
CA PHE B 393 36.51 10.52 -35.48
C PHE B 393 37.02 10.35 -36.91
N LYS B 394 36.52 9.34 -37.60
CA LYS B 394 36.93 9.06 -38.97
C LYS B 394 35.86 9.58 -39.94
N ASN B 395 36.33 10.18 -41.03
CA ASN B 395 35.42 10.74 -42.03
C ASN B 395 35.10 9.70 -43.10
N ARG C 4 37.60 13.90 38.60
CA ARG C 4 38.61 14.39 37.68
C ARG C 4 38.10 15.59 36.89
N GLU C 5 38.02 15.43 35.57
CA GLU C 5 37.64 16.48 34.65
C GLU C 5 36.59 15.96 33.68
N PRO C 6 35.79 16.84 33.09
CA PRO C 6 34.76 16.39 32.16
C PRO C 6 35.34 15.66 30.95
N ILE C 7 34.52 14.80 30.36
CA ILE C 7 34.99 13.95 29.26
C ILE C 7 35.39 14.81 28.05
N HIS C 8 34.54 15.77 27.69
CA HIS C 8 34.73 16.50 26.45
C HIS C 8 35.59 17.75 26.59
N GLU C 9 35.78 18.23 27.81
CA GLU C 9 36.54 19.49 28.00
C GLU C 9 37.46 19.34 29.21
N ASN C 10 38.75 19.09 28.97
CA ASN C 10 39.73 18.91 30.07
C ASN C 10 40.96 19.75 29.73
N SER C 11 41.72 20.15 30.75
CA SER C 11 42.91 20.98 30.51
C SER C 11 43.92 20.19 29.65
N THR C 12 44.08 18.90 29.92
CA THR C 12 45.01 18.06 29.15
C THR C 12 44.85 18.36 27.65
N ARG C 13 43.62 18.54 27.19
CA ARG C 13 43.35 18.77 25.77
C ARG C 13 43.73 20.19 25.36
N THR C 14 43.38 21.15 26.20
CA THR C 14 43.71 22.57 25.88
C THR C 14 45.22 22.72 25.77
N GLU C 15 45.96 22.25 26.78
CA GLU C 15 47.44 22.36 26.76
C GLU C 15 47.98 21.73 25.49
N TRP C 16 47.58 20.49 25.22
CA TRP C 16 48.14 19.79 24.07
C TRP C 16 47.82 20.50 22.76
N GLU C 17 46.61 21.03 22.65
CA GLU C 17 46.21 21.77 21.43
C GLU C 17 47.06 23.04 21.31
N GLY C 18 47.27 23.73 22.43
CA GLY C 18 48.09 24.93 22.41
C GLY C 18 49.52 24.67 21.97
N LYS C 19 50.10 23.57 22.45
CA LYS C 19 51.45 23.23 22.02
C LYS C 19 51.48 22.67 20.59
N ILE C 20 50.35 22.11 20.12
CA ILE C 20 50.27 21.63 18.74
C ILE C 20 50.26 22.80 17.77
N ALA C 21 49.57 23.88 18.13
CA ALA C 21 49.31 24.98 17.19
C ALA C 21 50.59 25.61 16.65
N LYS C 22 51.72 25.46 17.35
CA LYS C 22 52.98 26.05 16.89
C LYS C 22 53.82 25.00 16.14
N LEU C 23 53.32 24.64 14.96
CA LEU C 23 54.04 23.77 14.03
C LEU C 23 54.01 24.43 12.66
N ASN C 24 55.17 24.48 12.00
CA ASN C 24 55.26 25.23 10.75
C ASN C 24 56.09 24.54 9.67
N SER C 25 56.34 23.24 9.79
CA SER C 25 57.09 22.54 8.76
C SER C 25 56.64 21.09 8.71
N VAL C 26 56.82 20.46 7.55
CA VAL C 26 56.34 19.10 7.35
C VAL C 26 57.18 18.10 8.13
N ASP C 27 58.51 18.24 8.09
CA ASP C 27 59.38 17.27 8.76
C ASP C 27 59.21 17.31 10.27
N GLN C 28 59.12 18.52 10.84
CA GLN C 28 58.92 18.63 12.28
C GLN C 28 57.60 18.01 12.71
N ALA C 29 56.53 18.27 11.94
CA ALA C 29 55.24 17.67 12.25
C ALA C 29 55.29 16.16 12.14
N THR C 30 56.01 15.64 11.14
CA THR C 30 56.13 14.19 10.99
C THR C 30 56.85 13.56 12.18
N LYS C 31 57.96 14.17 12.60
CA LYS C 31 58.66 13.67 13.77
C LYS C 31 57.77 13.72 15.01
N PHE C 32 57.03 14.82 15.18
CA PHE C 32 56.14 14.95 16.33
C PHE C 32 55.08 13.87 16.34
N ILE C 33 54.43 13.63 15.19
CA ILE C 33 53.35 12.66 15.16
C ILE C 33 53.89 11.25 15.34
N GLN C 34 55.07 10.95 14.77
CA GLN C 34 55.64 9.63 14.96
C GLN C 34 56.00 9.37 16.41
N ASP C 35 56.61 10.36 17.08
CA ASP C 35 56.92 10.19 18.50
C ASP C 35 55.66 10.03 19.34
N PHE C 36 54.63 10.83 19.06
CA PHE C 36 53.39 10.71 19.81
C PHE C 36 52.74 9.35 19.61
N ARG C 37 52.73 8.85 18.38
CA ARG C 37 52.12 7.55 18.12
C ARG C 37 52.89 6.43 18.79
N VAL C 38 54.23 6.51 18.77
CA VAL C 38 55.03 5.47 19.42
C VAL C 38 54.81 5.50 20.94
N ALA C 39 54.69 6.70 21.51
CA ALA C 39 54.68 6.81 22.97
C ALA C 39 53.36 6.36 23.57
N TYR C 40 52.22 6.73 22.98
CA TYR C 40 50.94 6.60 23.66
C TYR C 40 49.87 5.84 22.88
N SER C 41 50.24 5.21 21.76
CA SER C 41 49.18 4.63 20.89
C SER C 41 49.44 3.17 20.54
N SER C 42 49.61 2.33 21.54
CA SER C 42 49.75 0.90 21.31
C SER C 42 49.53 0.18 22.63
N PRO C 43 49.20 -1.12 22.59
CA PRO C 43 49.28 -1.92 23.82
C PRO C 43 50.69 -2.02 24.37
N PHE C 44 51.70 -1.79 23.54
CA PHE C 44 53.09 -1.72 23.98
C PHE C 44 53.54 -0.28 24.22
N ARG C 45 52.62 0.59 24.63
CA ARG C 45 52.95 1.98 24.85
C ARG C 45 53.85 2.13 26.07
N LYS C 46 54.62 3.22 26.09
CA LYS C 46 55.52 3.47 27.20
C LYS C 46 54.78 3.97 28.44
N SER C 47 53.73 4.77 28.25
CA SER C 47 53.04 5.39 29.37
C SER C 47 51.53 5.26 29.18
N TYR C 48 50.82 5.10 30.29
CA TYR C 48 49.36 5.02 30.30
C TYR C 48 48.71 6.25 30.92
N ASP C 49 49.48 7.30 31.20
CA ASP C 49 48.92 8.47 31.88
C ASP C 49 47.94 9.22 30.99
N LEU C 50 48.15 9.24 29.68
CA LEU C 50 47.31 9.97 28.74
C LEU C 50 46.32 9.03 28.05
N ASP C 51 45.81 8.05 28.81
CA ASP C 51 45.00 6.98 28.22
C ASP C 51 43.68 7.50 27.66
N VAL C 52 43.01 8.40 28.38
CA VAL C 52 41.63 8.75 28.04
C VAL C 52 41.57 9.98 27.14
N ASP C 53 42.73 10.43 26.65
CA ASP C 53 42.75 11.63 25.81
C ASP C 53 43.68 11.55 24.62
N TYR C 54 44.34 10.42 24.38
CA TYR C 54 45.37 10.40 23.33
C TYR C 54 44.78 10.35 21.92
N GLN C 55 43.58 9.80 21.75
CA GLN C 55 43.00 9.70 20.41
C GLN C 55 42.56 11.07 19.90
N TYR C 56 42.00 11.91 20.77
CA TYR C 56 41.64 13.26 20.36
C TYR C 56 42.87 14.07 19.95
N ILE C 57 43.95 13.95 20.74
CA ILE C 57 45.18 14.66 20.41
C ILE C 57 45.76 14.14 19.10
N GLU C 58 45.69 12.82 18.88
CA GLU C 58 46.16 12.27 17.61
C GLU C 58 45.36 12.81 16.44
N ARG C 59 44.03 12.93 16.61
CA ARG C 59 43.21 13.52 15.56
C ARG C 59 43.62 14.95 15.27
N LYS C 60 43.88 15.74 16.32
CA LYS C 60 44.30 17.12 16.11
C LYS C 60 45.65 17.19 15.39
N ILE C 61 46.59 16.33 15.76
CA ILE C 61 47.88 16.30 15.07
C ILE C 61 47.71 15.93 13.62
N GLU C 62 46.86 14.94 13.33
CA GLU C 62 46.61 14.55 11.95
C GLU C 62 46.03 15.70 11.14
N GLU C 63 45.07 16.42 11.72
CA GLU C 63 44.50 17.56 11.01
C GLU C 63 45.53 18.64 10.75
N ARG C 64 46.38 18.93 11.74
CA ARG C 64 47.41 19.95 11.56
C ARG C 64 48.41 19.55 10.47
N LEU C 65 48.83 18.28 10.48
CA LEU C 65 49.78 17.82 9.47
C LEU C 65 49.15 17.84 8.07
N SER C 66 47.87 17.46 7.96
CA SER C 66 47.21 17.51 6.67
C SER C 66 47.08 18.93 6.16
N VAL C 67 46.81 19.89 7.05
CA VAL C 67 46.74 21.28 6.64
C VAL C 67 48.12 21.79 6.22
N LEU C 68 49.18 21.38 6.93
CA LEU C 68 50.52 21.76 6.52
C LEU C 68 50.87 21.20 5.15
N LYS C 69 50.47 19.96 4.87
CA LYS C 69 50.56 19.43 3.53
C LYS C 69 49.60 20.19 2.61
N THR C 70 49.62 19.86 1.33
CA THR C 70 48.82 20.53 0.30
C THR C 70 49.10 22.03 0.25
N GLU C 71 50.21 22.46 0.83
CA GLU C 71 50.66 23.85 0.76
C GLU C 71 52.12 24.00 0.42
N LYS C 72 52.95 22.99 0.67
CA LYS C 72 54.37 23.02 0.33
C LYS C 72 54.79 21.77 -0.44
N LEU C 73 53.82 21.02 -0.97
CA LEU C 73 54.10 19.77 -1.68
C LEU C 73 53.36 19.77 -3.00
N SER C 74 53.96 19.12 -4.00
CA SER C 74 53.34 18.98 -5.31
C SER C 74 52.32 17.86 -5.31
N VAL C 75 51.54 17.80 -6.39
CA VAL C 75 50.52 16.77 -6.53
C VAL C 75 51.16 15.39 -6.57
N ALA C 76 52.25 15.25 -7.33
CA ALA C 76 52.94 13.97 -7.39
C ALA C 76 53.46 13.55 -6.03
N ASP C 77 53.99 14.50 -5.26
CA ASP C 77 54.41 14.20 -3.89
C ASP C 77 53.22 13.79 -3.03
N LEU C 78 52.09 14.46 -3.20
CA LEU C 78 50.91 14.12 -2.41
C LEU C 78 50.37 12.74 -2.76
N VAL C 79 50.60 12.26 -3.97
CA VAL C 79 49.97 11.03 -4.42
C VAL C 79 50.90 9.83 -4.28
N THR C 80 52.07 9.88 -4.91
CA THR C 80 52.93 8.71 -5.05
C THR C 80 54.18 8.77 -4.19
N LYS C 81 54.22 9.66 -3.19
CA LYS C 81 55.41 9.79 -2.36
C LYS C 81 55.01 9.91 -0.90
N ALA C 82 55.73 9.19 -0.04
CA ALA C 82 55.50 9.29 1.39
C ALA C 82 56.01 10.62 1.92
N THR C 83 55.59 11.00 3.14
CA THR C 83 55.93 12.35 3.68
C THR C 83 57.33 12.46 4.30
N THR C 84 58.01 11.33 4.42
CA THR C 84 59.40 11.33 4.95
C THR C 84 60.37 11.33 3.75
N GLY C 85 59.87 11.67 2.57
CA GLY C 85 60.74 11.76 1.37
C GLY C 85 61.00 10.46 0.64
N GLU C 86 60.35 9.36 1.04
CA GLU C 86 60.62 8.05 0.39
C GLU C 86 59.42 7.65 -0.47
N ASP C 87 59.66 6.91 -1.56
CA ASP C 87 58.56 6.46 -2.44
C ASP C 87 57.66 5.51 -1.65
N ALA C 88 56.34 5.63 -1.82
CA ALA C 88 55.38 4.77 -1.10
C ALA C 88 55.53 3.31 -1.49
N ALA C 89 55.74 3.03 -2.78
CA ALA C 89 55.73 1.62 -3.24
C ALA C 89 56.84 0.80 -2.58
N ALA C 90 58.04 1.37 -2.45
CA ALA C 90 59.16 0.58 -1.89
C ALA C 90 58.81 0.16 -0.47
N VAL C 91 58.39 1.11 0.35
CA VAL C 91 58.06 0.85 1.76
C VAL C 91 57.16 -0.37 1.87
N GLU C 92 56.14 -0.44 1.02
CA GLU C 92 55.21 -1.55 1.06
C GLU C 92 55.92 -2.87 0.80
N ALA C 93 56.77 -2.90 -0.23
CA ALA C 93 57.48 -4.12 -0.55
C ALA C 93 58.42 -4.54 0.58
N ALA C 94 59.14 -3.57 1.15
CA ALA C 94 60.09 -3.89 2.22
C ALA C 94 59.37 -4.46 3.44
N TRP C 95 58.25 -3.85 3.84
CA TRP C 95 57.55 -4.34 5.01
C TRP C 95 56.85 -5.66 4.74
N ILE C 96 56.38 -5.88 3.51
CA ILE C 96 55.82 -7.19 3.16
C ILE C 96 56.89 -8.27 3.28
N ALA C 97 58.10 -7.99 2.78
CA ALA C 97 59.19 -8.95 2.90
C ALA C 97 59.55 -9.20 4.37
N LYS C 98 59.58 -8.14 5.17
CA LYS C 98 59.91 -8.30 6.59
C LYS C 98 58.88 -9.17 7.29
N MET C 99 57.59 -8.96 7.00
CA MET C 99 56.55 -9.78 7.60
C MET C 99 56.64 -11.23 7.13
N LYS C 100 56.95 -11.42 5.84
CA LYS C 100 57.05 -12.78 5.32
C LYS C 100 58.21 -13.54 5.97
N ALA C 101 59.31 -12.84 6.25
CA ALA C 101 60.45 -13.49 6.88
C ALA C 101 60.20 -13.89 8.33
N ALA C 102 59.12 -13.43 8.94
CA ALA C 102 58.84 -13.75 10.33
C ALA C 102 58.58 -15.24 10.52
N GLU C 103 58.98 -15.76 11.67
CA GLU C 103 58.90 -17.18 11.96
C GLU C 103 57.98 -17.54 13.13
N SER C 104 57.62 -16.58 13.97
CA SER C 104 56.80 -16.86 15.15
C SER C 104 55.62 -15.91 15.18
N LYS C 105 54.54 -16.34 15.83
CA LYS C 105 53.35 -15.51 15.95
C LYS C 105 53.53 -14.34 16.89
N TYR C 106 54.62 -14.29 17.65
CA TYR C 106 54.87 -13.16 18.55
C TYR C 106 55.72 -12.07 17.91
N ALA C 107 56.39 -12.36 16.79
CA ALA C 107 57.14 -11.34 16.08
C ALA C 107 56.33 -10.69 14.97
N ALA C 108 55.42 -11.44 14.34
CA ALA C 108 54.58 -10.87 13.29
C ALA C 108 53.69 -9.78 13.83
N GLU C 109 53.12 -9.98 15.02
CA GLU C 109 52.28 -8.95 15.62
C GLU C 109 53.10 -7.70 15.95
N ARG C 110 54.34 -7.89 16.40
CA ARG C 110 55.20 -6.75 16.67
C ARG C 110 55.51 -5.98 15.40
N ILE C 111 55.79 -6.69 14.31
CA ILE C 111 56.05 -6.01 13.02
C ILE C 111 54.82 -5.24 12.58
N HIS C 112 53.64 -5.86 12.67
CA HIS C 112 52.42 -5.18 12.26
C HIS C 112 52.16 -3.93 13.11
N ILE C 113 52.35 -4.04 14.43
CA ILE C 113 52.14 -2.91 15.31
C ILE C 113 53.11 -1.78 14.98
N GLU C 114 54.38 -2.12 14.76
CA GLU C 114 55.37 -1.10 14.43
C GLU C 114 55.03 -0.41 13.11
N PHE C 115 54.61 -1.19 12.10
CA PHE C 115 54.24 -0.58 10.83
C PHE C 115 53.06 0.36 10.98
N ARG C 116 52.05 -0.05 11.75
CA ARG C 116 50.89 0.81 11.95
C ARG C 116 51.28 2.08 12.71
N GLN C 117 52.18 1.96 13.68
CA GLN C 117 52.61 3.13 14.44
C GLN C 117 53.41 4.10 13.57
N LEU C 118 54.26 3.59 12.68
CA LEU C 118 55.14 4.45 11.93
C LEU C 118 54.44 5.10 10.74
N TYR C 119 53.95 4.29 9.81
CA TYR C 119 53.40 4.78 8.55
C TYR C 119 51.87 4.68 8.59
N LYS C 120 51.22 5.72 9.09
CA LYS C 120 49.78 5.84 9.07
C LYS C 120 49.41 7.20 8.53
N PRO C 121 48.33 7.30 7.74
CA PRO C 121 47.94 8.60 7.17
C PRO C 121 47.81 9.66 8.25
N PRO C 122 48.12 10.92 7.94
CA PRO C 122 48.47 11.41 6.59
C PRO C 122 49.96 11.26 6.22
N VAL C 123 50.72 10.47 6.97
CA VAL C 123 52.12 10.26 6.63
C VAL C 123 52.23 9.52 5.30
N LEU C 124 51.39 8.50 5.08
CA LEU C 124 51.44 7.68 3.89
C LEU C 124 50.12 7.79 3.13
N PRO C 125 50.15 7.65 1.79
CA PRO C 125 48.91 7.70 1.02
C PRO C 125 47.92 6.62 1.46
N VAL C 126 46.63 6.96 1.37
CA VAL C 126 45.59 6.11 1.93
C VAL C 126 45.52 4.77 1.23
N ASN C 127 45.57 4.76 -0.10
CA ASN C 127 45.40 3.51 -0.85
C ASN C 127 46.57 2.59 -0.55
N VAL C 128 47.77 3.16 -0.59
CA VAL C 128 49.01 2.35 -0.35
C VAL C 128 48.90 1.74 1.05
N PHE C 129 48.48 2.53 2.03
CA PHE C 129 48.38 2.02 3.42
C PHE C 129 47.34 0.91 3.50
N LEU C 130 46.14 1.13 2.99
CA LEU C 130 45.07 0.15 3.12
C LEU C 130 45.45 -1.18 2.50
N ARG C 131 46.07 -1.13 1.31
CA ARG C 131 46.49 -2.37 0.65
C ARG C 131 47.52 -3.12 1.49
N THR C 132 48.53 -2.40 2.00
CA THR C 132 49.56 -3.04 2.81
C THR C 132 48.98 -3.58 4.12
N ASP C 133 48.04 -2.84 4.71
CA ASP C 133 47.41 -3.30 5.94
C ASP C 133 46.64 -4.60 5.73
N ALA C 134 45.90 -4.69 4.63
CA ALA C 134 45.19 -5.93 4.34
C ALA C 134 46.17 -7.08 4.10
N ALA C 135 47.25 -6.81 3.36
CA ALA C 135 48.22 -7.86 3.08
C ALA C 135 48.87 -8.38 4.35
N LEU C 136 49.22 -7.47 5.27
CA LEU C 136 49.83 -7.91 6.53
C LEU C 136 48.82 -8.64 7.41
N GLY C 137 47.58 -8.14 7.45
CA GLY C 137 46.57 -8.77 8.27
C GLY C 137 46.29 -10.20 7.85
N THR C 138 46.30 -10.46 6.55
CA THR C 138 46.09 -11.83 6.08
C THR C 138 47.10 -12.79 6.70
N ILE C 139 48.38 -12.45 6.61
CA ILE C 139 49.43 -13.32 7.15
C ILE C 139 49.30 -13.44 8.67
N LEU C 140 49.03 -12.32 9.34
CA LEU C 140 48.91 -12.36 10.80
C LEU C 140 47.78 -13.29 11.22
N MET C 141 46.61 -13.13 10.61
CA MET C 141 45.47 -14.01 10.92
C MET C 141 45.89 -15.46 10.66
N GLU C 142 46.43 -15.75 9.47
CA GLU C 142 46.81 -17.13 9.17
C GLU C 142 47.73 -17.72 10.23
N LEU C 143 48.67 -16.93 10.74
CA LEU C 143 49.57 -17.44 11.77
C LEU C 143 48.85 -17.66 13.10
N ARG C 144 48.00 -16.73 13.53
CA ARG C 144 47.42 -16.85 14.90
C ARG C 144 46.34 -17.92 15.03
N ASN C 145 45.72 -18.36 13.94
CA ASN C 145 44.60 -19.28 14.04
C ASN C 145 44.99 -20.73 13.80
N THR C 146 46.21 -21.12 14.16
CA THR C 146 46.64 -22.50 14.07
C THR C 146 46.89 -23.04 15.47
N ASP C 147 46.28 -24.18 15.77
CA ASP C 147 46.37 -24.82 17.08
C ASP C 147 45.92 -23.86 18.19
N TYR C 148 44.69 -23.36 18.02
CA TYR C 148 44.16 -22.37 18.95
C TYR C 148 43.99 -22.95 20.35
N TYR C 149 43.47 -24.18 20.45
CA TYR C 149 43.16 -24.79 21.73
C TYR C 149 44.21 -25.78 22.19
N ALA C 150 45.34 -25.87 21.49
CA ALA C 150 46.36 -26.85 21.84
C ALA C 150 47.09 -26.45 23.13
N THR C 151 47.47 -25.19 23.24
CA THR C 151 48.30 -24.76 24.37
C THR C 151 47.46 -24.71 25.65
N PRO C 152 47.96 -25.26 26.76
CA PRO C 152 47.26 -25.09 28.04
C PRO C 152 47.31 -23.65 28.50
N LEU C 153 46.37 -23.32 29.39
CA LEU C 153 46.22 -21.93 29.82
C LEU C 153 47.46 -21.44 30.59
N GLU C 154 48.02 -22.28 31.46
CA GLU C 154 49.20 -21.87 32.21
C GLU C 154 50.40 -21.63 31.30
N GLY C 155 50.61 -22.53 30.33
CA GLY C 155 51.68 -22.31 29.38
C GLY C 155 51.48 -21.05 28.56
N LEU C 156 50.23 -20.76 28.20
CA LEU C 156 49.93 -19.54 27.47
C LEU C 156 50.22 -18.30 28.30
N ARG C 157 49.88 -18.34 29.60
CA ARG C 157 50.22 -17.23 30.49
C ARG C 157 51.72 -17.05 30.57
N LYS C 158 52.46 -18.16 30.68
CA LYS C 158 53.92 -18.06 30.73
C LYS C 158 54.48 -17.46 29.43
N GLU C 159 53.94 -17.89 28.29
CA GLU C 159 54.43 -17.39 27.01
C GLU C 159 54.15 -15.90 26.85
N ARG C 160 52.95 -15.45 27.22
CA ARG C 160 52.62 -14.03 27.07
C ARG C 160 53.49 -13.16 27.96
N GLY C 161 53.76 -13.60 29.18
CA GLY C 161 54.59 -12.85 30.10
C GLY C 161 53.87 -12.08 31.17
N VAL C 162 52.56 -12.27 31.33
CA VAL C 162 51.83 -11.56 32.38
C VAL C 162 52.14 -12.16 33.74
N LYS C 163 51.83 -11.41 34.79
CA LYS C 163 51.96 -11.86 36.16
C LYS C 163 50.60 -11.83 36.84
N VAL C 164 50.26 -12.90 37.54
CA VAL C 164 48.95 -13.05 38.15
C VAL C 164 48.95 -12.39 39.52
N LEU C 165 47.99 -11.50 39.74
CA LEU C 165 47.83 -10.83 41.03
C LEU C 165 46.80 -11.50 41.91
N HIS C 166 45.60 -11.73 41.40
CA HIS C 166 44.54 -12.43 42.13
C HIS C 166 43.96 -13.52 41.25
N LEU C 167 43.70 -14.68 41.84
CA LEU C 167 43.18 -15.84 41.11
C LEU C 167 42.15 -16.53 42.01
N GLN C 168 40.87 -16.28 41.74
CA GLN C 168 39.81 -16.89 42.53
C GLN C 168 39.80 -18.40 42.32
N ALA C 169 39.49 -19.13 43.40
CA ALA C 169 39.44 -20.58 43.34
C ALA C 169 38.28 -21.06 42.47
N ALA D 4 2.73 -36.11 18.31
CA ALA D 4 2.82 -36.23 19.76
C ALA D 4 4.13 -35.65 20.27
N HIS D 5 5.23 -36.00 19.61
CA HIS D 5 6.55 -35.52 19.97
C HIS D 5 6.88 -34.17 19.34
N ASN D 6 6.00 -33.62 18.52
CA ASN D 6 6.22 -32.34 17.87
C ASN D 6 5.49 -31.19 18.57
N ALA D 7 4.92 -31.45 19.74
CA ALA D 7 4.19 -30.42 20.47
C ALA D 7 5.16 -29.35 20.99
N TYR D 8 4.61 -28.16 21.26
CA TYR D 8 5.42 -27.07 21.78
C TYR D 8 6.01 -27.42 23.14
N ASN D 9 5.20 -28.00 24.02
CA ASN D 9 5.63 -28.42 25.35
C ASN D 9 5.71 -29.93 25.36
N ALA D 10 6.86 -30.46 24.97
CA ALA D 10 7.10 -31.90 24.90
C ALA D 10 8.37 -32.25 25.67
N GLY D 11 8.37 -33.39 26.36
CA GLY D 11 9.59 -33.84 27.05
C GLY D 11 9.95 -32.99 28.25
N ILE D 12 11.12 -32.35 28.24
CA ILE D 12 11.56 -31.56 29.42
C ILE D 12 10.51 -30.49 29.72
N MET D 13 10.04 -29.78 28.69
CA MET D 13 9.07 -28.69 28.92
C MET D 13 7.94 -29.08 29.87
N GLN D 14 7.57 -30.36 29.92
CA GLN D 14 6.44 -30.80 30.77
C GLN D 14 6.91 -30.96 32.22
N LYS D 15 8.15 -30.57 32.53
CA LYS D 15 8.70 -30.77 33.89
C LYS D 15 9.05 -29.40 34.48
N THR D 16 8.69 -29.18 35.75
CA THR D 16 9.00 -27.89 36.41
C THR D 16 9.67 -28.10 37.77
N GLY D 17 10.04 -27.02 38.46
CA GLY D 17 10.64 -27.11 39.77
C GLY D 17 11.97 -27.83 39.75
N LYS D 18 12.16 -28.74 40.71
CA LYS D 18 13.43 -29.44 40.84
C LYS D 18 13.66 -30.41 39.68
N ALA D 19 12.59 -30.98 39.13
CA ALA D 19 12.73 -31.93 38.03
C ALA D 19 13.43 -31.28 36.83
N PHE D 20 12.93 -30.13 36.39
CA PHE D 20 13.60 -29.37 35.34
C PHE D 20 15.05 -29.12 35.69
N ALA D 21 15.31 -28.74 36.94
CA ALA D 21 16.67 -28.43 37.35
C ALA D 21 17.61 -29.63 37.19
N ASP D 22 17.16 -30.81 37.62
CA ASP D 22 18.05 -31.97 37.58
C ASP D 22 18.21 -32.50 36.16
N GLU D 23 17.13 -32.52 35.37
CA GLU D 23 17.27 -33.03 34.02
C GLU D 23 18.00 -32.06 33.10
N PHE D 24 17.90 -30.76 33.37
CA PHE D 24 18.60 -29.77 32.56
C PHE D 24 20.11 -29.96 32.65
N PHE D 25 20.62 -30.25 33.84
CA PHE D 25 22.04 -30.42 34.08
C PHE D 25 22.50 -31.87 33.96
N ALA D 26 21.70 -32.72 33.31
CA ALA D 26 22.06 -34.12 33.17
C ALA D 26 23.28 -34.26 32.26
N GLU D 27 24.03 -35.35 32.46
CA GLU D 27 25.25 -35.56 31.70
C GLU D 27 24.95 -35.78 30.22
N GLU D 28 23.91 -36.56 29.92
CA GLU D 28 23.61 -36.88 28.52
C GLU D 28 23.02 -35.70 27.76
N ASN D 29 22.58 -34.66 28.46
CA ASN D 29 21.94 -33.51 27.82
C ASN D 29 22.92 -32.38 27.51
N GLN D 30 24.21 -32.59 27.73
CA GLN D 30 25.22 -31.56 27.48
C GLN D 30 25.75 -31.58 26.05
N VAL D 31 25.26 -32.48 25.21
CA VAL D 31 25.72 -32.60 23.82
C VAL D 31 24.52 -32.41 22.91
N VAL D 32 24.73 -31.68 21.82
CA VAL D 32 23.66 -31.41 20.87
C VAL D 32 23.21 -32.71 20.20
N HIS D 33 21.90 -32.92 20.13
CA HIS D 33 21.31 -34.10 19.52
C HIS D 33 20.68 -33.71 18.19
N GLU D 34 20.96 -34.49 17.15
CA GLU D 34 20.44 -34.20 15.82
C GLU D 34 18.93 -34.46 15.75
N SER D 35 18.22 -33.57 15.07
CA SER D 35 16.79 -33.71 14.84
C SER D 35 16.49 -33.40 13.38
N ASN D 36 15.40 -34.02 12.88
CA ASN D 36 15.04 -33.90 11.47
C ASN D 36 13.69 -33.19 11.28
N ALA D 37 13.32 -32.32 12.21
CA ALA D 37 12.07 -31.60 12.14
C ALA D 37 12.27 -30.23 11.51
N VAL D 38 11.15 -29.57 11.19
CA VAL D 38 11.14 -28.23 10.64
C VAL D 38 10.11 -27.40 11.39
N VAL D 39 10.46 -26.15 11.68
CA VAL D 39 9.63 -25.22 12.43
C VAL D 39 9.35 -24.01 11.54
N LEU D 40 8.06 -23.67 11.41
CA LEU D 40 7.65 -22.52 10.55
C LEU D 40 6.68 -21.63 11.33
N VAL D 41 7.02 -20.36 11.52
CA VAL D 41 6.20 -19.39 12.23
C VAL D 41 5.57 -18.48 11.18
N LEU D 42 4.24 -18.41 11.17
CA LEU D 42 3.48 -17.64 10.20
C LEU D 42 2.74 -16.50 10.89
N MET D 43 2.87 -15.31 10.31
CA MET D 43 2.17 -14.13 10.79
C MET D 43 0.67 -14.30 10.63
N LYS D 44 -0.09 -13.77 11.58
CA LYS D 44 -1.53 -14.03 11.68
C LYS D 44 -2.28 -12.92 10.96
N SER D 45 -2.85 -13.26 9.80
CA SER D 45 -3.60 -12.25 8.99
C SER D 45 -4.82 -12.90 8.33
N ASP D 46 -5.55 -12.14 7.51
CA ASP D 46 -6.78 -12.67 6.86
C ASP D 46 -6.45 -13.83 5.93
N GLU D 47 -5.36 -13.72 5.16
CA GLU D 47 -5.02 -14.77 4.17
C GLU D 47 -4.45 -15.99 4.89
N ILE D 48 -3.51 -15.78 5.80
CA ILE D 48 -2.88 -16.88 6.52
C ILE D 48 -3.92 -17.74 7.21
N ASP D 49 -4.92 -17.11 7.83
CA ASP D 49 -6.01 -17.88 8.43
C ASP D 49 -6.67 -18.80 7.39
N ALA D 50 -6.98 -18.25 6.22
CA ALA D 50 -7.60 -19.05 5.18
C ALA D 50 -6.70 -20.20 4.74
N ILE D 51 -5.42 -19.93 4.55
CA ILE D 51 -4.50 -20.97 4.09
C ILE D 51 -4.37 -22.08 5.12
N ILE D 52 -4.21 -21.71 6.39
CA ILE D 52 -4.07 -22.71 7.45
C ILE D 52 -5.34 -23.55 7.57
N GLU D 53 -6.50 -22.90 7.55
CA GLU D 53 -7.74 -23.64 7.77
C GLU D 53 -8.10 -24.52 6.58
N ASP D 54 -7.77 -24.09 5.37
CA ASP D 54 -8.21 -24.80 4.17
C ASP D 54 -7.14 -25.69 3.55
N MET D 55 -5.86 -25.39 3.75
CA MET D 55 -4.80 -26.17 3.10
C MET D 55 -3.94 -26.95 4.08
N VAL D 56 -3.35 -26.27 5.07
CA VAL D 56 -2.41 -26.95 5.97
C VAL D 56 -3.13 -28.01 6.79
N LEU D 57 -4.30 -27.68 7.33
CA LEU D 57 -5.03 -28.60 8.20
C LEU D 57 -5.89 -29.60 7.42
N LYS D 58 -5.94 -29.50 6.10
CA LYS D 58 -6.72 -30.42 5.28
C LYS D 58 -5.86 -31.30 4.38
N GLY D 59 -4.98 -30.71 3.59
CA GLY D 59 -4.14 -31.46 2.69
C GLY D 59 -2.82 -31.87 3.29
N GLY D 60 -2.12 -30.91 3.90
CA GLY D 60 -0.84 -31.21 4.50
C GLY D 60 -0.94 -32.26 5.60
N LYS D 61 -2.02 -32.21 6.38
CA LYS D 61 -2.24 -33.23 7.40
C LYS D 61 -2.42 -34.60 6.77
N ALA D 62 -3.13 -34.67 5.64
CA ALA D 62 -3.30 -35.95 4.96
C ALA D 62 -1.97 -36.48 4.44
N LYS D 63 -1.17 -35.62 3.80
CA LYS D 63 0.13 -36.04 3.31
C LYS D 63 1.11 -36.28 4.47
N ASN D 64 1.18 -35.35 5.41
CA ASN D 64 2.06 -35.47 6.57
C ASN D 64 1.22 -35.53 7.84
N PRO D 65 1.03 -36.70 8.43
CA PRO D 65 0.23 -36.81 9.66
C PRO D 65 0.94 -36.31 10.90
N SER D 66 2.19 -35.86 10.80
CA SER D 66 2.98 -35.42 11.94
C SER D 66 3.00 -33.91 12.11
N ILE D 67 2.18 -33.18 11.35
CA ILE D 67 2.16 -31.72 11.44
C ILE D 67 1.40 -31.32 12.71
N VAL D 68 2.03 -30.45 13.51
CA VAL D 68 1.44 -29.93 14.73
C VAL D 68 1.34 -28.40 14.59
N VAL D 69 0.15 -27.87 14.81
CA VAL D 69 -0.12 -26.45 14.69
C VAL D 69 -0.50 -25.90 16.06
N GLU D 70 0.16 -24.83 16.47
CA GLU D 70 -0.07 -24.18 17.75
C GLU D 70 -0.49 -22.74 17.52
N ASP D 71 -1.55 -22.31 18.20
CA ASP D 71 -2.10 -20.97 18.07
C ASP D 71 -1.51 -20.13 19.20
N LYS D 72 -0.66 -19.17 18.85
CA LYS D 72 -0.03 -18.28 19.81
C LYS D 72 -0.77 -16.95 19.82
N ALA D 73 -0.19 -15.96 20.52
CA ALA D 73 -0.88 -14.68 20.69
C ALA D 73 -1.08 -13.97 19.37
N GLY D 74 -0.08 -13.98 18.50
CA GLY D 74 -0.19 -13.26 17.24
C GLY D 74 0.41 -13.97 16.05
N PHE D 75 0.67 -15.27 16.17
CA PHE D 75 1.25 -16.03 15.06
C PHE D 75 0.94 -17.50 15.24
N TRP D 76 1.08 -18.24 14.14
CA TRP D 76 0.89 -19.68 14.13
C TRP D 76 2.24 -20.38 14.12
N TRP D 77 2.40 -21.39 14.98
CA TRP D 77 3.67 -22.11 15.12
C TRP D 77 3.44 -23.54 14.63
N ILE D 78 4.08 -23.92 13.53
CA ILE D 78 3.87 -25.21 12.90
C ILE D 78 5.16 -26.00 12.95
N LYS D 79 5.13 -27.16 13.59
CA LYS D 79 6.28 -28.06 13.63
C LYS D 79 5.92 -29.36 12.95
N ALA D 80 6.79 -29.81 12.04
CA ALA D 80 6.50 -31.00 11.26
C ALA D 80 7.77 -31.80 11.02
N ASP D 81 7.60 -33.02 10.55
CA ASP D 81 8.69 -33.85 10.08
C ASP D 81 8.74 -33.83 8.55
N GLY D 82 9.91 -34.14 8.00
CA GLY D 82 10.07 -34.11 6.57
C GLY D 82 10.04 -32.70 6.00
N ALA D 83 9.08 -32.42 5.13
CA ALA D 83 9.00 -31.14 4.44
C ALA D 83 7.59 -30.58 4.51
N ILE D 84 7.49 -29.28 4.27
CA ILE D 84 6.21 -28.58 4.19
C ILE D 84 6.21 -27.75 2.91
N GLU D 85 5.23 -27.99 2.04
CA GLU D 85 5.15 -27.33 0.74
C GLU D 85 3.81 -26.62 0.61
N ILE D 86 3.84 -25.43 0.02
CA ILE D 86 2.64 -24.65 -0.26
C ILE D 86 2.69 -24.16 -1.69
N ASP D 87 1.57 -24.26 -2.40
CA ASP D 87 1.47 -23.82 -3.79
C ASP D 87 0.70 -22.51 -3.83
N ALA D 88 1.28 -21.51 -4.51
CA ALA D 88 0.65 -20.19 -4.56
C ALA D 88 -0.55 -20.15 -5.50
N ALA D 89 -0.57 -21.03 -6.51
CA ALA D 89 -1.72 -21.06 -7.42
C ALA D 89 -3.00 -21.46 -6.69
N GLU D 90 -2.90 -22.45 -5.79
CA GLU D 90 -4.07 -22.86 -5.02
C GLU D 90 -4.56 -21.72 -4.13
N ALA D 91 -3.63 -21.00 -3.51
CA ALA D 91 -4.01 -19.85 -2.69
C ALA D 91 -4.67 -18.77 -3.53
N SER D 92 -4.15 -18.53 -4.74
CA SER D 92 -4.76 -17.53 -5.62
C SER D 92 -6.17 -17.93 -6.00
N ASP D 93 -6.39 -19.21 -6.30
CA ASP D 93 -7.74 -19.68 -6.60
C ASP D 93 -8.65 -19.57 -5.39
N LEU D 94 -8.12 -19.85 -4.20
CA LEU D 94 -8.95 -19.87 -2.99
C LEU D 94 -9.35 -18.46 -2.57
N LEU D 95 -8.43 -17.51 -2.62
CA LEU D 95 -8.70 -16.15 -2.14
C LEU D 95 -9.47 -15.31 -3.16
N GLY D 96 -9.54 -15.74 -4.42
CA GLY D 96 -10.27 -14.97 -5.42
C GLY D 96 -9.57 -13.72 -5.91
N LYS D 97 -8.30 -13.54 -5.59
CA LYS D 97 -7.52 -12.40 -6.00
C LYS D 97 -6.17 -12.88 -6.53
N PRO D 98 -5.51 -12.08 -7.37
CA PRO D 98 -4.18 -12.47 -7.83
C PRO D 98 -3.22 -12.66 -6.66
N PHE D 99 -2.40 -13.70 -6.75
CA PHE D 99 -1.56 -14.10 -5.63
C PHE D 99 -0.40 -14.92 -6.17
N SER D 100 0.82 -14.41 -6.01
CA SER D 100 2.02 -15.11 -6.42
C SER D 100 2.77 -15.61 -5.18
N VAL D 101 3.92 -16.22 -5.41
CA VAL D 101 4.72 -16.72 -4.30
C VAL D 101 5.26 -15.57 -3.46
N TYR D 102 5.49 -14.43 -4.10
CA TYR D 102 6.05 -13.26 -3.38
C TYR D 102 5.02 -12.75 -2.37
N ASP D 103 3.76 -12.68 -2.77
CA ASP D 103 2.71 -12.22 -1.85
C ASP D 103 2.61 -13.16 -0.65
N LEU D 104 2.78 -14.46 -0.87
CA LEU D 104 2.82 -15.40 0.24
C LEU D 104 4.04 -15.15 1.13
N LEU D 105 5.21 -14.91 0.52
CA LEU D 105 6.41 -14.63 1.30
C LEU D 105 6.28 -13.36 2.12
N VAL D 106 5.41 -12.45 1.70
CA VAL D 106 5.17 -11.23 2.49
C VAL D 106 4.76 -11.60 3.91
N ASN D 107 3.78 -12.50 4.04
CA ASN D 107 3.24 -12.83 5.36
C ASN D 107 4.19 -13.72 6.17
N VAL D 108 4.88 -14.67 5.51
CA VAL D 108 5.72 -15.63 6.22
C VAL D 108 6.67 -14.92 7.17
N SER D 109 6.70 -15.36 8.43
CA SER D 109 7.45 -14.68 9.47
C SER D 109 8.84 -15.28 9.68
N SER D 110 8.93 -16.57 10.00
CA SER D 110 10.23 -17.14 10.33
C SER D 110 10.31 -18.63 10.02
N THR D 111 11.55 -19.10 9.90
CA THR D 111 11.79 -20.53 9.61
C THR D 111 13.05 -21.03 10.33
N VAL D 112 13.04 -22.26 10.83
CA VAL D 112 14.24 -22.86 11.48
C VAL D 112 14.93 -23.78 10.45
N GLY D 113 14.35 -24.01 9.27
CA GLY D 113 14.96 -24.97 8.34
C GLY D 113 15.37 -24.36 7.00
N ARG D 114 15.72 -25.22 6.04
CA ARG D 114 16.12 -24.76 4.68
C ARG D 114 14.87 -24.56 3.84
N ALA D 115 14.62 -23.33 3.37
CA ALA D 115 13.44 -22.99 2.61
C ALA D 115 13.83 -22.42 1.25
N TYR D 116 13.09 -22.82 0.22
CA TYR D 116 13.35 -22.33 -1.13
C TYR D 116 12.06 -22.24 -1.92
N THR D 117 12.06 -21.35 -2.90
CA THR D 117 10.93 -21.13 -3.80
C THR D 117 11.30 -21.64 -5.19
N LEU D 118 10.50 -22.57 -5.71
CA LEU D 118 10.72 -23.10 -7.08
C LEU D 118 9.45 -22.86 -7.90
N GLY D 119 9.55 -22.08 -8.97
CA GLY D 119 8.39 -21.73 -9.77
C GLY D 119 7.41 -20.92 -8.94
N THR D 120 6.24 -21.49 -8.68
CA THR D 120 5.22 -20.86 -7.87
C THR D 120 4.95 -21.65 -6.59
N LYS D 121 5.96 -22.38 -6.10
CA LYS D 121 5.80 -23.27 -4.96
C LYS D 121 6.86 -22.93 -3.92
N PHE D 122 6.41 -22.62 -2.70
CA PHE D 122 7.31 -22.33 -1.59
C PHE D 122 7.38 -23.54 -0.69
N THR D 123 8.60 -24.05 -0.47
CA THR D 123 8.77 -25.28 0.29
C THR D 123 9.87 -25.13 1.32
N ILE D 124 9.78 -25.93 2.38
CA ILE D 124 10.76 -25.97 3.45
C ILE D 124 11.07 -27.41 3.77
N THR D 125 12.35 -27.68 4.06
CA THR D 125 12.78 -29.07 4.30
C THR D 125 13.98 -29.12 5.25
N SER D 126 14.20 -30.26 5.89
CA SER D 126 15.39 -30.46 6.77
C SER D 126 16.57 -30.87 5.89
N GLU D 127 16.31 -31.43 4.71
CA GLU D 127 17.41 -31.92 3.84
C GLU D 127 18.42 -30.81 3.57
N LEU D 128 19.72 -31.14 3.57
CA LEU D 128 20.78 -30.13 3.29
C LEU D 128 20.84 -29.89 1.78
N MET D 129 20.75 -28.64 1.34
CA MET D 129 20.74 -28.35 -0.12
C MET D 129 22.16 -27.92 -0.54
N GLY D 130 22.55 -28.20 -1.78
CA GLY D 130 23.91 -27.87 -2.24
C GLY D 130 24.83 -28.99 -1.79
N LEU D 131 24.79 -29.32 -0.49
CA LEU D 131 25.60 -30.43 0.05
C LEU D 131 25.10 -31.77 -0.46
N ASP D 132 23.78 -32.02 -0.38
CA ASP D 132 23.28 -33.37 -0.77
C ASP D 132 22.19 -33.27 -1.86
N ARG D 133 21.94 -32.08 -2.39
CA ARG D 133 20.95 -31.94 -3.49
C ARG D 133 21.25 -30.65 -4.27
N ALA D 134 21.44 -30.78 -5.59
CA ALA D 134 21.74 -29.60 -6.43
C ALA D 134 20.47 -28.76 -6.60
N LEU D 135 20.52 -27.49 -6.19
CA LEU D 135 19.36 -26.57 -6.37
C LEU D 135 19.09 -26.42 -7.87
N THR D 136 17.82 -26.22 -8.26
CA THR D 136 17.46 -26.03 -9.69
C THR D 136 17.13 -24.56 -9.95
N VAL E 16 19.35 26.74 -23.05
CA VAL E 16 17.93 26.79 -22.58
C VAL E 16 17.92 26.78 -21.05
N ASN E 17 16.87 27.33 -20.45
CA ASN E 17 16.75 27.32 -18.97
C ASN E 17 16.67 25.87 -18.50
N ARG E 18 17.61 25.46 -17.63
CA ARG E 18 17.56 24.10 -17.10
C ARG E 18 17.29 24.17 -15.60
N ALA E 19 16.02 24.18 -15.23
CA ALA E 19 15.61 24.17 -13.84
C ALA E 19 14.49 23.16 -13.65
N PRO E 20 14.45 22.47 -12.50
CA PRO E 20 13.39 21.47 -12.28
C PRO E 20 12.03 22.10 -12.06
N VAL E 21 11.14 21.98 -13.06
CA VAL E 21 9.79 22.51 -12.96
C VAL E 21 8.80 21.44 -13.39
N GLY E 22 7.57 21.59 -12.91
CA GLY E 22 6.49 20.67 -13.25
C GLY E 22 5.22 21.44 -13.52
N VAL E 23 4.19 20.71 -13.93
CA VAL E 23 2.90 21.28 -14.27
C VAL E 23 1.92 20.92 -13.16
N GLU E 24 1.47 21.94 -12.42
CA GLU E 24 0.48 21.76 -11.38
C GLU E 24 -0.90 21.55 -11.98
N PRO E 25 -1.76 20.77 -11.31
CA PRO E 25 -3.12 20.55 -11.84
C PRO E 25 -3.96 21.80 -11.94
N GLN E 26 -3.66 22.81 -11.13
CA GLN E 26 -4.40 24.09 -11.23
C GLN E 26 -4.26 24.62 -12.67
N GLU E 27 -3.03 24.65 -13.20
CA GLU E 27 -2.80 25.21 -14.52
C GLU E 27 -3.64 24.49 -15.57
N VAL E 28 -3.76 23.16 -15.46
CA VAL E 28 -4.59 22.41 -16.39
C VAL E 28 -6.06 22.77 -16.20
N HIS E 29 -6.51 22.86 -14.93
CA HIS E 29 -7.90 23.17 -14.67
C HIS E 29 -8.30 24.58 -15.09
N LYS E 30 -7.33 25.48 -15.19
CA LYS E 30 -7.63 26.84 -15.62
C LYS E 30 -8.21 26.87 -17.03
N TRP E 31 -7.70 26.00 -17.91
CA TRP E 31 -8.12 25.98 -19.31
C TRP E 31 -9.29 25.05 -19.57
N LEU E 32 -9.88 24.46 -18.53
CA LEU E 32 -10.97 23.52 -18.72
C LEU E 32 -12.22 24.18 -19.30
N GLN E 33 -12.37 25.50 -19.15
CA GLN E 33 -13.57 26.17 -19.64
C GLN E 33 -13.69 26.12 -21.15
N SER E 34 -12.57 26.16 -21.87
CA SER E 34 -12.57 26.27 -23.32
C SER E 34 -12.63 24.93 -24.04
N PHE E 35 -12.76 23.82 -23.31
CA PHE E 35 -12.79 22.51 -23.95
C PHE E 35 -14.08 22.23 -24.69
N ASN E 36 -15.11 23.06 -24.50
CA ASN E 36 -16.42 22.83 -25.09
C ASN E 36 -16.64 23.78 -26.26
N TRP E 37 -17.21 23.25 -27.34
CA TRP E 37 -17.60 24.04 -28.50
C TRP E 37 -19.07 23.78 -28.81
N ASP E 38 -19.72 24.78 -29.39
CA ASP E 38 -21.15 24.73 -29.60
C ASP E 38 -21.52 24.33 -31.02
N PHE E 39 -22.76 23.85 -31.17
CA PHE E 39 -23.33 23.50 -32.45
C PHE E 39 -24.84 23.46 -32.29
N LYS E 40 -25.53 23.10 -33.38
CA LYS E 40 -26.99 23.20 -33.41
C LYS E 40 -27.65 22.25 -32.42
N GLU E 41 -27.16 21.01 -32.33
CA GLU E 41 -27.81 19.97 -31.54
C GLU E 41 -27.23 19.82 -30.15
N ASN E 42 -26.41 20.77 -29.69
CA ASN E 42 -25.80 20.69 -28.37
C ASN E 42 -26.85 21.04 -27.32
N ARG E 43 -27.69 20.06 -27.00
CA ARG E 43 -28.76 20.23 -26.03
C ARG E 43 -28.88 18.97 -25.19
N THR E 44 -29.63 19.08 -24.10
CA THR E 44 -29.85 17.94 -23.23
C THR E 44 -30.73 16.89 -23.90
N LYS E 45 -30.63 15.65 -23.40
CA LYS E 45 -31.36 14.54 -23.97
C LYS E 45 -32.65 14.21 -23.22
N TYR E 46 -32.70 14.48 -21.93
CA TYR E 46 -33.87 14.15 -21.11
C TYR E 46 -34.79 15.35 -21.00
N ALA E 47 -36.04 15.07 -20.64
CA ALA E 47 -37.03 16.12 -20.47
C ALA E 47 -36.78 16.89 -19.18
N THR E 48 -36.81 18.22 -19.26
CA THR E 48 -36.55 19.06 -18.10
C THR E 48 -37.29 20.37 -18.26
N LYS E 49 -37.48 21.07 -17.13
CA LYS E 49 -38.16 22.34 -17.10
C LYS E 49 -37.22 23.53 -16.94
N TYR E 50 -35.93 23.28 -16.74
CA TYR E 50 -34.97 24.34 -16.44
C TYR E 50 -33.84 24.35 -17.47
N HIS E 51 -33.15 25.49 -17.53
CA HIS E 51 -31.98 25.65 -18.38
C HIS E 51 -30.84 26.16 -17.53
N MET E 52 -29.70 25.48 -17.59
CA MET E 52 -28.56 25.82 -16.76
C MET E 52 -27.68 26.88 -17.43
N ALA E 53 -26.98 27.66 -16.61
CA ALA E 53 -26.10 28.70 -17.12
C ALA E 53 -24.88 28.09 -17.78
N ASN E 54 -24.34 28.83 -18.75
CA ASN E 54 -23.21 28.38 -19.55
C ASN E 54 -21.88 28.90 -18.99
N GLN E 55 -21.92 29.71 -17.94
CA GLN E 55 -20.73 30.35 -17.39
C GLN E 55 -20.68 30.18 -15.88
N THR E 56 -20.88 28.95 -15.41
CA THR E 56 -20.89 28.65 -13.98
C THR E 56 -19.55 28.07 -13.57
N LYS E 57 -18.93 28.67 -12.56
CA LYS E 57 -17.68 28.17 -12.01
C LYS E 57 -17.96 27.04 -11.03
N GLU E 58 -16.90 26.32 -10.67
CA GLU E 58 -17.01 25.19 -9.75
C GLU E 58 -15.92 25.27 -8.69
N GLN E 59 -16.30 25.04 -7.44
CA GLN E 59 -15.35 24.92 -6.34
C GLN E 59 -14.71 23.53 -6.35
N PHE E 60 -13.59 23.41 -5.65
CA PHE E 60 -12.86 22.14 -5.54
C PHE E 60 -12.40 21.66 -6.91
N LYS E 61 -11.55 22.48 -7.54
CA LYS E 61 -11.03 22.16 -8.86
C LYS E 61 -10.15 20.90 -8.79
N VAL E 62 -10.50 19.91 -9.62
CA VAL E 62 -9.79 18.64 -9.65
C VAL E 62 -9.74 18.15 -11.10
N ILE E 63 -8.82 17.23 -11.35
CA ILE E 63 -8.69 16.56 -12.64
C ILE E 63 -8.64 15.06 -12.39
N ALA E 64 -8.43 14.30 -13.46
CA ALA E 64 -8.42 12.85 -13.36
C ALA E 64 -7.17 12.29 -12.68
N LYS E 65 -6.31 13.12 -12.09
CA LYS E 65 -5.09 12.64 -11.43
C LYS E 65 -5.11 12.88 -9.93
N GLU E 66 -5.50 14.08 -9.49
CA GLU E 66 -5.62 14.34 -8.06
C GLU E 66 -6.65 13.40 -7.42
N TYR E 67 -7.78 13.20 -8.10
CA TYR E 67 -8.79 12.30 -7.57
C TYR E 67 -8.24 10.90 -7.38
N ALA E 68 -7.52 10.40 -8.39
CA ALA E 68 -6.94 9.07 -8.29
C ALA E 68 -5.94 8.99 -7.15
N ARG E 69 -5.09 10.00 -7.00
CA ARG E 69 -4.09 9.99 -5.93
C ARG E 69 -4.76 9.95 -4.56
N MET E 70 -5.73 10.84 -4.33
CA MET E 70 -6.39 10.90 -3.03
C MET E 70 -7.14 9.60 -2.73
N GLU E 71 -7.87 9.08 -3.71
CA GLU E 71 -8.62 7.85 -3.49
C GLU E 71 -7.69 6.68 -3.22
N ALA E 72 -6.55 6.62 -3.91
CA ALA E 72 -5.59 5.55 -3.69
C ALA E 72 -5.02 5.62 -2.27
N ALA E 73 -4.67 6.82 -1.82
CA ALA E 73 -4.15 6.96 -0.46
C ALA E 73 -5.18 6.49 0.57
N LYS E 74 -6.43 6.96 0.44
CA LYS E 74 -7.46 6.56 1.40
C LYS E 74 -7.70 5.05 1.38
N ASP E 75 -7.75 4.46 0.18
CA ASP E 75 -8.00 3.03 0.07
C ASP E 75 -6.86 2.23 0.69
N GLU E 76 -5.61 2.64 0.44
CA GLU E 76 -4.50 1.92 1.05
C GLU E 76 -4.59 1.99 2.57
N ARG E 77 -4.86 3.17 3.11
CA ARG E 77 -4.93 3.34 4.58
C ARG E 77 -6.02 2.43 5.18
N GLN E 78 -7.22 2.44 4.60
CA GLN E 78 -8.32 1.70 5.23
C GLN E 78 -8.20 0.21 4.98
N PHE E 79 -7.74 -0.20 3.79
CA PHE E 79 -7.63 -1.62 3.51
C PHE E 79 -6.50 -2.26 4.31
N GLY E 80 -5.38 -1.55 4.47
CA GLY E 80 -4.33 -2.07 5.32
C GLY E 80 -4.78 -2.25 6.75
N THR E 81 -5.42 -1.25 7.34
CA THR E 81 -5.90 -1.35 8.74
C THR E 81 -6.90 -2.49 8.86
N LEU E 82 -7.87 -2.54 7.95
CA LEU E 82 -8.94 -3.53 8.06
C LEU E 82 -8.41 -4.95 7.87
N LEU E 83 -7.47 -5.15 6.95
CA LEU E 83 -7.01 -6.49 6.64
C LEU E 83 -5.85 -6.95 7.53
N ASP E 84 -5.37 -6.11 8.45
CA ASP E 84 -4.19 -6.53 9.26
C ASP E 84 -4.42 -6.33 10.75
N GLY E 85 -4.96 -5.19 11.18
CA GLY E 85 -5.06 -4.94 12.61
C GLY E 85 -6.25 -5.59 13.27
N LEU E 86 -7.45 -5.26 12.79
CA LEU E 86 -8.66 -5.84 13.36
C LEU E 86 -8.68 -7.36 13.16
N THR E 87 -8.08 -7.85 12.07
CA THR E 87 -8.02 -9.29 11.87
C THR E 87 -7.14 -9.95 12.92
N ARG E 88 -6.06 -9.30 13.35
CA ARG E 88 -5.20 -10.00 14.35
C ARG E 88 -5.79 -9.79 15.75
N LEU E 89 -6.48 -8.66 15.96
CA LEU E 89 -6.98 -8.38 17.30
C LEU E 89 -8.19 -9.21 17.68
N GLY E 90 -8.79 -9.94 16.72
CA GLY E 90 -10.01 -10.72 16.96
C GLY E 90 -11.25 -9.84 17.05
N ALA E 91 -11.32 -8.77 16.27
CA ALA E 91 -12.43 -7.78 16.34
C ALA E 91 -13.79 -8.36 15.97
N GLY E 92 -13.88 -9.25 14.97
CA GLY E 92 -15.19 -9.69 14.46
C GLY E 92 -16.10 -10.39 15.46
N ASN E 93 -15.57 -11.23 16.34
CA ASN E 93 -16.45 -12.01 17.25
C ASN E 93 -16.79 -11.20 18.50
N LYS E 94 -16.31 -9.96 18.60
CA LYS E 94 -16.52 -9.16 19.82
C LYS E 94 -17.61 -8.11 19.57
N VAL E 95 -18.67 -8.47 18.85
CA VAL E 95 -19.80 -7.52 18.60
C VAL E 95 -21.08 -8.11 19.20
N HIS E 96 -21.83 -7.32 19.97
CA HIS E 96 -23.12 -7.79 20.52
C HIS E 96 -24.00 -8.27 19.37
N PRO E 97 -24.72 -9.39 19.51
CA PRO E 97 -25.48 -9.98 18.39
C PRO E 97 -26.53 -9.06 17.78
N ARG E 98 -27.18 -8.21 18.58
CA ARG E 98 -28.22 -7.35 18.03
C ARG E 98 -27.66 -6.36 17.02
N TRP E 99 -26.51 -5.75 17.32
CA TRP E 99 -25.91 -4.84 16.35
C TRP E 99 -25.44 -5.60 15.11
N GLY E 100 -24.92 -6.81 15.29
CA GLY E 100 -24.52 -7.61 14.15
C GLY E 100 -25.69 -7.96 13.24
N GLU E 101 -26.88 -8.13 13.82
CA GLU E 101 -28.06 -8.37 13.00
C GLU E 101 -28.56 -7.10 12.33
N THR E 102 -28.43 -5.95 13.01
CA THR E 102 -28.84 -4.69 12.41
C THR E 102 -28.04 -4.24 11.19
N MET E 103 -26.76 -4.59 11.17
CA MET E 103 -25.88 -4.24 10.02
C MET E 103 -26.42 -4.90 8.75
N LYS E 104 -26.81 -6.17 8.82
CA LYS E 104 -27.30 -6.91 7.62
C LYS E 104 -28.21 -5.97 6.84
N VAL E 105 -29.10 -5.26 7.51
CA VAL E 105 -30.04 -4.34 6.89
C VAL E 105 -29.35 -3.03 6.54
N ILE E 106 -28.57 -2.48 7.47
CA ILE E 106 -27.98 -1.17 7.24
C ILE E 106 -27.03 -1.21 6.05
N SER E 107 -26.12 -2.19 6.03
CA SER E 107 -25.14 -2.27 4.95
C SER E 107 -25.81 -2.49 3.61
N ASN E 108 -26.76 -3.43 3.55
CA ASN E 108 -27.38 -3.75 2.24
C ASN E 108 -28.16 -2.54 1.72
N PHE E 109 -29.00 -1.94 2.55
CA PHE E 109 -29.85 -0.81 2.07
C PHE E 109 -28.98 0.33 1.54
N LEU E 110 -28.05 0.84 2.35
CA LEU E 110 -27.17 1.94 1.90
C LEU E 110 -26.51 1.55 0.57
N GLU E 111 -25.93 0.36 0.50
CA GLU E 111 -25.23 -0.11 -0.71
C GLU E 111 -26.18 0.07 -1.89
N VAL E 112 -27.47 -0.21 -1.69
CA VAL E 112 -28.43 0.01 -2.76
C VAL E 112 -28.56 1.51 -3.06
N GLY E 113 -28.67 2.32 -2.01
CA GLY E 113 -28.80 3.75 -2.23
C GLY E 113 -27.58 4.36 -2.90
N GLU E 114 -26.39 3.96 -2.46
CA GLU E 114 -25.15 4.50 -3.05
C GLU E 114 -25.08 4.10 -4.52
N TYR E 115 -25.53 2.89 -4.85
CA TYR E 115 -25.54 2.43 -6.26
C TYR E 115 -26.44 3.37 -7.06
N ASN E 116 -27.68 3.53 -6.62
CA ASN E 116 -28.59 4.36 -7.42
C ASN E 116 -28.07 5.79 -7.55
N ALA E 117 -27.26 6.25 -6.59
CA ALA E 117 -26.65 7.56 -6.70
C ALA E 117 -25.79 7.67 -7.97
N ILE E 118 -25.24 6.56 -8.45
CA ILE E 118 -24.41 6.60 -9.65
C ILE E 118 -25.24 7.04 -10.85
N ALA E 119 -26.39 6.41 -11.05
CA ALA E 119 -27.26 6.78 -12.16
C ALA E 119 -27.81 8.18 -11.98
N ALA E 120 -28.17 8.57 -10.76
CA ALA E 120 -28.62 9.97 -10.57
C ALA E 120 -27.55 10.91 -11.11
N SER E 121 -26.38 10.92 -10.47
CA SER E 121 -25.27 11.80 -10.91
C SER E 121 -25.10 11.71 -12.42
N ALA E 122 -25.05 10.51 -12.99
CA ALA E 122 -24.82 10.45 -14.44
C ALA E 122 -25.82 11.26 -15.26
N MET E 123 -27.10 11.15 -14.91
CA MET E 123 -28.15 11.92 -15.62
C MET E 123 -27.91 13.40 -15.35
N LEU E 124 -27.64 13.74 -14.10
CA LEU E 124 -27.41 15.14 -13.75
C LEU E 124 -26.22 15.64 -14.55
N TRP E 125 -25.21 14.78 -14.73
CA TRP E 125 -24.02 15.16 -15.53
C TRP E 125 -24.45 15.44 -16.97
N ASP E 126 -25.30 14.58 -17.53
CA ASP E 126 -25.69 14.77 -18.93
C ASP E 126 -26.24 16.18 -19.17
N SER E 127 -27.16 16.62 -18.33
CA SER E 127 -27.88 17.87 -18.59
C SER E 127 -27.06 19.12 -18.33
N ALA E 128 -25.89 19.01 -17.72
CA ALA E 128 -25.06 20.18 -17.46
C ALA E 128 -24.52 20.77 -18.75
N THR E 129 -24.18 22.05 -18.70
CA THR E 129 -23.70 22.77 -19.88
C THR E 129 -22.23 23.20 -19.78
N ALA E 130 -21.79 23.64 -18.60
CA ALA E 130 -20.41 24.07 -18.42
C ALA E 130 -19.50 22.88 -18.14
N ALA E 131 -18.21 23.05 -18.42
CA ALA E 131 -17.26 21.95 -18.30
C ALA E 131 -16.94 21.65 -16.85
N GLU E 132 -16.82 22.67 -16.00
CA GLU E 132 -16.45 22.44 -14.61
C GLU E 132 -17.53 21.67 -13.86
N GLN E 133 -18.80 21.98 -14.14
CA GLN E 133 -19.89 21.19 -13.57
C GLN E 133 -19.78 19.73 -14.00
N LYS E 134 -19.54 19.55 -15.30
CA LYS E 134 -19.41 18.17 -15.82
C LYS E 134 -18.23 17.53 -15.09
N ASN E 135 -17.09 18.21 -15.06
CA ASN E 135 -15.92 17.69 -14.32
C ASN E 135 -16.34 17.43 -12.87
N GLY E 136 -17.09 18.35 -12.26
CA GLY E 136 -17.57 18.09 -10.89
C GLY E 136 -18.49 16.89 -10.75
N TYR E 137 -19.48 16.79 -11.64
CA TYR E 137 -20.47 15.68 -11.57
C TYR E 137 -19.74 14.35 -11.76
N LEU E 138 -18.77 14.31 -12.67
CA LEU E 138 -18.07 13.03 -12.96
C LEU E 138 -17.35 12.53 -11.70
N ALA E 139 -16.72 13.44 -10.95
CA ALA E 139 -16.06 13.04 -9.69
C ALA E 139 -17.07 12.33 -8.79
N GLN E 140 -18.30 12.85 -8.71
CA GLN E 140 -19.34 12.18 -7.91
C GLN E 140 -19.60 10.78 -8.51
N VAL E 141 -19.82 10.69 -9.82
CA VAL E 141 -20.15 9.39 -10.44
C VAL E 141 -19.14 8.34 -9.98
N LEU E 142 -17.87 8.73 -9.78
CA LEU E 142 -16.85 7.79 -9.27
C LEU E 142 -17.02 7.58 -7.75
N ASP E 143 -17.03 8.65 -6.96
CA ASP E 143 -17.17 8.51 -5.49
C ASP E 143 -18.28 7.51 -5.24
N GLU E 144 -19.40 7.63 -5.96
CA GLU E 144 -20.59 6.76 -5.70
C GLU E 144 -20.31 5.31 -6.09
N ILE E 145 -19.36 5.05 -6.98
CA ILE E 145 -18.99 3.64 -7.27
C ILE E 145 -18.09 3.17 -6.13
N ARG E 146 -17.25 4.07 -5.62
CA ARG E 146 -16.41 3.72 -4.48
C ARG E 146 -17.23 3.38 -3.24
N HIS E 147 -18.25 4.20 -2.98
CA HIS E 147 -19.09 4.00 -1.78
C HIS E 147 -19.80 2.64 -1.87
N THR E 148 -20.36 2.31 -3.04
CA THR E 148 -21.04 1.03 -3.21
C THR E 148 -20.11 -0.14 -2.95
N HIS E 149 -18.90 -0.07 -3.52
CA HIS E 149 -17.95 -1.16 -3.30
C HIS E 149 -17.53 -1.25 -1.83
N GLN E 150 -17.43 -0.12 -1.14
CA GLN E 150 -17.07 -0.15 0.27
C GLN E 150 -18.15 -0.83 1.12
N CYS E 151 -19.42 -0.53 0.84
CA CYS E 151 -20.49 -1.20 1.57
C CYS E 151 -20.48 -2.70 1.29
N ALA E 152 -20.26 -3.09 0.04
CA ALA E 152 -20.16 -4.51 -0.28
C ALA E 152 -19.01 -5.16 0.48
N PHE E 153 -17.88 -4.44 0.61
CA PHE E 153 -16.76 -5.00 1.35
C PHE E 153 -17.07 -5.16 2.84
N ILE E 154 -17.82 -4.22 3.41
CA ILE E 154 -18.25 -4.37 4.81
C ILE E 154 -19.04 -5.66 4.96
N ASN E 155 -20.00 -5.89 4.06
CA ASN E 155 -20.80 -7.11 4.14
C ASN E 155 -19.92 -8.35 3.98
N HIS E 156 -18.96 -8.30 3.06
CA HIS E 156 -18.08 -9.44 2.84
C HIS E 156 -17.26 -9.76 4.09
N TYR E 157 -16.70 -8.73 4.73
CA TYR E 157 -15.90 -8.95 5.93
C TYR E 157 -16.75 -9.50 7.05
N TYR E 158 -17.97 -8.99 7.23
CA TYR E 158 -18.85 -9.57 8.23
C TYR E 158 -19.15 -11.03 7.94
N SER E 159 -19.30 -11.36 6.65
CA SER E 159 -19.55 -12.75 6.29
C SER E 159 -18.38 -13.64 6.66
N LYS E 160 -17.15 -13.15 6.48
CA LYS E 160 -15.98 -14.00 6.71
C LYS E 160 -15.77 -14.20 8.21
N HIS E 161 -15.72 -13.15 9.02
CA HIS E 161 -15.38 -13.39 10.45
C HIS E 161 -16.56 -13.04 11.37
N TYR E 162 -17.47 -13.98 11.59
CA TYR E 162 -18.63 -13.75 12.49
C TYR E 162 -19.24 -15.11 12.88
N HIS E 163 -20.11 -15.13 13.89
CA HIS E 163 -20.69 -16.37 14.39
C HIS E 163 -22.04 -16.69 13.76
N ASP E 164 -22.52 -15.86 12.85
CA ASP E 164 -23.78 -16.12 12.14
C ASP E 164 -23.66 -15.58 10.72
N PRO E 165 -23.03 -16.35 9.82
CA PRO E 165 -22.89 -15.88 8.44
C PRO E 165 -24.20 -15.64 7.73
N ALA E 166 -25.24 -16.41 8.02
CA ALA E 166 -26.50 -16.31 7.30
C ALA E 166 -27.09 -14.92 7.45
N GLY E 167 -27.58 -14.36 6.34
CA GLY E 167 -28.06 -13.01 6.28
C GLY E 167 -27.05 -12.02 5.74
N HIS E 168 -25.77 -12.35 5.79
CA HIS E 168 -24.73 -11.55 5.17
C HIS E 168 -24.28 -12.11 3.83
N ASN E 169 -24.26 -13.43 3.68
CA ASN E 169 -23.74 -14.03 2.46
C ASN E 169 -24.67 -13.81 1.27
N ASP E 170 -25.98 -13.83 1.50
CA ASP E 170 -26.96 -13.73 0.41
C ASP E 170 -28.00 -12.67 0.71
N ALA E 171 -27.56 -11.49 1.16
CA ALA E 171 -28.48 -10.40 1.44
C ALA E 171 -29.05 -9.78 0.18
N ARG E 172 -28.48 -10.07 -0.99
CA ARG E 172 -28.94 -9.50 -2.25
C ARG E 172 -30.03 -10.33 -2.91
N ARG E 173 -30.41 -11.46 -2.32
CA ARG E 173 -31.44 -12.33 -2.87
C ARG E 173 -32.64 -12.50 -1.96
N THR E 174 -32.45 -12.50 -0.64
CA THR E 174 -33.54 -12.70 0.31
C THR E 174 -34.16 -11.39 0.78
N ARG E 175 -33.71 -10.25 0.26
CA ARG E 175 -34.25 -8.97 0.68
C ARG E 175 -35.57 -8.62 0.03
N ALA E 176 -35.98 -9.36 -1.00
CA ALA E 176 -37.21 -9.05 -1.71
C ALA E 176 -38.47 -9.44 -0.96
N ILE E 177 -38.35 -10.36 0.00
CA ILE E 177 -39.53 -10.84 0.72
C ILE E 177 -40.08 -9.76 1.64
N GLY E 178 -39.20 -9.01 2.30
CA GLY E 178 -39.59 -8.10 3.36
C GLY E 178 -40.45 -6.93 2.91
N PRO E 179 -41.23 -6.38 3.85
CA PRO E 179 -42.09 -5.24 3.51
C PRO E 179 -41.32 -3.91 3.42
N LEU E 180 -40.28 -3.77 4.24
CA LEU E 180 -39.52 -2.52 4.26
C LEU E 180 -38.80 -2.26 2.94
N TRP E 181 -38.52 -3.32 2.19
CA TRP E 181 -37.76 -3.20 0.96
C TRP E 181 -38.46 -2.31 -0.06
N LYS E 182 -39.80 -2.35 -0.10
CA LYS E 182 -40.54 -1.56 -1.07
C LYS E 182 -40.38 -0.06 -0.82
N GLY E 183 -40.60 0.38 0.42
CA GLY E 183 -40.37 1.77 0.75
C GLY E 183 -38.96 2.29 0.55
N MET E 184 -37.98 1.45 0.86
CA MET E 184 -36.56 1.84 0.73
C MET E 184 -36.25 2.07 -0.74
N LYS E 185 -36.61 1.10 -1.59
CA LYS E 185 -36.34 1.21 -3.04
C LYS E 185 -36.82 2.57 -3.52
N ARG E 186 -38.05 2.95 -3.20
CA ARG E 186 -38.62 4.23 -3.73
C ARG E 186 -37.81 5.44 -3.27
N VAL E 187 -37.49 5.52 -1.98
CA VAL E 187 -36.82 6.75 -1.44
C VAL E 187 -35.38 6.88 -1.92
N PHE E 188 -34.67 5.76 -2.06
CA PHE E 188 -33.23 5.81 -2.41
C PHE E 188 -33.01 5.48 -3.89
N ALA E 189 -33.87 4.67 -4.49
CA ALA E 189 -33.63 4.26 -5.89
C ALA E 189 -34.48 5.05 -6.87
N ASP E 190 -35.78 5.15 -6.61
CA ASP E 190 -36.66 5.78 -7.62
C ASP E 190 -36.83 7.27 -7.36
N GLY E 191 -36.17 7.80 -6.32
CA GLY E 191 -36.31 9.26 -6.16
C GLY E 191 -35.11 9.98 -6.75
N PHE E 192 -34.00 9.27 -6.88
CA PHE E 192 -32.75 9.89 -7.37
C PHE E 192 -32.65 9.73 -8.89
N ILE E 193 -33.35 8.74 -9.46
CA ILE E 193 -33.17 8.47 -10.92
C ILE E 193 -34.30 8.97 -11.81
N SER E 194 -35.56 8.91 -11.32
CA SER E 194 -36.73 9.27 -12.17
C SER E 194 -37.16 10.72 -11.96
N GLY E 195 -37.93 11.28 -12.89
CA GLY E 195 -38.44 12.64 -12.76
C GLY E 195 -37.47 13.60 -13.40
N ASP E 196 -37.79 14.88 -13.27
CA ASP E 196 -36.95 15.94 -13.82
C ASP E 196 -35.56 15.87 -13.20
N ALA E 197 -34.56 16.25 -14.00
CA ALA E 197 -33.16 16.13 -13.55
C ALA E 197 -32.89 17.02 -12.35
N VAL E 198 -33.41 18.25 -12.36
CA VAL E 198 -33.25 19.13 -11.21
C VAL E 198 -34.01 18.58 -10.00
N GLU E 199 -35.16 17.93 -10.23
CA GLU E 199 -35.87 17.30 -9.13
C GLU E 199 -35.00 16.20 -8.54
N CYS E 200 -34.30 15.46 -9.40
CA CYS E 200 -33.40 14.40 -8.89
C CYS E 200 -32.25 15.04 -8.10
N SER E 201 -31.70 16.14 -8.61
CA SER E 201 -30.64 16.84 -7.88
C SER E 201 -31.09 17.34 -6.51
N VAL E 202 -32.32 17.84 -6.43
CA VAL E 202 -32.87 18.29 -5.12
C VAL E 202 -32.99 17.06 -4.22
N ASN E 203 -33.49 15.95 -4.76
CA ASN E 203 -33.68 14.75 -3.96
C ASN E 203 -32.37 14.24 -3.37
N LEU E 204 -31.30 14.27 -4.16
CA LEU E 204 -30.07 13.58 -3.77
C LEU E 204 -29.10 14.48 -2.99
N GLN E 205 -28.70 15.61 -3.58
CA GLN E 205 -27.76 16.48 -2.88
C GLN E 205 -28.38 17.29 -1.74
N LEU E 206 -29.40 18.09 -2.05
CA LEU E 206 -29.96 19.03 -1.04
C LEU E 206 -30.64 18.32 0.13
N VAL E 207 -31.40 17.24 -0.12
CA VAL E 207 -32.17 16.61 0.98
C VAL E 207 -31.47 15.34 1.45
N GLY E 208 -31.26 14.36 0.57
CA GLY E 208 -30.70 13.07 1.00
C GLY E 208 -29.27 13.12 1.51
N GLU E 209 -28.38 13.86 0.86
CA GLU E 209 -26.94 13.82 1.26
C GLU E 209 -26.70 14.90 2.33
N ALA E 210 -27.50 15.96 2.32
CA ALA E 210 -27.27 17.08 3.27
C ALA E 210 -28.09 16.91 4.55
N CYS E 211 -29.34 16.43 4.46
CA CYS E 211 -30.17 16.37 5.71
C CYS E 211 -29.97 15.08 6.50
N PHE E 212 -30.01 13.92 5.85
CA PHE E 212 -29.93 12.65 6.55
C PHE E 212 -28.60 11.93 6.44
N THR E 213 -28.24 11.53 5.22
CA THR E 213 -27.03 10.68 5.03
C THR E 213 -25.81 11.20 5.78
N ASN E 214 -25.36 12.42 5.49
CA ASN E 214 -24.13 12.92 6.09
C ASN E 214 -24.20 12.78 7.60
N PRO E 215 -25.22 13.29 8.30
CA PRO E 215 -25.33 12.99 9.74
C PRO E 215 -25.50 11.51 10.04
N LEU E 216 -26.13 10.76 9.13
CA LEU E 216 -26.38 9.35 9.38
C LEU E 216 -25.08 8.56 9.53
N ILE E 217 -24.07 8.90 8.72
CA ILE E 217 -22.80 8.19 8.81
C ILE E 217 -22.17 8.38 10.19
N VAL E 218 -22.18 9.62 10.68
CA VAL E 218 -21.61 9.90 12.00
C VAL E 218 -22.40 9.18 13.08
N ALA E 219 -23.73 9.21 12.99
CA ALA E 219 -24.54 8.53 13.99
C ALA E 219 -24.29 7.03 14.00
N VAL E 220 -24.19 6.42 12.81
CA VAL E 220 -23.92 4.99 12.73
C VAL E 220 -22.54 4.68 13.31
N THR E 221 -21.58 5.55 13.06
CA THR E 221 -20.22 5.34 13.59
C THR E 221 -20.27 5.36 15.12
N GLU E 222 -20.97 6.33 15.69
CA GLU E 222 -21.07 6.44 17.15
C GLU E 222 -21.77 5.23 17.75
N TRP E 223 -22.90 4.84 17.18
CA TRP E 223 -23.66 3.72 17.72
C TRP E 223 -22.89 2.41 17.60
N ALA E 224 -22.19 2.21 16.48
CA ALA E 224 -21.39 0.99 16.31
C ALA E 224 -20.23 0.95 17.29
N SER E 225 -19.57 2.10 17.49
CA SER E 225 -18.48 2.14 18.46
C SER E 225 -18.97 1.82 19.86
N ALA E 226 -20.15 2.33 20.22
CA ALA E 226 -20.70 2.06 21.54
C ALA E 226 -21.10 0.60 21.74
N ASN E 227 -21.18 -0.20 20.67
CA ASN E 227 -21.63 -1.58 20.75
C ASN E 227 -20.52 -2.59 20.49
N GLY E 228 -19.25 -2.15 20.58
CA GLY E 228 -18.15 -3.08 20.39
C GLY E 228 -17.82 -3.42 18.96
N ASP E 229 -18.09 -2.53 18.03
CA ASP E 229 -17.81 -2.74 16.61
C ASP E 229 -16.70 -1.80 16.15
N GLU E 230 -15.83 -2.29 15.27
CA GLU E 230 -14.65 -1.45 14.88
C GLU E 230 -14.46 -1.50 13.36
N ILE E 231 -15.23 -2.31 12.64
CA ILE E 231 -15.14 -2.36 11.15
C ILE E 231 -15.96 -1.21 10.57
N THR E 232 -17.22 -1.09 10.99
CA THR E 232 -18.09 0.01 10.50
C THR E 232 -17.34 1.34 10.65
N PRO E 233 -16.91 1.77 11.85
CA PRO E 233 -16.25 3.06 11.97
C PRO E 233 -15.01 3.15 11.04
N THR E 234 -14.32 2.04 10.83
CA THR E 234 -13.07 2.06 10.01
C THR E 234 -13.42 2.40 8.56
N VAL E 235 -14.63 2.09 8.11
CA VAL E 235 -15.00 2.30 6.68
C VAL E 235 -15.86 3.55 6.54
N PHE E 236 -16.76 3.81 7.49
CA PHE E 236 -17.67 4.93 7.34
C PHE E 236 -16.98 6.27 7.55
N LEU E 237 -15.94 6.33 8.40
CA LEU E 237 -15.20 7.57 8.55
C LEU E 237 -14.52 7.95 7.24
N SER E 238 -13.98 6.97 6.53
CA SER E 238 -13.42 7.23 5.20
C SER E 238 -14.52 7.62 4.21
N VAL E 239 -15.67 6.98 4.29
CA VAL E 239 -16.78 7.33 3.38
C VAL E 239 -17.20 8.78 3.59
N GLU E 240 -17.19 9.25 4.83
CA GLU E 240 -17.70 10.58 5.15
C GLU E 240 -16.87 11.68 4.49
N THR E 241 -15.58 11.43 4.25
CA THR E 241 -14.70 12.48 3.76
C THR E 241 -15.13 12.99 2.39
N ASP E 242 -15.58 12.09 1.50
CA ASP E 242 -15.92 12.48 0.15
C ASP E 242 -17.25 13.20 -0.02
N GLU E 243 -18.11 13.11 1.00
CA GLU E 243 -19.49 13.66 0.91
C GLU E 243 -19.52 15.16 1.24
N LEU E 244 -18.37 15.82 1.23
CA LEU E 244 -18.36 17.27 1.42
C LEU E 244 -18.52 17.93 0.06
N ARG E 245 -17.77 17.41 -0.93
CA ARG E 245 -17.79 18.01 -2.28
C ARG E 245 -19.11 17.71 -2.96
N HIS E 246 -19.83 16.69 -2.50
CA HIS E 246 -21.18 16.41 -3.05
C HIS E 246 -22.09 17.59 -2.69
N MET E 247 -21.87 18.22 -1.54
CA MET E 247 -22.62 19.44 -1.17
C MET E 247 -22.39 20.54 -2.22
N ALA E 248 -21.16 21.07 -2.32
CA ALA E 248 -20.87 22.09 -3.31
C ALA E 248 -21.50 21.83 -4.67
N ASN E 249 -21.53 20.56 -5.09
CA ASN E 249 -22.14 20.26 -6.39
C ASN E 249 -23.62 20.63 -6.40
N GLY E 250 -24.32 20.27 -5.31
CA GLY E 250 -25.75 20.60 -5.21
C GLY E 250 -25.99 22.10 -5.22
N TYR E 251 -25.24 22.84 -4.39
CA TYR E 251 -25.46 24.30 -4.30
C TYR E 251 -25.17 24.95 -5.65
N GLN E 252 -24.09 24.50 -6.31
CA GLN E 252 -23.74 25.04 -7.64
C GLN E 252 -24.91 24.81 -8.58
N THR E 253 -25.53 23.64 -8.47
CA THR E 253 -26.72 23.32 -9.31
C THR E 253 -27.78 24.41 -9.16
N VAL E 254 -28.20 24.69 -7.93
CA VAL E 254 -29.30 25.69 -7.70
C VAL E 254 -28.81 27.05 -8.20
N VAL E 255 -27.55 27.39 -7.93
CA VAL E 255 -26.99 28.68 -8.44
C VAL E 255 -27.17 28.70 -9.96
N SER E 256 -26.86 27.59 -10.64
CA SER E 256 -26.89 27.59 -12.13
C SER E 256 -28.28 27.88 -12.68
N ILE E 257 -29.32 27.24 -12.14
CA ILE E 257 -30.70 27.41 -12.68
C ILE E 257 -31.41 28.52 -11.90
N ALA E 258 -30.66 29.34 -11.16
CA ALA E 258 -31.29 30.40 -10.35
C ALA E 258 -31.74 31.52 -11.28
N ASN E 259 -30.94 31.83 -12.30
CA ASN E 259 -31.30 32.90 -13.23
C ASN E 259 -32.14 32.30 -14.36
N ASP E 260 -33.34 31.87 -14.00
CA ASP E 260 -34.28 31.28 -14.95
C ASP E 260 -35.69 31.61 -14.48
N PRO E 261 -36.52 32.25 -15.32
CA PRO E 261 -37.88 32.59 -14.88
C PRO E 261 -38.71 31.38 -14.46
N ALA E 262 -38.41 30.19 -14.97
CA ALA E 262 -39.17 29.01 -14.59
C ALA E 262 -38.81 28.47 -13.21
N ALA E 263 -37.67 28.88 -12.65
CA ALA E 263 -37.27 28.36 -11.34
C ALA E 263 -38.22 28.83 -10.24
N ALA E 264 -38.63 30.10 -10.29
CA ALA E 264 -39.47 30.67 -9.23
C ALA E 264 -40.85 30.05 -9.16
N LYS E 265 -41.27 29.31 -10.19
CA LYS E 265 -42.60 28.70 -10.21
C LYS E 265 -42.62 27.26 -9.72
N TYR E 266 -41.48 26.57 -9.73
CA TYR E 266 -41.44 25.15 -9.43
C TYR E 266 -40.45 24.74 -8.35
N LEU E 267 -39.47 25.59 -8.02
CA LEU E 267 -38.42 25.16 -7.09
C LEU E 267 -38.98 24.83 -5.72
N ASN E 268 -39.88 25.68 -5.20
CA ASN E 268 -40.41 25.48 -3.86
C ASN E 268 -41.24 24.20 -3.77
N THR E 269 -42.10 23.99 -4.77
CA THR E 269 -42.94 22.78 -4.82
C THR E 269 -42.05 21.55 -4.86
N ASP E 270 -41.05 21.56 -5.76
CA ASP E 270 -40.16 20.42 -5.91
C ASP E 270 -39.44 20.11 -4.61
N LEU E 271 -38.94 21.15 -3.93
CA LEU E 271 -38.23 20.94 -2.67
C LEU E 271 -39.16 20.38 -1.61
N ASN E 272 -40.39 20.89 -1.54
CA ASN E 272 -41.34 20.38 -0.55
C ASN E 272 -41.66 18.91 -0.80
N ASN E 273 -41.92 18.56 -2.07
CA ASN E 273 -42.21 17.17 -2.39
C ASN E 273 -41.03 16.26 -2.05
N ALA E 274 -39.82 16.69 -2.39
CA ALA E 274 -38.63 15.88 -2.10
C ALA E 274 -38.45 15.68 -0.60
N PHE E 275 -38.60 16.75 0.18
CA PHE E 275 -38.43 16.64 1.62
C PHE E 275 -39.45 15.70 2.23
N TRP E 276 -40.72 15.84 1.82
CA TRP E 276 -41.74 14.95 2.36
C TRP E 276 -41.47 13.50 1.98
N THR E 277 -41.14 13.27 0.72
CA THR E 277 -40.84 11.89 0.27
C THR E 277 -39.74 11.29 1.15
N GLN E 278 -38.62 11.99 1.28
CA GLN E 278 -37.50 11.42 2.03
C GLN E 278 -37.87 11.18 3.50
N GLN E 279 -38.48 12.19 4.14
CA GLN E 279 -38.73 12.07 5.57
C GLN E 279 -39.75 11.00 5.89
N LYS E 280 -40.73 10.79 5.01
CA LYS E 280 -41.80 9.83 5.29
C LYS E 280 -41.29 8.45 5.62
N TYR E 281 -40.12 8.07 5.08
CA TYR E 281 -39.62 6.69 5.29
C TYR E 281 -38.45 6.66 6.28
N PHE E 282 -37.53 7.63 6.17
CA PHE E 282 -36.32 7.61 7.03
C PHE E 282 -36.72 7.82 8.49
N THR E 283 -37.56 8.82 8.77
CA THR E 283 -37.84 9.13 10.18
C THR E 283 -38.47 7.90 10.85
N PRO E 284 -39.44 7.17 10.24
CA PRO E 284 -39.92 5.95 10.88
C PRO E 284 -38.89 4.81 10.93
N ALA E 285 -38.06 4.62 9.91
CA ALA E 285 -37.16 3.45 9.92
C ALA E 285 -35.90 3.68 10.75
N LEU E 286 -35.10 4.68 10.41
CA LEU E 286 -33.84 4.89 11.10
C LEU E 286 -34.02 4.83 12.61
N GLY E 287 -35.10 5.45 13.11
CA GLY E 287 -35.37 5.39 14.54
C GLY E 287 -35.59 3.97 15.03
N TYR E 288 -36.37 3.19 14.26
CA TYR E 288 -36.60 1.80 14.64
C TYR E 288 -35.28 1.02 14.66
N LEU E 289 -34.48 1.16 13.61
CA LEU E 289 -33.23 0.41 13.52
C LEU E 289 -32.28 0.78 14.65
N PHE E 290 -32.20 2.07 14.99
CA PHE E 290 -31.27 2.50 16.04
C PHE E 290 -31.75 2.07 17.42
N GLU E 291 -33.00 2.38 17.75
CA GLU E 291 -33.46 2.16 19.13
C GLU E 291 -33.76 0.70 19.42
N TYR E 292 -34.32 -0.03 18.47
CA TYR E 292 -34.75 -1.40 18.74
C TYR E 292 -33.70 -2.45 18.37
N GLY E 293 -32.52 -2.03 17.93
CA GLY E 293 -31.50 -2.98 17.54
C GLY E 293 -30.14 -2.72 18.15
N SER E 294 -30.12 -2.29 19.41
CA SER E 294 -28.86 -1.99 20.07
C SER E 294 -29.00 -2.26 21.57
N LYS E 295 -28.02 -2.96 22.14
CA LYS E 295 -28.03 -3.23 23.57
C LYS E 295 -27.69 -1.97 24.36
N PHE E 296 -26.68 -1.23 23.93
CA PHE E 296 -26.26 0.01 24.60
C PHE E 296 -26.73 1.19 23.76
N LYS E 297 -27.41 2.13 24.39
CA LYS E 297 -28.06 3.23 23.70
C LYS E 297 -27.36 4.54 24.01
N VAL E 298 -27.24 5.39 23.00
CA VAL E 298 -26.49 6.64 23.12
C VAL E 298 -27.42 7.83 23.32
N GLU E 299 -28.41 8.00 22.44
CA GLU E 299 -29.27 9.18 22.46
C GLU E 299 -30.63 8.82 21.90
N PRO E 300 -31.71 9.37 22.46
CA PRO E 300 -33.04 9.14 21.88
C PRO E 300 -33.13 9.69 20.47
N TRP E 301 -33.94 9.02 19.64
CA TRP E 301 -34.03 9.41 18.24
C TRP E 301 -34.69 10.77 18.05
N VAL E 302 -35.62 11.14 18.94
CA VAL E 302 -36.35 12.39 18.75
C VAL E 302 -35.41 13.58 18.88
N LYS E 303 -34.51 13.55 19.86
CA LYS E 303 -33.56 14.66 20.02
C LYS E 303 -32.62 14.75 18.81
N THR E 304 -32.16 13.60 18.31
CA THR E 304 -31.30 13.61 17.13
C THR E 304 -32.02 14.17 15.92
N TRP E 305 -33.28 13.78 15.73
CA TRP E 305 -34.06 14.31 14.61
C TRP E 305 -34.25 15.82 14.73
N ASN E 306 -34.57 16.30 15.94
CA ASN E 306 -34.75 17.73 16.14
C ASN E 306 -33.46 18.48 15.87
N ARG E 307 -32.32 17.94 16.31
CA ARG E 307 -31.04 18.59 16.03
C ARG E 307 -30.70 18.57 14.55
N TRP E 308 -31.08 17.51 13.83
CA TRP E 308 -30.64 17.34 12.46
C TRP E 308 -31.50 18.13 11.49
N VAL E 309 -32.81 17.84 11.47
CA VAL E 309 -33.68 18.46 10.43
C VAL E 309 -34.15 19.86 10.86
N TYR E 310 -34.72 20.01 12.04
CA TYR E 310 -35.33 21.32 12.44
C TYR E 310 -34.27 22.39 12.70
N GLU E 311 -33.06 22.02 13.11
CA GLU E 311 -32.04 22.99 13.47
C GLU E 311 -30.98 23.16 12.40
N ASP E 312 -30.30 22.08 12.02
CA ASP E 312 -29.15 22.20 11.13
C ASP E 312 -29.58 22.40 9.68
N TRP E 313 -30.30 21.42 9.11
CA TRP E 313 -30.67 21.51 7.70
C TRP E 313 -31.68 22.63 7.47
N GLY E 314 -32.73 22.68 8.29
CA GLY E 314 -33.77 23.69 8.10
C GLY E 314 -33.41 25.08 8.55
N GLY E 315 -32.30 25.24 9.24
CA GLY E 315 -31.91 26.55 9.75
C GLY E 315 -30.72 27.17 9.04
N ILE E 316 -29.76 26.35 8.62
CA ILE E 316 -28.53 26.84 8.03
C ILE E 316 -28.60 26.76 6.51
N TRP E 317 -28.79 25.55 6.00
CA TRP E 317 -28.82 25.37 4.52
C TRP E 317 -29.99 26.17 3.93
N ILE E 318 -31.19 26.02 4.51
CA ILE E 318 -32.35 26.73 3.99
C ILE E 318 -32.15 28.24 4.08
N GLY E 319 -31.61 28.70 5.21
CA GLY E 319 -31.37 30.13 5.37
C GLY E 319 -30.36 30.67 4.38
N ARG E 320 -29.28 29.91 4.15
CA ARG E 320 -28.25 30.35 3.21
C ARG E 320 -28.72 30.32 1.77
N LEU E 321 -29.84 29.67 1.48
CA LEU E 321 -30.38 29.60 0.13
C LEU E 321 -31.54 30.57 -0.09
N GLY E 322 -31.77 31.50 0.84
CA GLY E 322 -32.88 32.43 0.70
C GLY E 322 -32.67 33.47 -0.38
N LYS E 323 -31.43 33.75 -0.75
CA LYS E 323 -31.15 34.75 -1.77
C LYS E 323 -31.45 34.28 -3.18
N TYR E 324 -31.74 33.00 -3.38
CA TYR E 324 -32.04 32.45 -4.69
C TYR E 324 -33.50 32.03 -4.83
N GLY E 325 -34.37 32.49 -3.95
CA GLY E 325 -35.78 32.18 -4.05
C GLY E 325 -36.19 30.87 -3.43
N VAL E 326 -35.40 30.32 -2.52
CA VAL E 326 -35.70 29.05 -1.86
C VAL E 326 -36.22 29.35 -0.46
N GLU E 327 -37.40 28.82 -0.15
CA GLU E 327 -38.03 29.01 1.15
C GLU E 327 -38.17 27.66 1.86
N SER E 328 -38.43 27.73 3.15
CA SER E 328 -38.59 26.52 3.95
C SER E 328 -39.85 25.77 3.51
N PRO E 329 -39.81 24.44 3.49
CA PRO E 329 -41.01 23.68 3.12
C PRO E 329 -42.15 23.91 4.12
N ARG E 330 -43.37 23.88 3.60
CA ARG E 330 -44.56 24.11 4.41
C ARG E 330 -45.07 22.86 5.11
N SER E 331 -44.47 21.70 4.83
CA SER E 331 -44.89 20.44 5.44
C SER E 331 -44.00 20.02 6.59
N LEU E 332 -43.12 20.92 7.05
CA LEU E 332 -42.16 20.57 8.13
C LEU E 332 -42.91 20.37 9.46
N ARG E 333 -43.98 21.14 9.69
CA ARG E 333 -44.70 21.02 10.95
C ARG E 333 -45.35 19.64 11.09
N ASP E 334 -45.92 19.12 10.00
CA ASP E 334 -46.51 17.79 10.04
C ASP E 334 -45.45 16.74 10.33
N ALA E 335 -44.27 16.88 9.72
CA ALA E 335 -43.17 15.96 9.98
C ALA E 335 -42.74 16.02 11.43
N LYS E 336 -42.69 17.23 11.99
CA LYS E 336 -42.29 17.39 13.41
C LYS E 336 -43.31 16.69 14.29
N THR E 337 -44.60 16.91 14.01
CA THR E 337 -45.64 16.30 14.83
C THR E 337 -45.61 14.78 14.74
N ASP E 338 -45.35 14.22 13.56
CA ASP E 338 -45.44 12.74 13.46
C ASP E 338 -44.13 12.10 13.91
N ALA E 339 -43.03 12.84 13.94
CA ALA E 339 -41.75 12.23 14.24
C ALA E 339 -41.65 11.70 15.66
N TYR E 340 -42.64 11.98 16.52
CA TYR E 340 -42.53 11.56 17.90
C TYR E 340 -42.83 10.07 18.07
N TRP E 341 -43.79 9.53 17.32
CA TRP E 341 -44.27 8.18 17.54
C TRP E 341 -44.17 7.27 16.32
N ALA E 342 -43.66 7.76 15.19
CA ALA E 342 -43.70 6.98 13.96
C ALA E 342 -42.84 5.71 14.05
N HIS E 343 -41.63 5.83 14.60
CA HIS E 343 -40.74 4.69 14.62
C HIS E 343 -41.24 3.59 15.54
N HIS E 344 -41.97 3.94 16.61
CA HIS E 344 -42.55 2.92 17.46
C HIS E 344 -43.61 2.11 16.72
N ASP E 345 -44.47 2.78 15.95
CA ASP E 345 -45.47 2.07 15.16
C ASP E 345 -44.82 1.19 14.10
N LEU E 346 -43.79 1.70 13.42
CA LEU E 346 -43.10 0.88 12.44
C LEU E 346 -42.44 -0.32 13.10
N ALA E 347 -41.88 -0.13 14.30
CA ALA E 347 -41.29 -1.25 15.03
C ALA E 347 -42.32 -2.29 15.37
N LEU E 348 -43.51 -1.87 15.81
CA LEU E 348 -44.57 -2.83 16.11
C LEU E 348 -44.95 -3.61 14.86
N ALA E 349 -45.08 -2.92 13.72
CA ALA E 349 -45.40 -3.60 12.47
C ALA E 349 -44.32 -4.59 12.08
N ALA E 350 -43.05 -4.21 12.25
CA ALA E 350 -41.95 -5.10 11.90
C ALA E 350 -41.92 -6.34 12.79
N TYR E 351 -42.14 -6.17 14.09
CA TYR E 351 -42.20 -7.38 14.97
C TYR E 351 -43.39 -8.24 14.55
N ALA E 352 -44.51 -7.61 14.19
CA ALA E 352 -45.70 -8.39 13.87
C ALA E 352 -45.44 -9.43 12.77
N LEU E 353 -44.51 -9.14 11.86
CA LEU E 353 -44.15 -10.06 10.79
C LEU E 353 -42.63 -10.23 10.77
N TRP E 354 -42.12 -11.10 11.63
CA TRP E 354 -40.71 -11.45 11.63
C TRP E 354 -40.32 -12.46 10.56
N PRO E 355 -41.14 -13.46 10.20
CA PRO E 355 -40.67 -14.46 9.23
C PRO E 355 -40.26 -13.89 7.89
N LEU E 356 -40.96 -12.85 7.41
CA LEU E 356 -40.66 -12.30 6.09
C LEU E 356 -39.27 -11.67 6.03
N GLY E 357 -38.78 -11.17 7.15
CA GLY E 357 -37.48 -10.52 7.17
C GLY E 357 -36.34 -11.49 6.96
N PHE E 358 -35.13 -10.95 7.02
CA PHE E 358 -33.91 -11.74 6.85
C PHE E 358 -32.88 -11.45 7.94
N ALA E 359 -33.32 -10.92 9.09
CA ALA E 359 -32.42 -10.63 10.19
C ALA E 359 -33.06 -11.10 11.49
N ARG E 360 -32.24 -11.66 12.37
CA ARG E 360 -32.72 -12.08 13.68
C ARG E 360 -33.00 -10.86 14.56
N LEU E 361 -34.14 -10.93 15.25
CA LEU E 361 -34.58 -9.79 16.09
C LEU E 361 -34.99 -10.29 17.47
N ALA E 362 -35.03 -9.41 18.46
CA ALA E 362 -35.42 -9.74 19.82
C ALA E 362 -36.30 -8.64 20.39
N LEU E 363 -37.19 -9.03 21.30
CA LEU E 363 -38.09 -8.10 21.96
C LEU E 363 -37.35 -7.33 23.07
N PRO E 364 -37.81 -6.12 23.39
CA PRO E 364 -37.17 -5.36 24.47
C PRO E 364 -37.30 -6.08 25.82
N ASP E 365 -36.23 -6.02 26.60
CA ASP E 365 -36.21 -6.62 27.93
C ASP E 365 -36.60 -5.56 28.97
N GLU E 366 -36.39 -5.88 30.24
CA GLU E 366 -36.82 -4.98 31.31
C GLU E 366 -36.05 -3.66 31.28
N GLU E 367 -34.73 -3.72 31.08
CA GLU E 367 -33.93 -2.49 31.05
C GLU E 367 -34.35 -1.60 29.89
N ASP E 368 -34.57 -2.18 28.72
CA ASP E 368 -35.03 -1.40 27.58
C ASP E 368 -36.40 -0.81 27.83
N GLN E 369 -37.28 -1.57 28.51
CA GLN E 369 -38.59 -1.04 28.84
C GLN E 369 -38.48 0.17 29.78
N GLU E 370 -37.60 0.09 30.77
CA GLU E 370 -37.40 1.22 31.67
C GLU E 370 -36.84 2.42 30.92
N TRP E 371 -35.88 2.19 30.02
CA TRP E 371 -35.33 3.29 29.23
C TRP E 371 -36.40 3.94 28.37
N PHE E 372 -37.23 3.13 27.71
CA PHE E 372 -38.29 3.67 26.86
C PHE E 372 -39.30 4.47 27.68
N GLU E 373 -39.68 3.95 28.85
CA GLU E 373 -40.62 4.67 29.69
C GLU E 373 -40.04 5.99 30.18
N ALA E 374 -38.76 5.99 30.55
CA ALA E 374 -38.12 7.21 31.02
C ALA E 374 -38.03 8.26 29.91
N ASN E 375 -37.70 7.84 28.69
CA ASN E 375 -37.49 8.79 27.61
C ASN E 375 -38.77 9.13 26.86
N TYR E 376 -39.69 8.19 26.72
CA TYR E 376 -40.95 8.41 26.00
C TYR E 376 -42.12 8.21 26.95
N PRO E 377 -42.65 9.27 27.55
CA PRO E 377 -43.81 9.09 28.44
C PRO E 377 -45.00 8.51 27.69
N GLY E 378 -45.74 7.64 28.37
CA GLY E 378 -46.87 6.97 27.77
C GLY E 378 -46.51 5.75 26.94
N TRP E 379 -45.23 5.40 26.83
CA TRP E 379 -44.84 4.23 26.06
C TRP E 379 -45.30 2.94 26.72
N ALA E 380 -45.29 2.90 28.05
CA ALA E 380 -45.59 1.67 28.78
C ALA E 380 -46.99 1.16 28.49
N ASP E 381 -48.01 1.92 28.90
CA ASP E 381 -49.37 1.43 28.86
C ASP E 381 -49.87 1.14 27.44
N HIS E 382 -49.17 1.65 26.42
CA HIS E 382 -49.57 1.43 25.05
C HIS E 382 -48.79 0.31 24.35
N TYR E 383 -47.49 0.22 24.55
CA TYR E 383 -46.68 -0.76 23.84
C TYR E 383 -46.16 -1.89 24.73
N GLY E 384 -45.78 -1.60 25.97
CA GLY E 384 -45.26 -2.65 26.83
C GLY E 384 -46.30 -3.71 27.15
N LYS E 385 -47.56 -3.30 27.28
CA LYS E 385 -48.63 -4.28 27.50
C LYS E 385 -48.73 -5.25 26.33
N ILE E 386 -48.68 -4.72 25.11
CA ILE E 386 -48.74 -5.58 23.92
C ILE E 386 -47.54 -6.50 23.87
N TYR E 387 -46.34 -5.98 24.14
CA TYR E 387 -45.14 -6.80 24.08
C TYR E 387 -45.16 -7.89 25.14
N ASN E 388 -45.61 -7.56 26.35
CA ASN E 388 -45.71 -8.55 27.42
C ASN E 388 -46.74 -9.62 27.08
N GLU E 389 -47.87 -9.22 26.51
CA GLU E 389 -48.87 -10.20 26.09
C GLU E 389 -48.32 -11.13 25.02
N TRP E 390 -47.57 -10.59 24.07
CA TRP E 390 -46.95 -11.42 23.04
C TRP E 390 -45.95 -12.39 23.64
N LYS E 391 -45.13 -11.91 24.58
CA LYS E 391 -44.12 -12.77 25.20
C LYS E 391 -44.77 -13.88 26.03
N LYS E 392 -45.86 -13.55 26.73
CA LYS E 392 -46.53 -14.56 27.55
C LYS E 392 -47.17 -15.65 26.71
N LEU E 393 -47.54 -15.35 25.47
CA LEU E 393 -48.25 -16.29 24.62
C LEU E 393 -47.31 -17.24 23.87
N GLY E 394 -45.99 -17.09 24.02
CA GLY E 394 -45.07 -17.98 23.35
C GLY E 394 -44.45 -17.38 22.11
N TYR E 395 -44.02 -16.12 22.21
CA TYR E 395 -43.44 -15.44 21.05
C TYR E 395 -42.16 -16.11 20.58
N GLU E 396 -41.31 -16.54 21.51
CA GLU E 396 -40.01 -17.11 21.18
C GLU E 396 -39.97 -18.63 21.29
N ASP E 397 -41.10 -19.28 21.56
CA ASP E 397 -41.13 -20.72 21.75
C ASP E 397 -41.54 -21.41 20.46
N PRO E 398 -40.68 -22.22 19.85
CA PRO E 398 -41.10 -22.91 18.61
C PRO E 398 -42.29 -23.83 18.78
N LYS E 399 -42.43 -24.46 19.95
CA LYS E 399 -43.54 -25.39 20.16
C LYS E 399 -44.88 -24.69 20.32
N SER E 400 -44.87 -23.41 20.72
CA SER E 400 -46.13 -22.69 20.91
C SER E 400 -46.87 -22.52 19.60
N GLY E 401 -46.15 -22.24 18.51
CA GLY E 401 -46.79 -21.99 17.23
C GLY E 401 -47.62 -20.74 17.19
N PHE E 402 -47.11 -19.65 17.75
CA PHE E 402 -47.83 -18.38 17.82
C PHE E 402 -47.13 -17.35 16.93
N ILE E 403 -47.88 -16.74 16.02
CA ILE E 403 -47.38 -15.70 15.14
C ILE E 403 -48.21 -14.45 15.39
N PRO E 404 -47.59 -13.29 15.61
CA PRO E 404 -48.37 -12.10 15.96
C PRO E 404 -49.34 -11.64 14.89
N TYR E 405 -49.12 -12.01 13.62
CA TYR E 405 -50.04 -11.60 12.57
C TYR E 405 -51.43 -12.17 12.78
N ALA E 406 -51.50 -13.46 13.15
CA ALA E 406 -52.79 -14.07 13.43
C ALA E 406 -53.47 -13.42 14.63
N TRP E 407 -52.69 -13.08 15.66
CA TRP E 407 -53.26 -12.39 16.82
C TRP E 407 -53.82 -11.04 16.44
N LEU E 408 -53.10 -10.28 15.62
CA LEU E 408 -53.59 -8.99 15.16
C LEU E 408 -54.87 -9.13 14.35
N LEU E 409 -54.91 -10.12 13.46
CA LEU E 409 -56.11 -10.34 12.66
C LEU E 409 -57.30 -10.73 13.52
N ALA E 410 -57.07 -11.58 14.53
CA ALA E 410 -58.16 -12.03 15.37
C ALA E 410 -58.66 -10.94 16.31
N ASN E 411 -57.78 -10.02 16.71
CA ASN E 411 -58.17 -8.95 17.62
C ASN E 411 -58.79 -7.76 16.92
N GLY E 412 -58.91 -7.78 15.59
CA GLY E 412 -59.59 -6.75 14.84
C GLY E 412 -58.68 -5.75 14.16
N HIS E 413 -57.42 -5.65 14.59
CA HIS E 413 -56.49 -4.75 13.94
C HIS E 413 -56.07 -5.29 12.59
N ASP E 414 -55.81 -4.39 11.64
CA ASP E 414 -55.42 -4.76 10.30
C ASP E 414 -54.19 -3.97 9.89
N VAL E 415 -53.45 -4.52 8.92
CA VAL E 415 -52.24 -3.91 8.40
C VAL E 415 -52.51 -3.44 6.98
N TYR E 416 -52.34 -2.15 6.74
CA TYR E 416 -52.51 -1.55 5.43
C TYR E 416 -51.20 -0.98 4.95
N ILE E 417 -51.03 -0.93 3.62
CA ILE E 417 -49.81 -0.43 3.00
C ILE E 417 -50.18 0.78 2.15
N ASP E 418 -49.51 1.91 2.40
CA ASP E 418 -49.74 3.11 1.61
C ASP E 418 -49.32 2.88 0.17
N ARG E 419 -50.08 3.44 -0.77
CA ARG E 419 -49.76 3.24 -2.18
C ARG E 419 -48.54 4.05 -2.59
N VAL E 420 -48.38 5.26 -2.06
CA VAL E 420 -47.30 6.12 -2.48
C VAL E 420 -46.00 5.78 -1.75
N SER E 421 -46.04 5.73 -0.43
CA SER E 421 -44.83 5.53 0.35
C SER E 421 -44.49 4.06 0.58
N GLN E 422 -45.42 3.14 0.33
CA GLN E 422 -45.21 1.71 0.50
C GLN E 422 -44.73 1.37 1.91
N VAL E 423 -45.32 2.02 2.90
CA VAL E 423 -44.96 1.85 4.31
C VAL E 423 -46.14 1.22 5.03
N PRO E 424 -45.96 0.10 5.73
CA PRO E 424 -47.07 -0.51 6.46
C PRO E 424 -47.59 0.42 7.56
N PHE E 425 -48.90 0.33 7.81
CA PHE E 425 -49.55 1.26 8.72
C PHE E 425 -50.75 0.56 9.36
N ILE E 426 -50.79 0.56 10.70
CA ILE E 426 -51.87 -0.02 11.47
C ILE E 426 -52.68 1.13 12.07
N PRO E 427 -53.93 1.34 11.65
CA PRO E 427 -54.65 2.54 12.10
C PRO E 427 -55.09 2.48 13.55
N SER E 428 -55.51 1.31 14.04
CA SER E 428 -56.08 1.24 15.39
C SER E 428 -55.01 1.44 16.46
N LEU E 429 -53.79 0.97 16.22
CA LEU E 429 -52.73 1.00 17.22
C LEU E 429 -51.74 2.14 17.02
N ALA E 430 -52.01 3.06 16.10
CA ALA E 430 -51.08 4.14 15.80
C ALA E 430 -51.38 5.33 16.70
N LYS E 431 -50.36 5.76 17.46
CA LYS E 431 -50.49 6.96 18.28
C LYS E 431 -50.04 8.22 17.56
N GLY E 432 -49.50 8.06 16.35
CA GLY E 432 -48.98 9.21 15.59
C GLY E 432 -49.95 9.71 14.54
N SER E 433 -49.56 10.74 13.78
CA SER E 433 -50.43 11.34 12.73
C SER E 433 -50.63 10.37 11.57
N GLY E 434 -51.82 10.41 10.94
CA GLY E 434 -52.11 9.55 9.78
C GLY E 434 -53.49 8.94 9.92
N SER E 435 -54.37 9.14 8.95
CA SER E 435 -55.68 8.47 9.10
C SER E 435 -55.96 7.71 7.80
N LEU E 436 -56.54 6.51 7.90
CA LEU E 436 -56.76 5.70 6.67
C LEU E 436 -57.79 6.29 5.72
N ARG E 437 -57.49 6.32 4.43
CA ARG E 437 -58.42 6.76 3.39
C ARG E 437 -58.43 5.72 2.29
N VAL E 438 -59.63 5.35 1.83
CA VAL E 438 -59.80 4.33 0.80
C VAL E 438 -60.53 4.95 -0.39
N HIS E 439 -59.98 4.79 -1.58
CA HIS E 439 -60.55 5.32 -2.79
C HIS E 439 -60.78 4.21 -3.80
N GLU E 440 -61.78 4.40 -4.65
CA GLU E 440 -62.12 3.46 -5.71
C GLU E 440 -61.95 4.14 -7.05
N PHE E 441 -61.16 3.53 -7.94
CA PHE E 441 -60.89 4.13 -9.24
C PHE E 441 -60.72 3.01 -10.27
N ASN E 442 -61.52 3.07 -11.34
CA ASN E 442 -61.40 2.15 -12.47
C ASN E 442 -61.47 0.69 -12.01
N GLY E 443 -62.30 0.43 -11.01
CA GLY E 443 -62.47 -0.92 -10.53
C GLY E 443 -61.38 -1.43 -9.62
N LYS E 444 -60.54 -0.56 -9.07
CA LYS E 444 -59.51 -0.96 -8.14
C LYS E 444 -59.54 -0.06 -6.91
N LYS E 445 -59.23 -0.65 -5.76
CA LYS E 445 -59.25 0.04 -4.48
C LYS E 445 -57.83 0.40 -4.06
N HIS E 446 -57.64 1.64 -3.63
CA HIS E 446 -56.34 2.13 -3.18
C HIS E 446 -56.47 2.69 -1.78
N SER E 447 -55.39 2.58 -1.00
CA SER E 447 -55.35 3.03 0.37
C SER E 447 -54.24 4.07 0.54
N LEU E 448 -54.61 5.19 1.17
CA LEU E 448 -53.63 6.26 1.42
C LEU E 448 -53.66 6.57 2.92
N THR E 449 -52.68 7.31 3.41
CA THR E 449 -52.55 7.60 4.84
C THR E 449 -52.27 9.06 5.18
N ASP E 450 -52.01 9.92 4.20
CA ASP E 450 -51.69 11.31 4.50
C ASP E 450 -52.14 12.21 3.36
N ASP E 451 -52.27 13.50 3.68
CA ASP E 451 -52.83 14.45 2.71
C ASP E 451 -51.86 14.72 1.57
N TRP E 452 -50.57 14.85 1.87
CA TRP E 452 -49.59 15.11 0.82
C TRP E 452 -49.51 13.93 -0.15
N GLY E 453 -49.52 12.71 0.38
CA GLY E 453 -49.55 11.55 -0.49
C GLY E 453 -50.83 11.48 -1.31
N GLU E 454 -51.94 11.91 -0.71
CA GLU E 454 -53.23 11.93 -1.46
C GLU E 454 -53.08 12.85 -2.66
N ARG E 455 -52.69 14.11 -2.43
CA ARG E 455 -52.47 15.05 -3.55
C ARG E 455 -51.54 14.39 -4.56
N MET E 456 -50.39 13.89 -4.12
CA MET E 456 -49.45 13.35 -5.10
C MET E 456 -50.10 12.29 -5.97
N TRP E 457 -50.88 11.39 -5.36
CA TRP E 457 -51.51 10.33 -6.14
C TRP E 457 -52.62 10.87 -7.03
N LEU E 458 -53.40 11.84 -6.53
CA LEU E 458 -54.49 12.38 -7.33
C LEU E 458 -53.98 13.18 -8.52
N SER E 459 -52.89 13.92 -8.32
CA SER E 459 -52.36 14.74 -9.41
C SER E 459 -51.70 13.89 -10.49
N GLU E 460 -50.97 12.85 -10.10
CA GLU E 460 -50.19 12.03 -11.01
C GLU E 460 -50.49 10.56 -10.77
N PRO E 461 -51.67 10.09 -11.18
CA PRO E 461 -52.04 8.69 -10.89
C PRO E 461 -51.22 7.65 -11.63
N GLU E 462 -50.56 8.02 -12.73
CA GLU E 462 -49.84 7.05 -13.54
C GLU E 462 -48.41 6.81 -13.07
N ARG E 463 -47.89 7.61 -12.14
CA ARG E 463 -46.54 7.41 -11.66
C ARG E 463 -46.45 6.36 -10.56
N TYR E 464 -47.57 5.95 -9.96
CA TYR E 464 -47.56 5.03 -8.82
C TYR E 464 -48.45 3.84 -9.17
N GLU E 465 -47.83 2.73 -9.56
CA GLU E 465 -48.58 1.52 -9.90
C GLU E 465 -47.96 0.27 -9.30
N CYS E 466 -47.20 0.39 -8.21
CA CYS E 466 -46.56 -0.76 -7.60
C CYS E 466 -47.59 -1.65 -6.91
N HIS E 467 -47.21 -2.91 -6.72
CA HIS E 467 -48.05 -3.91 -6.07
C HIS E 467 -47.52 -4.18 -4.67
N ASN E 468 -48.40 -4.09 -3.68
CA ASN E 468 -48.01 -4.45 -2.33
C ASN E 468 -47.91 -5.96 -2.18
N LEU E 469 -47.25 -6.41 -1.11
CA LEU E 469 -47.05 -7.83 -0.91
C LEU E 469 -48.35 -8.58 -0.65
N PHE E 470 -49.39 -7.89 -0.18
CA PHE E 470 -50.67 -8.55 0.06
C PHE E 470 -51.31 -9.01 -1.24
N GLU E 471 -51.22 -8.20 -2.29
CA GLU E 471 -51.77 -8.59 -3.58
C GLU E 471 -50.95 -9.71 -4.21
N GLN E 472 -49.63 -9.70 -4.00
CA GLN E 472 -48.77 -10.71 -4.60
C GLN E 472 -48.90 -12.05 -3.90
N TYR E 473 -49.01 -12.03 -2.57
CA TYR E 473 -49.05 -13.26 -1.78
C TYR E 473 -50.46 -13.60 -1.32
N GLU E 474 -51.48 -13.15 -2.05
CA GLU E 474 -52.86 -13.37 -1.62
C GLU E 474 -53.22 -14.85 -1.69
N GLY E 475 -53.80 -15.35 -0.60
CA GLY E 475 -54.24 -16.75 -0.56
C GLY E 475 -53.12 -17.76 -0.68
N ARG E 476 -52.00 -17.52 -0.01
CA ARG E 476 -50.87 -18.42 -0.05
C ARG E 476 -50.37 -18.70 1.36
N GLU E 477 -49.93 -19.94 1.59
CA GLU E 477 -49.37 -20.30 2.88
C GLU E 477 -48.03 -19.61 3.09
N LEU E 478 -47.79 -19.16 4.33
CA LEU E 478 -46.57 -18.44 4.65
C LEU E 478 -45.33 -19.31 4.43
N SER E 479 -45.40 -20.58 4.82
CA SER E 479 -44.25 -21.46 4.69
C SER E 479 -43.84 -21.63 3.24
N GLU E 480 -44.82 -21.80 2.34
CA GLU E 480 -44.51 -21.93 0.93
C GLU E 480 -43.85 -20.67 0.38
N VAL E 481 -44.33 -19.50 0.79
CA VAL E 481 -43.74 -18.24 0.35
C VAL E 481 -42.30 -18.14 0.83
N ILE E 482 -42.05 -18.49 2.09
CA ILE E 482 -40.70 -18.41 2.62
C ILE E 482 -39.77 -19.38 1.89
N ALA E 483 -40.24 -20.61 1.66
CA ALA E 483 -39.41 -21.61 1.00
C ALA E 483 -39.09 -21.21 -0.43
N GLU E 484 -40.07 -20.64 -1.14
CA GLU E 484 -39.84 -20.26 -2.53
C GLU E 484 -38.84 -19.13 -2.67
N GLY E 485 -38.79 -18.24 -1.67
CA GLY E 485 -37.91 -17.08 -1.72
C GLY E 485 -36.50 -17.32 -1.23
N HIS E 486 -36.09 -18.58 -1.06
CA HIS E 486 -34.75 -18.93 -0.59
C HIS E 486 -34.45 -18.30 0.76
N GLY E 487 -35.40 -18.42 1.68
CA GLY E 487 -35.26 -17.86 3.00
C GLY E 487 -34.79 -18.86 4.04
N VAL E 488 -34.22 -19.97 3.59
CA VAL E 488 -33.75 -21.03 4.49
C VAL E 488 -32.23 -21.02 4.52
N ARG E 489 -31.68 -21.69 5.53
CA ARG E 489 -30.24 -21.75 5.75
C ARG E 489 -29.64 -22.87 4.91
N SER E 490 -28.38 -23.21 5.18
CA SER E 490 -27.68 -24.21 4.38
C SER E 490 -28.33 -25.57 4.48
N ASP E 491 -28.77 -25.95 5.68
CA ASP E 491 -29.37 -27.27 5.87
C ASP E 491 -30.71 -27.41 5.16
N GLY E 492 -31.32 -26.31 4.74
CA GLY E 492 -32.58 -26.36 4.02
C GLY E 492 -33.81 -26.51 4.90
N LYS E 493 -33.67 -26.49 6.22
CA LYS E 493 -34.79 -26.62 7.12
C LYS E 493 -34.94 -25.47 8.11
N THR E 494 -33.87 -24.76 8.42
CA THR E 494 -33.88 -23.71 9.43
C THR E 494 -34.10 -22.35 8.78
N LEU E 495 -34.98 -21.56 9.38
CA LEU E 495 -35.26 -20.22 8.87
C LEU E 495 -34.08 -19.29 9.11
N ILE E 496 -33.90 -18.36 8.18
CA ILE E 496 -32.84 -17.35 8.34
C ILE E 496 -33.21 -16.37 9.46
N ALA E 497 -34.46 -15.94 9.49
CA ALA E 497 -34.92 -14.99 10.51
C ALA E 497 -35.49 -15.73 11.70
N GLN E 498 -35.13 -15.27 12.90
CA GLN E 498 -35.54 -15.89 14.15
C GLN E 498 -36.10 -14.84 15.09
N PRO E 499 -36.99 -15.23 16.00
CA PRO E 499 -37.54 -14.29 16.98
C PRO E 499 -36.68 -14.08 18.22
N HIS E 500 -35.42 -14.53 18.21
CA HIS E 500 -34.54 -14.32 19.36
C HIS E 500 -33.10 -14.37 18.86
N VAL E 501 -32.20 -13.86 19.70
CA VAL E 501 -30.78 -13.81 19.37
C VAL E 501 -29.98 -14.89 20.09
N ARG E 502 -30.65 -15.90 20.65
CA ARG E 502 -29.95 -16.99 21.29
C ARG E 502 -29.48 -18.00 20.25
N GLY E 503 -28.60 -18.90 20.69
CA GLY E 503 -27.98 -19.88 19.82
C GLY E 503 -28.65 -21.24 19.76
N ASP E 504 -29.86 -21.32 20.30
CA ASP E 504 -30.55 -22.63 20.36
C ASP E 504 -32.05 -22.45 20.12
N ASN E 505 -32.77 -23.55 19.94
CA ASN E 505 -34.21 -23.53 19.73
C ASN E 505 -34.60 -22.70 18.51
N LEU E 506 -33.86 -22.88 17.42
CA LEU E 506 -34.15 -22.16 16.19
C LEU E 506 -35.39 -22.73 15.52
N TRP E 507 -36.21 -21.84 14.95
CA TRP E 507 -37.42 -22.26 14.27
C TRP E 507 -37.08 -22.94 12.94
N THR E 508 -38.01 -23.76 12.47
CA THR E 508 -37.88 -24.46 11.20
C THR E 508 -39.14 -24.23 10.38
N LEU E 509 -39.13 -24.77 9.15
CA LEU E 509 -40.30 -24.63 8.27
C LEU E 509 -41.51 -25.37 8.83
N GLU E 510 -41.30 -26.45 9.56
CA GLU E 510 -42.42 -27.21 10.12
C GLU E 510 -43.21 -26.37 11.12
N ASP E 511 -42.52 -25.59 11.95
CA ASP E 511 -43.22 -24.74 12.92
C ASP E 511 -44.06 -23.69 12.23
N ILE E 512 -43.51 -23.04 11.20
CA ILE E 512 -44.26 -22.04 10.46
C ILE E 512 -45.46 -22.67 9.77
N LYS E 513 -45.28 -23.87 9.21
CA LYS E 513 -46.41 -24.57 8.58
C LYS E 513 -47.48 -24.90 9.61
N ARG E 514 -47.08 -25.34 10.80
CA ARG E 514 -48.06 -25.65 11.84
C ARG E 514 -48.72 -24.42 12.40
N ALA E 515 -48.19 -23.23 12.11
CA ALA E 515 -48.88 -21.99 12.56
C ALA E 515 -50.09 -21.71 11.65
N GLY E 516 -50.13 -22.28 10.44
CA GLY E 516 -51.30 -22.13 9.55
C GLY E 516 -51.69 -20.70 9.18
N CYS E 517 -50.72 -19.82 8.91
CA CYS E 517 -51.05 -18.43 8.48
C CYS E 517 -51.34 -18.34 6.98
N VAL E 518 -52.30 -17.49 6.58
CA VAL E 518 -52.66 -17.29 5.18
C VAL E 518 -52.94 -15.80 4.98
N PHE E 519 -52.37 -15.23 3.92
CA PHE E 519 -52.50 -13.79 3.68
C PHE E 519 -53.89 -13.45 3.17
N PRO E 520 -54.64 -12.60 3.87
CA PRO E 520 -55.94 -12.15 3.34
C PRO E 520 -55.81 -10.88 2.52
N ASN E 521 -56.93 -10.35 2.04
CA ASN E 521 -56.94 -9.08 1.34
C ASN E 521 -57.47 -8.01 2.29
N PRO E 522 -56.65 -7.07 2.74
CA PRO E 522 -57.12 -6.07 3.72
C PRO E 522 -58.26 -5.20 3.21
N LEU E 523 -58.28 -4.88 1.91
CA LEU E 523 -59.26 -3.96 1.36
C LEU E 523 -60.54 -4.64 0.91
N ALA E 524 -60.68 -5.95 1.11
CA ALA E 524 -61.89 -6.65 0.69
C ALA E 524 -63.10 -6.26 1.52
N LYS E 525 -62.89 -5.72 2.73
CA LYS E 525 -64.02 -5.33 3.57
C LYS E 525 -64.82 -4.20 2.93
N PHE E 526 -64.14 -3.20 2.40
CA PHE E 526 -64.81 -2.03 1.82
C PHE E 526 -65.37 -2.36 0.45
N VAL F 9 -13.27 9.66 26.37
CA VAL F 9 -14.59 10.19 26.67
C VAL F 9 -15.64 9.11 26.51
N THR F 10 -15.98 8.80 25.26
CA THR F 10 -16.96 7.78 24.98
C THR F 10 -16.41 6.40 25.35
N LYS F 11 -17.28 5.58 25.94
CA LYS F 11 -16.89 4.24 26.39
C LYS F 11 -17.07 3.28 25.22
N ARG F 12 -15.97 2.87 24.61
CA ARG F 12 -16.02 1.90 23.53
C ARG F 12 -16.33 0.51 24.08
N GLY F 13 -17.06 -0.27 23.29
CA GLY F 13 -17.45 -1.60 23.70
C GLY F 13 -16.41 -2.68 23.53
N LEU F 14 -15.24 -2.33 23.00
CA LEU F 14 -14.17 -3.30 22.82
C LEU F 14 -13.13 -3.27 23.92
N THR F 15 -12.97 -2.14 24.61
CA THR F 15 -11.97 -2.00 25.65
C THR F 15 -12.53 -1.76 27.04
N ASP F 16 -13.76 -1.29 27.18
CA ASP F 16 -14.34 -1.09 28.50
C ASP F 16 -14.56 -2.44 29.17
N PRO F 17 -14.16 -2.60 30.44
CA PRO F 17 -14.23 -3.93 31.06
C PRO F 17 -15.64 -4.48 31.19
N GLU F 18 -16.57 -3.71 31.76
CA GLU F 18 -17.93 -4.23 31.98
C GLU F 18 -18.64 -4.51 30.67
N ARG F 19 -18.53 -3.60 29.69
CA ARG F 19 -19.16 -3.82 28.40
C ARG F 19 -18.58 -5.03 27.70
N ALA F 20 -17.25 -5.20 27.77
CA ALA F 20 -16.63 -6.36 27.15
C ALA F 20 -17.09 -7.64 27.83
N ALA F 21 -17.22 -7.63 29.15
CA ALA F 21 -17.69 -8.82 29.86
C ALA F 21 -19.12 -9.17 29.45
N ILE F 22 -19.99 -8.16 29.37
CA ILE F 22 -21.37 -8.42 28.96
C ILE F 22 -21.42 -8.97 27.55
N ILE F 23 -20.66 -8.37 26.63
CA ILE F 23 -20.66 -8.83 25.24
C ILE F 23 -20.14 -10.26 25.15
N ALA F 24 -19.07 -10.57 25.89
CA ALA F 24 -18.53 -11.93 25.86
C ALA F 24 -19.53 -12.92 26.42
N ALA F 25 -20.27 -12.54 27.46
CA ALA F 25 -21.29 -13.43 28.00
C ALA F 25 -22.41 -13.66 26.99
N ALA F 26 -22.77 -12.62 26.22
CA ALA F 26 -23.88 -12.74 25.28
C ALA F 26 -23.51 -13.56 24.04
N VAL F 27 -22.28 -13.45 23.58
CA VAL F 27 -21.90 -14.08 22.30
C VAL F 27 -21.91 -15.60 22.45
N PRO F 28 -22.54 -16.34 21.55
CA PRO F 28 -22.51 -17.80 21.64
C PRO F 28 -21.14 -18.36 21.29
N ASP F 29 -20.95 -19.63 21.65
CA ASP F 29 -19.63 -20.25 21.50
C ASP F 29 -19.41 -20.83 20.11
N HIS F 30 -20.45 -21.35 19.47
CA HIS F 30 -20.31 -22.01 18.18
C HIS F 30 -21.12 -21.30 17.11
N ALA F 31 -20.62 -21.36 15.87
CA ALA F 31 -21.28 -20.70 14.76
C ALA F 31 -22.58 -21.40 14.41
N LEU F 32 -23.48 -20.65 13.78
CA LEU F 32 -24.80 -21.16 13.42
C LEU F 32 -24.91 -21.61 11.97
N ASP F 33 -24.05 -21.12 11.09
CA ASP F 33 -24.06 -21.52 9.69
C ASP F 33 -22.65 -21.82 9.22
N THR F 34 -22.54 -22.77 8.30
CA THR F 34 -21.25 -23.24 7.81
C THR F 34 -20.88 -22.68 6.45
N GLN F 35 -21.70 -21.80 5.88
CA GLN F 35 -21.43 -21.20 4.58
C GLN F 35 -20.86 -19.80 4.79
N ARG F 36 -19.56 -19.64 4.51
CA ARG F 36 -18.88 -18.37 4.75
C ARG F 36 -18.44 -17.70 3.45
N LYS F 37 -18.98 -18.12 2.31
CA LYS F 37 -18.62 -17.55 1.03
C LYS F 37 -19.63 -16.48 0.66
N TYR F 38 -19.15 -15.27 0.40
CA TYR F 38 -20.03 -14.15 0.07
C TYR F 38 -20.61 -14.32 -1.33
N HIS F 39 -21.94 -14.39 -1.42
CA HIS F 39 -22.65 -14.52 -2.69
C HIS F 39 -22.20 -15.78 -3.44
N TYR F 40 -22.45 -16.93 -2.81
CA TYR F 40 -22.06 -18.21 -3.39
C TYR F 40 -22.88 -18.59 -4.60
N PHE F 41 -24.05 -17.98 -4.79
CA PHE F 41 -24.96 -18.39 -5.85
C PHE F 41 -24.66 -17.75 -7.20
N ILE F 42 -23.66 -16.87 -7.27
CA ILE F 42 -23.30 -16.24 -8.54
C ILE F 42 -22.54 -17.26 -9.39
N GLN F 43 -22.95 -17.39 -10.64
CA GLN F 43 -22.30 -18.32 -11.56
C GLN F 43 -20.90 -17.80 -11.91
N PRO F 44 -19.85 -18.57 -11.68
CA PRO F 44 -18.49 -18.07 -11.94
C PRO F 44 -18.07 -18.28 -13.39
N ARG F 45 -17.63 -17.20 -14.05
CA ARG F 45 -17.15 -17.32 -15.42
C ARG F 45 -15.85 -18.11 -15.48
N TRP F 46 -14.92 -17.77 -14.58
CA TRP F 46 -13.62 -18.50 -14.56
C TRP F 46 -13.75 -19.75 -13.68
N LYS F 47 -12.64 -20.33 -13.27
CA LYS F 47 -12.67 -21.57 -12.49
C LYS F 47 -13.29 -21.35 -11.11
N ARG F 48 -12.93 -20.27 -10.44
CA ARG F 48 -13.41 -19.98 -9.09
C ARG F 48 -13.92 -18.55 -9.01
N LEU F 49 -14.80 -18.32 -8.04
CA LEU F 49 -15.35 -16.99 -7.82
C LEU F 49 -14.25 -16.04 -7.34
N SER F 50 -14.27 -14.82 -7.85
CA SER F 50 -13.28 -13.81 -7.51
C SER F 50 -13.95 -12.66 -6.76
N GLU F 51 -13.11 -11.80 -6.18
CA GLU F 51 -13.62 -10.64 -5.45
C GLU F 51 -14.33 -9.66 -6.37
N TYR F 52 -13.88 -9.55 -7.62
CA TYR F 52 -14.51 -8.64 -8.56
C TYR F 52 -15.96 -9.02 -8.79
N GLU F 53 -16.22 -10.30 -9.10
CA GLU F 53 -17.59 -10.75 -9.30
C GLU F 53 -18.40 -10.67 -8.02
N GLN F 54 -17.78 -11.00 -6.88
CA GLN F 54 -18.51 -10.97 -5.61
C GLN F 54 -18.98 -9.57 -5.26
N LEU F 55 -18.11 -8.57 -5.45
CA LEU F 55 -18.46 -7.20 -5.09
C LEU F 55 -19.28 -6.49 -6.15
N SER F 56 -19.20 -6.91 -7.41
CA SER F 56 -19.84 -6.19 -8.50
C SER F 56 -21.20 -6.77 -8.89
N CYS F 57 -21.30 -8.08 -9.07
CA CYS F 57 -22.46 -8.67 -9.69
C CYS F 57 -23.71 -8.53 -8.84
N TYR F 58 -24.87 -8.42 -9.52
CA TYR F 58 -26.19 -8.39 -8.92
C TYR F 58 -26.41 -7.21 -7.99
N ALA F 59 -25.66 -6.12 -8.19
CA ALA F 59 -25.83 -4.94 -7.35
C ALA F 59 -27.06 -4.12 -7.70
N GLN F 60 -27.60 -4.29 -8.90
CA GLN F 60 -28.73 -3.50 -9.37
C GLN F 60 -30.04 -4.27 -9.14
N PRO F 61 -31.01 -3.68 -8.44
CA PRO F 61 -32.29 -4.36 -8.21
C PRO F 61 -33.16 -4.33 -9.46
N ASN F 62 -33.31 -5.49 -10.10
CA ASN F 62 -34.09 -5.58 -11.32
C ASN F 62 -35.22 -6.59 -11.16
N PRO F 63 -36.42 -6.25 -11.61
CA PRO F 63 -37.54 -7.21 -11.51
C PRO F 63 -37.41 -8.37 -12.48
N ASP F 64 -38.38 -9.28 -12.47
CA ASP F 64 -38.27 -10.48 -13.29
C ASP F 64 -38.52 -10.20 -14.77
N TRP F 65 -39.32 -9.18 -15.08
CA TRP F 65 -39.62 -8.90 -16.48
C TRP F 65 -38.46 -8.23 -17.20
N ILE F 66 -37.33 -8.02 -16.54
CA ILE F 66 -36.07 -7.67 -17.19
C ILE F 66 -35.18 -8.91 -17.12
N ALA F 67 -34.53 -9.23 -18.25
CA ALA F 67 -33.84 -10.50 -18.38
C ALA F 67 -32.82 -10.69 -17.27
N GLY F 68 -32.84 -11.87 -16.65
CA GLY F 68 -31.96 -12.17 -15.54
C GLY F 68 -32.21 -11.37 -14.28
N GLY F 69 -33.47 -11.06 -13.99
CA GLY F 69 -33.81 -10.35 -12.77
C GLY F 69 -34.02 -11.28 -11.60
N LEU F 70 -34.17 -10.68 -10.41
CA LEU F 70 -34.39 -11.45 -9.19
C LEU F 70 -35.60 -10.96 -8.42
N ASP F 71 -35.88 -9.66 -8.54
CA ASP F 71 -37.01 -9.08 -7.77
C ASP F 71 -38.32 -9.30 -8.52
N TRP F 72 -39.39 -8.66 -8.05
CA TRP F 72 -40.69 -8.78 -8.67
C TRP F 72 -41.44 -7.47 -8.51
N GLY F 73 -42.43 -7.27 -9.36
CA GLY F 73 -43.27 -6.09 -9.31
C GLY F 73 -42.71 -4.92 -10.10
N ASP F 74 -43.55 -3.91 -10.27
CA ASP F 74 -43.20 -2.72 -11.03
C ASP F 74 -42.37 -1.76 -10.18
N TRP F 75 -41.82 -0.76 -10.84
CA TRP F 75 -41.10 0.29 -10.13
C TRP F 75 -42.07 1.13 -9.32
N THR F 76 -41.61 1.57 -8.14
CA THR F 76 -42.48 2.33 -7.25
C THR F 76 -42.85 3.68 -7.85
N GLN F 77 -41.86 4.44 -8.32
CA GLN F 77 -42.07 5.74 -8.92
C GLN F 77 -41.57 5.76 -10.36
N LYS F 78 -42.43 6.24 -11.27
CA LYS F 78 -42.07 6.30 -12.70
C LYS F 78 -41.96 7.73 -13.21
N PHE F 79 -41.45 7.93 -14.41
CA PHE F 79 -41.31 9.28 -15.00
C PHE F 79 -42.73 9.71 -15.40
N HIS F 80 -42.97 11.02 -15.53
CA HIS F 80 -44.36 11.44 -15.83
C HIS F 80 -44.76 10.79 -17.15
N GLY F 81 -45.96 10.24 -17.23
CA GLY F 81 -46.34 9.52 -18.46
C GLY F 81 -46.06 8.03 -18.36
N GLY F 82 -45.56 7.57 -17.21
CA GLY F 82 -45.37 6.13 -17.02
C GLY F 82 -44.11 5.55 -17.64
N ARG F 83 -43.18 6.38 -18.11
CA ARG F 83 -41.91 5.82 -18.64
C ARG F 83 -41.19 5.10 -17.50
N PRO F 84 -40.73 3.84 -17.66
CA PRO F 84 -40.14 3.10 -16.55
C PRO F 84 -38.74 3.60 -16.23
N SER F 85 -38.29 3.45 -14.99
CA SER F 85 -36.93 3.89 -14.58
C SER F 85 -35.88 3.15 -15.40
N TRP F 86 -36.03 1.84 -15.56
CA TRP F 86 -35.13 1.05 -16.43
C TRP F 86 -36.01 0.05 -17.19
N GLY F 87 -36.01 0.10 -18.52
CA GLY F 87 -36.90 -0.73 -19.31
C GLY F 87 -36.17 -1.40 -20.46
N ASN F 88 -36.91 -2.26 -21.16
CA ASN F 88 -36.37 -2.96 -22.32
C ASN F 88 -36.43 -2.14 -23.60
N GLU F 89 -37.06 -0.97 -23.57
CA GLU F 89 -37.24 -0.15 -24.75
C GLU F 89 -36.09 0.82 -24.99
N SER F 90 -35.06 0.80 -24.14
CA SER F 90 -33.94 1.70 -24.28
C SER F 90 -32.87 1.20 -25.24
N THR F 91 -33.03 0.00 -25.79
CA THR F 91 -32.03 -0.54 -26.70
C THR F 91 -32.71 -1.49 -27.68
N GLU F 92 -32.04 -1.72 -28.81
CA GLU F 92 -32.54 -2.62 -29.84
C GLU F 92 -32.10 -4.06 -29.62
N LEU F 93 -30.91 -4.27 -29.08
CA LEU F 93 -30.39 -5.62 -28.90
C LEU F 93 -31.12 -6.35 -27.77
N ARG F 94 -31.26 -7.65 -27.93
CA ARG F 94 -31.94 -8.50 -26.97
C ARG F 94 -31.02 -9.60 -26.48
N THR F 95 -31.24 -10.04 -25.24
CA THR F 95 -30.45 -11.12 -24.67
C THR F 95 -31.28 -11.82 -23.61
N THR F 96 -30.85 -13.03 -23.24
CA THR F 96 -31.52 -13.81 -22.21
C THR F 96 -30.96 -13.58 -20.82
N ASP F 97 -29.87 -12.83 -20.69
CA ASP F 97 -29.27 -12.55 -19.39
C ASP F 97 -28.38 -11.34 -19.53
N TRP F 98 -28.71 -10.26 -18.82
CA TRP F 98 -27.93 -9.04 -18.86
C TRP F 98 -26.79 -9.01 -17.85
N TYR F 99 -26.64 -10.05 -17.05
CA TYR F 99 -25.59 -10.12 -16.03
C TYR F 99 -24.45 -11.04 -16.43
N ARG F 100 -24.17 -11.15 -17.72
CA ARG F 100 -23.14 -12.06 -18.21
C ARG F 100 -21.82 -11.37 -18.51
N HIS F 101 -21.80 -10.05 -18.65
CA HIS F 101 -20.58 -9.35 -19.02
C HIS F 101 -19.60 -9.32 -17.86
N ARG F 102 -18.34 -9.68 -18.13
CA ARG F 102 -17.27 -9.65 -17.14
C ARG F 102 -16.05 -8.96 -17.75
N ASP F 103 -15.45 -8.05 -17.00
CA ASP F 103 -14.26 -7.37 -17.47
C ASP F 103 -13.08 -8.34 -17.51
N PRO F 104 -12.41 -8.49 -18.64
CA PRO F 104 -11.24 -9.39 -18.69
C PRO F 104 -10.14 -9.01 -17.72
N ALA F 105 -9.97 -7.72 -17.43
CA ALA F 105 -8.94 -7.28 -16.50
C ALA F 105 -9.36 -7.39 -15.05
N ARG F 106 -10.62 -7.67 -14.77
CA ARG F 106 -11.14 -7.78 -13.40
C ARG F 106 -10.86 -6.50 -12.61
N ARG F 107 -11.34 -5.39 -13.14
CA ARG F 107 -11.07 -4.07 -12.58
C ARG F 107 -12.25 -3.60 -11.76
N TRP F 108 -11.99 -3.30 -10.48
CA TRP F 108 -12.94 -2.54 -9.68
C TRP F 108 -12.20 -1.36 -9.07
N HIS F 109 -12.82 -0.64 -8.13
CA HIS F 109 -12.38 0.71 -7.80
C HIS F 109 -10.91 0.76 -7.36
N ALA F 110 -10.55 -0.07 -6.39
CA ALA F 110 -9.22 0.04 -5.78
C ALA F 110 -8.08 -0.21 -6.76
N PRO F 111 -8.04 -1.31 -7.52
CA PRO F 111 -6.94 -1.47 -8.48
C PRO F 111 -6.89 -0.37 -9.53
N TYR F 112 -8.05 0.12 -9.95
CA TYR F 112 -8.10 1.16 -10.98
C TYR F 112 -7.48 2.46 -10.48
N VAL F 113 -7.89 2.90 -9.28
CA VAL F 113 -7.32 4.12 -8.75
C VAL F 113 -5.84 3.94 -8.43
N LYS F 114 -5.44 2.75 -7.98
CA LYS F 114 -4.03 2.51 -7.73
C LYS F 114 -3.20 2.67 -8.99
N ASP F 115 -3.66 2.08 -10.09
CA ASP F 115 -2.95 2.19 -11.36
C ASP F 115 -2.87 3.64 -11.83
N LYS F 116 -3.99 4.37 -11.73
CA LYS F 116 -3.98 5.76 -12.18
C LYS F 116 -3.03 6.62 -11.35
N SER F 117 -3.02 6.41 -10.02
CA SER F 117 -2.10 7.16 -9.18
C SER F 117 -0.65 6.85 -9.50
N GLU F 118 -0.39 5.57 -9.80
CA GLU F 118 0.99 5.16 -10.16
C GLU F 118 1.42 5.91 -11.41
N GLU F 119 0.56 5.94 -12.43
CA GLU F 119 0.90 6.62 -13.68
C GLU F 119 1.10 8.12 -13.45
N ALA F 120 0.24 8.74 -12.64
CA ALA F 120 0.36 10.18 -12.40
C ALA F 120 1.68 10.52 -11.71
N ARG F 121 2.04 9.75 -10.68
CA ARG F 121 3.28 10.05 -9.97
C ARG F 121 4.50 9.84 -10.88
N TYR F 122 4.50 8.76 -11.67
CA TYR F 122 5.62 8.54 -12.58
C TYR F 122 5.72 9.66 -13.60
N THR F 123 4.57 10.14 -14.10
CA THR F 123 4.58 11.25 -15.05
C THR F 123 5.19 12.50 -14.43
N GLN F 124 4.82 12.81 -13.19
CA GLN F 124 5.39 13.98 -12.54
C GLN F 124 6.90 13.87 -12.40
N ARG F 125 7.38 12.70 -11.97
CA ARG F 125 8.83 12.52 -11.81
C ARG F 125 9.55 12.63 -13.14
N PHE F 126 9.01 12.01 -14.19
CA PHE F 126 9.64 12.09 -15.50
C PHE F 126 9.68 13.53 -16.02
N LEU F 127 8.60 14.28 -15.82
CA LEU F 127 8.58 15.66 -16.26
C LEU F 127 9.65 16.48 -15.53
N ALA F 128 9.78 16.27 -14.22
CA ALA F 128 10.80 16.99 -13.47
C ALA F 128 12.20 16.67 -13.99
N ALA F 129 12.48 15.39 -14.22
CA ALA F 129 13.81 15.01 -14.71
C ALA F 129 14.07 15.58 -16.10
N TYR F 130 13.09 15.50 -17.00
CA TYR F 130 13.25 16.01 -18.35
C TYR F 130 13.50 17.51 -18.34
N SER F 131 12.77 18.25 -17.50
CA SER F 131 13.01 19.68 -17.38
C SER F 131 14.42 19.95 -16.85
N SER F 132 14.86 19.15 -15.88
CA SER F 132 16.18 19.37 -15.29
C SER F 132 17.29 19.17 -16.33
N GLU F 133 17.18 18.13 -17.16
CA GLU F 133 18.24 17.86 -18.12
C GLU F 133 18.23 18.80 -19.32
N GLY F 134 17.11 19.45 -19.60
CA GLY F 134 17.05 20.37 -20.73
C GLY F 134 17.27 19.70 -22.07
N SER F 135 16.58 18.59 -22.31
CA SER F 135 16.71 17.83 -23.55
C SER F 135 15.89 18.41 -24.68
N ILE F 136 15.23 19.55 -24.48
CA ILE F 136 14.42 20.16 -25.52
C ILE F 136 15.23 20.80 -26.63
N ARG F 137 16.55 20.92 -26.47
CA ARG F 137 17.36 21.60 -27.46
C ARG F 137 17.49 20.81 -28.76
N THR F 138 17.18 19.52 -28.75
CA THR F 138 17.34 18.68 -29.93
C THR F 138 16.08 18.59 -30.77
N ILE F 139 14.98 19.24 -30.36
CA ILE F 139 13.74 19.14 -31.10
C ILE F 139 13.85 19.91 -32.42
N ASP F 140 13.12 19.43 -33.42
CA ASP F 140 13.04 20.15 -34.69
C ASP F 140 12.24 21.44 -34.50
N ALA F 141 12.70 22.50 -35.17
CA ALA F 141 12.02 23.79 -35.05
C ALA F 141 10.64 23.76 -35.70
N TYR F 142 10.56 23.26 -36.93
CA TYR F 142 9.28 23.26 -37.65
C TYR F 142 8.26 22.36 -36.98
N TRP F 143 8.68 21.17 -36.55
CA TRP F 143 7.75 20.23 -35.93
C TRP F 143 7.17 20.79 -34.63
N ARG F 144 8.01 21.48 -33.84
CA ARG F 144 7.55 22.04 -32.58
C ARG F 144 6.72 23.31 -32.80
N ASP F 145 7.04 24.10 -33.82
CA ASP F 145 6.40 25.40 -33.97
C ASP F 145 4.97 25.29 -34.47
N GLU F 146 4.71 24.38 -35.41
CA GLU F 146 3.44 24.34 -36.12
C GLU F 146 2.61 23.10 -35.81
N ILE F 147 3.18 21.91 -35.98
CA ILE F 147 2.38 20.69 -35.88
C ILE F 147 1.90 20.47 -34.44
N LEU F 148 2.84 20.41 -33.50
CA LEU F 148 2.48 20.13 -32.11
C LEU F 148 1.61 21.24 -31.52
N ASN F 149 1.92 22.50 -31.85
CA ASN F 149 1.19 23.61 -31.27
C ASN F 149 -0.26 23.63 -31.73
N LYS F 150 -0.52 23.25 -32.98
CA LYS F 150 -1.84 23.41 -33.58
C LYS F 150 -2.65 22.12 -33.61
N TYR F 151 -2.15 21.08 -34.30
CA TYR F 151 -3.00 19.92 -34.55
C TYR F 151 -3.07 19.00 -33.34
N TYR F 152 -1.97 18.83 -32.63
CA TYR F 152 -2.02 18.09 -31.37
C TYR F 152 -2.97 18.74 -30.39
N GLY F 153 -2.98 20.08 -30.34
CA GLY F 153 -3.94 20.78 -29.53
C GLY F 153 -5.36 20.61 -30.00
N ALA F 154 -5.56 20.53 -31.31
CA ALA F 154 -6.92 20.35 -31.85
C ALA F 154 -7.47 18.96 -31.54
N LEU F 155 -6.60 17.96 -31.42
CA LEU F 155 -7.07 16.59 -31.21
C LEU F 155 -7.81 16.43 -29.87
N LEU F 156 -7.51 17.30 -28.89
CA LEU F 156 -8.16 17.15 -27.60
C LEU F 156 -9.66 17.43 -27.66
N TYR F 157 -10.12 18.19 -28.65
CA TYR F 157 -11.56 18.41 -28.78
C TYR F 157 -12.27 17.14 -29.24
N ASN F 158 -11.66 16.39 -30.15
CA ASN F 158 -12.16 15.07 -30.49
C ASN F 158 -12.20 14.17 -29.25
N GLU F 159 -11.11 14.20 -28.46
CA GLU F 159 -11.09 13.41 -27.24
C GLU F 159 -12.23 13.80 -26.30
N TYR F 160 -12.46 15.11 -26.14
CA TYR F 160 -13.48 15.59 -25.21
C TYR F 160 -14.88 15.23 -25.68
N GLY F 161 -15.13 15.31 -26.99
CA GLY F 161 -16.42 14.89 -27.50
C GLY F 161 -16.68 13.41 -27.28
N LEU F 162 -15.68 12.57 -27.58
CA LEU F 162 -15.83 11.14 -27.32
C LEU F 162 -16.07 10.87 -25.84
N PHE F 163 -15.42 11.65 -24.97
CA PHE F 163 -15.63 11.51 -23.53
C PHE F 163 -17.06 11.86 -23.15
N ASN F 164 -17.57 12.98 -23.66
CA ASN F 164 -18.94 13.38 -23.34
C ASN F 164 -19.98 12.43 -23.91
N ALA F 165 -19.62 11.63 -24.91
CA ALA F 165 -20.60 10.73 -25.51
C ALA F 165 -21.14 9.68 -24.54
N HIS F 166 -20.50 9.46 -23.39
CA HIS F 166 -20.88 8.39 -22.46
C HIS F 166 -21.93 8.80 -21.44
N SER F 167 -22.42 10.03 -21.47
CA SER F 167 -23.34 10.49 -20.42
C SER F 167 -24.62 9.66 -20.38
N SER F 168 -25.26 9.50 -21.53
CA SER F 168 -26.53 8.74 -21.57
C SER F 168 -26.28 7.28 -21.21
N VAL F 169 -25.09 6.76 -21.54
CA VAL F 169 -24.87 5.30 -21.33
C VAL F 169 -24.98 4.97 -19.84
N GLY F 170 -24.41 5.81 -18.97
CA GLY F 170 -24.43 5.46 -17.54
C GLY F 170 -25.83 5.40 -16.96
N ARG F 171 -26.70 6.33 -17.35
CA ARG F 171 -28.08 6.39 -16.79
C ARG F 171 -28.94 5.24 -17.32
N ASP F 172 -28.74 4.82 -18.57
CA ASP F 172 -29.68 3.83 -19.18
C ASP F 172 -29.22 2.38 -19.04
N CYS F 173 -27.93 2.11 -18.81
CA CYS F 173 -27.46 0.70 -18.77
C CYS F 173 -28.38 -0.14 -17.89
N LEU F 174 -28.63 -1.39 -18.28
CA LEU F 174 -29.53 -2.29 -17.50
C LEU F 174 -28.70 -3.33 -16.74
N SER F 175 -27.39 -3.14 -16.63
CA SER F 175 -26.59 -4.06 -15.85
C SER F 175 -25.76 -3.25 -14.86
N ASP F 176 -24.82 -3.92 -14.21
CA ASP F 176 -24.00 -3.31 -13.17
C ASP F 176 -22.51 -3.35 -13.42
N THR F 177 -22.03 -4.19 -14.34
CA THR F 177 -20.64 -4.15 -14.77
C THR F 177 -20.44 -3.32 -16.02
N ILE F 178 -21.46 -3.25 -16.88
CA ILE F 178 -21.39 -2.40 -18.07
C ILE F 178 -21.25 -0.95 -17.66
N ARG F 179 -21.91 -0.56 -16.56
CA ARG F 179 -21.80 0.81 -16.07
C ARG F 179 -20.36 1.12 -15.67
N GLN F 180 -19.72 0.20 -14.95
CA GLN F 180 -18.33 0.41 -14.56
C GLN F 180 -17.43 0.50 -15.78
N SER F 181 -17.62 -0.38 -16.76
CA SER F 181 -16.79 -0.33 -17.95
C SER F 181 -16.94 0.99 -18.70
N ALA F 182 -18.18 1.45 -18.86
CA ALA F 182 -18.41 2.71 -19.56
C ALA F 182 -17.81 3.89 -18.81
N THR F 183 -17.96 3.92 -17.49
CA THR F 183 -17.40 5.01 -16.71
C THR F 183 -15.88 5.03 -16.81
N PHE F 184 -15.26 3.85 -16.75
CA PHE F 184 -13.80 3.79 -16.86
C PHE F 184 -13.32 4.24 -18.23
N ALA F 185 -14.04 3.86 -19.29
CA ALA F 185 -13.67 4.32 -20.64
C ALA F 185 -13.77 5.84 -20.75
N GLY F 186 -14.85 6.42 -20.22
CA GLY F 186 -14.98 7.87 -20.26
C GLY F 186 -13.87 8.57 -19.49
N LEU F 187 -13.53 8.04 -18.32
CA LEU F 187 -12.44 8.63 -17.55
C LEU F 187 -11.12 8.55 -18.30
N ASP F 188 -10.89 7.44 -19.01
CA ASP F 188 -9.68 7.33 -19.80
C ASP F 188 -9.64 8.38 -20.91
N LYS F 189 -10.77 8.62 -21.56
CA LYS F 189 -10.81 9.63 -22.62
C LYS F 189 -10.50 11.02 -22.07
N VAL F 190 -11.13 11.39 -20.96
CA VAL F 190 -10.87 12.72 -20.41
C VAL F 190 -9.43 12.82 -19.91
N ASP F 191 -8.87 11.72 -19.42
CA ASP F 191 -7.46 11.72 -19.04
C ASP F 191 -6.56 11.98 -20.24
N ASN F 192 -6.88 11.38 -21.39
CA ASN F 192 -6.09 11.64 -22.59
C ASN F 192 -6.14 13.11 -22.97
N ALA F 193 -7.33 13.71 -22.94
CA ALA F 193 -7.45 15.13 -23.28
C ALA F 193 -6.61 15.99 -22.33
N GLN F 194 -6.76 15.75 -21.03
CA GLN F 194 -6.03 16.61 -20.06
C GLN F 194 -4.52 16.57 -20.28
N MET F 195 -4.00 15.40 -20.66
CA MET F 195 -2.54 15.23 -20.91
C MET F 195 -2.11 16.08 -22.13
N ILE F 196 -2.80 15.93 -23.26
CA ILE F 196 -2.48 16.73 -24.48
C ILE F 196 -2.30 18.18 -24.04
N GLN F 197 -3.17 18.68 -23.17
CA GLN F 197 -2.99 20.07 -22.67
C GLN F 197 -1.82 20.10 -21.70
N MET F 198 -1.72 19.15 -20.77
CA MET F 198 -0.57 19.24 -19.87
C MET F 198 0.74 19.28 -20.65
N GLU F 199 0.86 18.45 -21.68
CA GLU F 199 2.08 18.47 -22.48
C GLU F 199 2.26 19.82 -23.17
N ARG F 200 1.18 20.37 -23.71
CA ARG F 200 1.29 21.69 -24.35
C ARG F 200 1.71 22.75 -23.33
N LEU F 201 1.13 22.72 -22.12
CA LEU F 201 1.50 23.69 -21.10
C LEU F 201 2.96 23.55 -20.69
N PHE F 202 3.44 22.32 -20.54
CA PHE F 202 4.83 22.10 -20.16
C PHE F 202 5.78 22.62 -21.23
N ILE F 203 5.47 22.33 -22.50
CA ILE F 203 6.33 22.82 -23.60
C ILE F 203 6.35 24.33 -23.60
N ALA F 204 5.18 24.96 -23.42
CA ALA F 204 5.13 26.41 -23.31
C ALA F 204 6.01 26.92 -22.17
N LYS F 205 5.96 26.22 -21.03
CA LYS F 205 6.77 26.63 -19.88
C LYS F 205 8.25 26.58 -20.20
N LEU F 206 8.70 25.54 -20.91
CA LEU F 206 10.13 25.38 -21.17
C LEU F 206 10.63 26.40 -22.19
N VAL F 207 10.09 26.35 -23.41
CA VAL F 207 10.59 27.15 -24.52
C VAL F 207 9.89 28.51 -24.49
N PRO F 208 10.63 29.62 -24.42
CA PRO F 208 9.98 30.94 -24.50
C PRO F 208 9.39 31.18 -25.88
N GLY F 209 8.33 31.99 -25.91
CA GLY F 209 7.67 32.30 -27.16
C GLY F 209 6.66 31.29 -27.63
N PHE F 210 6.38 30.26 -26.83
CA PHE F 210 5.42 29.23 -27.19
C PHE F 210 4.11 29.49 -26.47
N ASP F 211 3.02 29.52 -27.21
CA ASP F 211 1.71 29.89 -26.68
C ASP F 211 0.94 28.64 -26.28
N ALA F 212 0.40 28.66 -25.06
CA ALA F 212 -0.40 27.55 -24.55
C ALA F 212 -1.90 27.78 -24.64
N SER F 213 -2.31 28.90 -25.22
CA SER F 213 -3.73 29.21 -25.32
C SER F 213 -4.42 28.23 -26.28
N THR F 214 -5.70 28.00 -26.04
CA THR F 214 -6.50 27.07 -26.83
C THR F 214 -7.28 27.76 -27.95
N ASP F 215 -7.04 29.05 -28.18
CA ASP F 215 -7.78 29.78 -29.21
C ASP F 215 -7.46 29.24 -30.60
N VAL F 216 -6.17 29.10 -30.91
CA VAL F 216 -5.78 28.58 -32.22
C VAL F 216 -6.22 27.14 -32.42
N PRO F 217 -6.02 26.21 -31.47
CA PRO F 217 -6.57 24.86 -31.66
C PRO F 217 -8.07 24.84 -31.84
N LYS F 218 -8.81 25.67 -31.09
CA LYS F 218 -10.26 25.70 -31.27
C LYS F 218 -10.61 26.23 -32.65
N LYS F 219 -9.92 27.28 -33.08
CA LYS F 219 -10.17 27.83 -34.43
C LYS F 219 -9.97 26.71 -35.45
N ILE F 220 -8.83 26.05 -35.39
CA ILE F 220 -8.54 25.01 -36.37
C ILE F 220 -9.54 23.86 -36.32
N TRP F 221 -9.95 23.45 -35.12
CA TRP F 221 -10.91 22.37 -34.99
C TRP F 221 -12.25 22.74 -35.61
N THR F 222 -12.67 24.00 -35.44
CA THR F 222 -14.03 24.38 -35.89
C THR F 222 -14.05 24.93 -37.33
N THR F 223 -12.89 25.28 -37.90
CA THR F 223 -12.89 25.90 -39.23
C THR F 223 -12.02 25.20 -40.24
N ASP F 224 -10.86 24.68 -39.84
CA ASP F 224 -9.93 24.10 -40.81
C ASP F 224 -10.54 22.86 -41.45
N PRO F 225 -10.42 22.72 -42.78
CA PRO F 225 -11.01 21.55 -43.45
C PRO F 225 -10.43 20.22 -43.01
N ILE F 226 -9.17 20.19 -42.57
CA ILE F 226 -8.48 18.94 -42.29
C ILE F 226 -9.27 18.12 -41.27
N TYR F 227 -9.70 18.76 -40.18
CA TYR F 227 -10.49 18.09 -39.17
C TYR F 227 -11.99 18.15 -39.45
N ALA F 228 -12.41 18.93 -40.45
CA ALA F 228 -13.82 19.27 -40.61
C ALA F 228 -14.70 18.03 -40.58
N GLY F 229 -14.51 17.12 -41.52
CA GLY F 229 -15.33 15.92 -41.56
C GLY F 229 -15.29 15.15 -40.25
N ALA F 230 -14.10 15.00 -39.67
CA ALA F 230 -13.97 14.30 -38.41
C ALA F 230 -14.88 14.92 -37.36
N ARG F 231 -14.88 16.26 -37.27
CA ARG F 231 -15.73 16.92 -36.28
C ARG F 231 -17.17 16.49 -36.45
N GLY F 232 -17.66 16.45 -37.69
CA GLY F 232 -19.03 16.04 -37.92
C GLY F 232 -19.33 14.68 -37.32
N ALA F 233 -18.42 13.73 -37.52
CA ALA F 233 -18.62 12.39 -36.99
C ALA F 233 -18.84 12.45 -35.48
N VAL F 234 -18.01 13.24 -34.78
CA VAL F 234 -18.14 13.33 -33.33
C VAL F 234 -19.53 13.79 -32.95
N GLU F 235 -20.04 14.82 -33.65
CA GLU F 235 -21.38 15.30 -33.35
C GLU F 235 -22.40 14.20 -33.57
N GLU F 236 -22.25 13.43 -34.64
CA GLU F 236 -23.19 12.35 -34.93
C GLU F 236 -23.27 11.36 -33.78
N ILE F 237 -22.19 11.22 -33.02
CA ILE F 237 -22.21 10.32 -31.87
C ILE F 237 -22.62 11.03 -30.60
N TRP F 238 -22.35 12.34 -30.49
CA TRP F 238 -22.60 13.04 -29.23
C TRP F 238 -24.10 13.21 -29.00
N GLN F 239 -24.82 13.69 -30.02
CA GLN F 239 -26.24 13.99 -29.87
C GLN F 239 -27.11 13.35 -30.94
N GLY F 240 -26.52 12.69 -31.94
CA GLY F 240 -27.33 12.11 -33.01
C GLY F 240 -28.19 10.96 -32.56
N ILE F 241 -27.67 10.12 -31.66
CA ILE F 241 -28.33 8.87 -31.28
C ILE F 241 -28.44 8.79 -29.77
N GLN F 242 -29.35 7.91 -29.32
CA GLN F 242 -29.63 7.74 -27.90
C GLN F 242 -29.51 6.31 -27.40
N ASP F 243 -29.50 5.31 -28.28
CA ASP F 243 -29.32 3.93 -27.86
C ASP F 243 -27.91 3.74 -27.33
N TRP F 244 -27.80 3.21 -26.10
CA TRP F 244 -26.49 3.13 -25.46
C TRP F 244 -25.61 2.07 -26.11
N ASN F 245 -26.20 0.94 -26.53
CA ASN F 245 -25.42 -0.07 -27.23
C ASN F 245 -24.85 0.49 -28.52
N GLU F 246 -25.68 1.20 -29.28
CA GLU F 246 -25.20 1.82 -30.51
C GLU F 246 -24.15 2.88 -30.23
N ILE F 247 -24.32 3.64 -29.14
CA ILE F 247 -23.34 4.66 -28.78
C ILE F 247 -21.98 4.01 -28.52
N LEU F 248 -21.98 2.93 -27.75
CA LEU F 248 -20.71 2.25 -27.37
C LEU F 248 -20.08 1.61 -28.61
N TRP F 249 -20.89 1.01 -29.48
CA TRP F 249 -20.33 0.37 -30.68
C TRP F 249 -19.77 1.39 -31.65
N ALA F 250 -20.47 2.50 -31.87
CA ALA F 250 -19.97 3.50 -32.79
C ALA F 250 -18.76 4.23 -32.23
N GLY F 251 -18.79 4.60 -30.95
CA GLY F 251 -17.72 5.37 -30.38
C GLY F 251 -16.42 4.60 -30.26
N HIS F 252 -16.49 3.34 -29.86
CA HIS F 252 -15.27 2.59 -29.55
C HIS F 252 -14.89 1.58 -30.61
N ALA F 253 -15.84 0.78 -31.09
CA ALA F 253 -15.50 -0.33 -31.96
C ALA F 253 -15.18 0.11 -33.39
N VAL F 254 -15.80 1.19 -33.87
CA VAL F 254 -15.70 1.58 -35.28
C VAL F 254 -14.94 2.89 -35.44
N TYR F 255 -15.47 3.98 -34.89
CA TYR F 255 -14.88 5.30 -35.14
C TYR F 255 -13.49 5.41 -34.51
N ASP F 256 -13.40 5.08 -33.22
CA ASP F 256 -12.12 5.23 -32.52
C ASP F 256 -11.06 4.32 -33.11
N ALA F 257 -11.36 3.02 -33.20
CA ALA F 257 -10.36 2.02 -33.56
C ALA F 257 -9.73 2.28 -34.91
N THR F 258 -10.39 3.01 -35.80
CA THR F 258 -9.79 3.42 -37.06
C THR F 258 -9.19 4.81 -36.99
N PHE F 259 -10.03 5.83 -36.74
CA PHE F 259 -9.56 7.20 -36.88
C PHE F 259 -8.57 7.57 -35.78
N GLY F 260 -8.92 7.29 -34.52
CA GLY F 260 -8.05 7.66 -33.43
C GLY F 260 -6.76 6.88 -33.45
N GLN F 261 -6.83 5.60 -33.82
CA GLN F 261 -5.63 4.79 -33.95
C GLN F 261 -4.71 5.35 -35.01
N PHE F 262 -5.25 5.68 -36.19
CA PHE F 262 -4.41 6.24 -37.25
C PHE F 262 -3.82 7.58 -36.83
N ALA F 263 -4.62 8.45 -36.20
CA ALA F 263 -4.13 9.77 -35.84
C ALA F 263 -3.05 9.70 -34.77
N ARG F 264 -3.32 8.98 -33.68
CA ARG F 264 -2.40 8.97 -32.54
C ARG F 264 -1.16 8.12 -32.84
N ARG F 265 -1.34 6.95 -33.44
CA ARG F 265 -0.22 6.01 -33.57
C ARG F 265 0.50 6.18 -34.91
N GLU F 266 -0.23 6.22 -36.02
CA GLU F 266 0.40 6.18 -37.33
C GLU F 266 0.91 7.53 -37.80
N PHE F 267 0.49 8.64 -37.17
CA PHE F 267 0.93 9.96 -37.61
C PHE F 267 1.77 10.66 -36.56
N PHE F 268 1.23 10.90 -35.36
CA PHE F 268 1.94 11.74 -34.41
C PHE F 268 3.13 11.01 -33.80
N GLN F 269 2.96 9.76 -33.40
CA GLN F 269 4.06 9.02 -32.78
C GLN F 269 5.17 8.75 -33.78
N ARG F 270 4.82 8.22 -34.95
CA ARG F 270 5.83 7.84 -35.94
C ARG F 270 6.60 9.06 -36.44
N LEU F 271 5.87 10.11 -36.85
CA LEU F 271 6.54 11.31 -37.32
C LEU F 271 7.31 12.01 -36.21
N ALA F 272 6.80 11.94 -34.97
CA ALA F 272 7.53 12.52 -33.85
C ALA F 272 8.86 11.83 -33.65
N THR F 273 8.88 10.50 -33.72
CA THR F 273 10.15 9.79 -33.65
C THR F 273 11.06 10.18 -34.82
N VAL F 274 10.51 10.17 -36.04
CA VAL F 274 11.32 10.45 -37.22
C VAL F 274 11.96 11.84 -37.13
N TYR F 275 11.21 12.81 -36.61
CA TYR F 275 11.70 14.18 -36.51
C TYR F 275 12.39 14.47 -35.17
N GLY F 276 12.88 13.44 -34.50
CA GLY F 276 13.67 13.62 -33.29
C GLY F 276 12.97 14.23 -32.11
N ASP F 277 11.77 13.74 -31.80
CA ASP F 277 11.02 14.18 -30.62
C ASP F 277 11.07 13.08 -29.56
N THR F 278 11.42 13.47 -28.33
CA THR F 278 11.54 12.53 -27.23
C THR F 278 10.47 12.73 -26.16
N LEU F 279 9.51 13.63 -26.39
CA LEU F 279 8.46 13.92 -25.42
C LEU F 279 7.12 13.30 -25.80
N THR F 280 6.70 13.47 -27.05
CA THR F 280 5.41 12.94 -27.48
C THR F 280 5.23 11.44 -27.30
N PRO F 281 6.21 10.57 -27.62
CA PRO F 281 5.96 9.13 -27.42
C PRO F 281 5.60 8.77 -25.99
N PHE F 282 6.20 9.45 -25.00
CA PHE F 282 5.87 9.17 -23.62
C PHE F 282 4.40 9.42 -23.33
N PHE F 283 3.84 10.49 -23.89
CA PHE F 283 2.44 10.80 -23.66
C PHE F 283 1.51 9.91 -24.48
N THR F 284 1.93 9.51 -25.68
CA THR F 284 1.08 8.65 -26.50
C THR F 284 1.06 7.20 -26.02
N ALA F 285 2.09 6.76 -25.29
CA ALA F 285 2.08 5.40 -24.77
C ALA F 285 0.93 5.17 -23.80
N GLN F 286 0.66 6.16 -22.95
CA GLN F 286 -0.45 6.03 -22.00
C GLN F 286 -1.79 5.95 -22.73
N SER F 287 -1.96 6.75 -23.78
CA SER F 287 -3.19 6.67 -24.56
C SER F 287 -3.34 5.32 -25.23
N GLN F 288 -2.25 4.76 -25.74
CA GLN F 288 -2.31 3.44 -26.35
C GLN F 288 -2.69 2.38 -25.32
N THR F 289 -2.12 2.46 -24.12
CA THR F 289 -2.47 1.50 -23.08
C THR F 289 -3.95 1.60 -22.69
N TYR F 290 -4.45 2.83 -22.54
CA TYR F 290 -5.86 3.01 -22.22
C TYR F 290 -6.75 2.45 -23.33
N PHE F 291 -6.37 2.68 -24.58
CA PHE F 291 -7.17 2.17 -25.70
C PHE F 291 -7.21 0.65 -25.69
N GLN F 292 -6.08 0.00 -25.44
CA GLN F 292 -6.07 -1.46 -25.41
C GLN F 292 -6.93 -1.99 -24.27
N THR F 293 -6.83 -1.36 -23.09
CA THR F 293 -7.63 -1.81 -21.95
C THR F 293 -9.11 -1.67 -22.23
N THR F 294 -9.52 -0.55 -22.83
CA THR F 294 -10.94 -0.37 -23.18
C THR F 294 -11.37 -1.36 -24.25
N ARG F 295 -10.51 -1.61 -25.24
CA ARG F 295 -10.85 -2.50 -26.34
C ARG F 295 -11.12 -3.92 -25.85
N GLY F 296 -10.33 -4.38 -24.87
CA GLY F 296 -10.58 -5.71 -24.34
C GLY F 296 -11.99 -5.86 -23.79
N ALA F 297 -12.41 -4.91 -22.97
CA ALA F 297 -13.75 -4.96 -22.38
C ALA F 297 -14.84 -4.83 -23.42
N ILE F 298 -14.64 -3.93 -24.40
CA ILE F 298 -15.67 -3.74 -25.43
C ILE F 298 -15.83 -5.01 -26.26
N GLU F 299 -14.71 -5.63 -26.64
CA GLU F 299 -14.77 -6.88 -27.39
C GLU F 299 -15.47 -7.97 -26.58
N ASP F 300 -15.12 -8.08 -25.29
CA ASP F 300 -15.78 -9.08 -24.45
C ASP F 300 -17.29 -8.85 -24.41
N LEU F 301 -17.71 -7.58 -24.26
CA LEU F 301 -19.14 -7.31 -24.14
C LEU F 301 -19.88 -7.61 -25.45
N PHE F 302 -19.30 -7.24 -26.59
CA PHE F 302 -20.04 -7.28 -27.84
C PHE F 302 -19.91 -8.59 -28.60
N VAL F 303 -18.85 -9.36 -28.39
CA VAL F 303 -18.63 -10.60 -29.13
C VAL F 303 -19.09 -11.81 -28.35
N TYR F 304 -18.65 -11.94 -27.09
CA TYR F 304 -18.97 -13.12 -26.31
C TYR F 304 -20.43 -13.13 -25.86
N CYS F 305 -20.99 -11.97 -25.55
CA CYS F 305 -22.31 -11.88 -24.92
C CYS F 305 -23.45 -11.69 -25.90
N LEU F 306 -23.36 -10.68 -26.77
CA LEU F 306 -24.48 -10.33 -27.62
C LEU F 306 -24.43 -11.01 -28.99
N ALA F 307 -23.31 -10.87 -29.71
CA ALA F 307 -23.23 -11.44 -31.04
C ALA F 307 -23.26 -12.96 -31.05
N ASN F 308 -22.93 -13.61 -29.93
CA ASN F 308 -22.92 -15.06 -29.83
C ASN F 308 -23.99 -15.57 -28.88
N ASP F 309 -25.08 -14.82 -28.75
CA ASP F 309 -26.17 -15.25 -27.89
C ASP F 309 -26.82 -16.51 -28.46
N PRO F 310 -27.15 -17.50 -27.61
CA PRO F 310 -27.72 -18.75 -28.12
C PRO F 310 -29.15 -18.64 -28.62
N GLU F 311 -29.79 -17.48 -28.53
CA GLU F 311 -31.18 -17.35 -28.94
C GLU F 311 -31.37 -16.16 -29.87
N PHE F 312 -30.52 -15.14 -29.74
CA PHE F 312 -30.65 -13.89 -30.49
C PHE F 312 -29.36 -13.56 -31.22
N GLY F 313 -28.80 -14.53 -31.92
CA GLY F 313 -27.58 -14.31 -32.67
C GLY F 313 -27.78 -13.45 -33.90
N ALA F 314 -28.58 -13.94 -34.86
CA ALA F 314 -28.78 -13.22 -36.11
C ALA F 314 -29.48 -11.89 -35.88
N HIS F 315 -30.41 -11.83 -34.92
CA HIS F 315 -31.10 -10.58 -34.60
C HIS F 315 -30.10 -9.49 -34.25
N ASN F 316 -29.18 -9.79 -33.32
CA ASN F 316 -28.17 -8.82 -32.94
C ASN F 316 -27.20 -8.53 -34.09
N ARG F 317 -26.85 -9.57 -34.85
CA ARG F 317 -25.87 -9.41 -35.92
C ARG F 317 -26.37 -8.47 -37.01
N THR F 318 -27.68 -8.50 -37.30
CA THR F 318 -28.22 -7.60 -38.32
C THR F 318 -27.99 -6.14 -37.96
N PHE F 319 -28.38 -5.76 -36.74
CA PHE F 319 -28.18 -4.38 -36.29
C PHE F 319 -26.70 -4.03 -36.23
N LEU F 320 -25.88 -4.98 -35.77
CA LEU F 320 -24.45 -4.72 -35.70
C LEU F 320 -23.88 -4.44 -37.08
N ASN F 321 -24.28 -5.21 -38.09
CA ASN F 321 -23.79 -5.00 -39.44
C ASN F 321 -24.24 -3.65 -39.99
N ALA F 322 -25.51 -3.29 -39.77
CA ALA F 322 -26.00 -2.01 -40.27
C ALA F 322 -25.23 -0.85 -39.65
N TRP F 323 -25.09 -0.85 -38.32
CA TRP F 323 -24.36 0.21 -37.65
C TRP F 323 -22.90 0.24 -38.12
N THR F 324 -22.30 -0.94 -38.28
CA THR F 324 -20.90 -1.01 -38.69
C THR F 324 -20.71 -0.37 -40.06
N GLU F 325 -21.59 -0.69 -41.02
CA GLU F 325 -21.42 -0.11 -42.35
C GLU F 325 -21.62 1.40 -42.33
N HIS F 326 -22.62 1.89 -41.60
CA HIS F 326 -22.87 3.33 -41.57
C HIS F 326 -21.68 4.08 -40.97
N TYR F 327 -21.25 3.66 -39.78
CA TYR F 327 -20.17 4.39 -39.12
C TYR F 327 -18.82 4.12 -39.76
N LEU F 328 -18.65 3.02 -40.49
CA LEU F 328 -17.43 2.82 -41.25
C LEU F 328 -17.37 3.78 -42.43
N ALA F 329 -18.51 4.03 -43.09
CA ALA F 329 -18.53 5.06 -44.12
C ALA F 329 -18.16 6.42 -43.53
N ARG F 330 -18.72 6.74 -42.35
CA ARG F 330 -18.37 8.01 -41.71
C ARG F 330 -16.88 8.09 -41.39
N SER F 331 -16.31 7.01 -40.85
CA SER F 331 -14.90 7.01 -40.49
C SER F 331 -14.01 7.12 -41.72
N VAL F 332 -14.39 6.46 -42.82
CA VAL F 332 -13.62 6.58 -44.05
C VAL F 332 -13.64 8.01 -44.57
N THR F 333 -14.80 8.66 -44.49
CA THR F 333 -14.86 10.07 -44.89
C THR F 333 -13.95 10.93 -44.02
N ALA F 334 -13.96 10.69 -42.71
CA ALA F 334 -13.11 11.46 -41.81
C ALA F 334 -11.63 11.25 -42.12
N LEU F 335 -11.23 10.00 -42.37
CA LEU F 335 -9.84 9.72 -42.69
C LEU F 335 -9.43 10.35 -44.02
N LYS F 336 -10.33 10.32 -45.01
CA LYS F 336 -10.03 10.95 -46.30
C LYS F 336 -9.83 12.45 -46.14
N ASP F 337 -10.65 13.08 -45.29
CA ASP F 337 -10.45 14.50 -45.03
C ASP F 337 -9.13 14.74 -44.30
N PHE F 338 -8.78 13.88 -43.35
CA PHE F 338 -7.62 14.12 -42.50
C PHE F 338 -6.29 13.84 -43.21
N VAL F 339 -6.28 12.94 -44.20
CA VAL F 339 -5.02 12.50 -44.80
C VAL F 339 -4.38 13.63 -45.59
N GLY F 340 -5.06 14.77 -45.67
CA GLY F 340 -4.52 15.93 -46.36
C GLY F 340 -3.49 16.72 -45.58
N ILE F 341 -3.14 16.28 -44.38
CA ILE F 341 -2.14 16.99 -43.57
C ILE F 341 -0.71 16.68 -43.98
N TYR F 342 -0.50 15.65 -44.81
CA TYR F 342 0.84 15.25 -45.19
C TYR F 342 1.53 16.27 -46.09
N ALA F 343 0.81 17.26 -46.60
CA ALA F 343 1.40 18.28 -47.44
C ALA F 343 2.05 19.41 -46.65
N LYS F 344 1.97 19.39 -45.32
CA LYS F 344 2.54 20.43 -44.49
C LYS F 344 3.82 20.00 -43.78
N VAL F 345 4.39 18.86 -44.14
CA VAL F 345 5.58 18.34 -43.50
C VAL F 345 6.64 18.04 -44.55
N GLU F 346 7.89 18.02 -44.11
CA GLU F 346 9.00 17.73 -45.01
C GLU F 346 8.93 16.28 -45.49
N LYS F 347 9.22 16.08 -46.77
CA LYS F 347 9.12 14.75 -47.35
C LYS F 347 10.23 13.85 -46.83
N VAL F 348 9.85 12.66 -46.37
CA VAL F 348 10.78 11.64 -45.90
C VAL F 348 10.42 10.33 -46.58
N ALA F 349 11.42 9.69 -47.17
CA ALA F 349 11.17 8.45 -47.91
C ALA F 349 10.69 7.36 -46.98
N GLY F 350 9.61 6.69 -47.35
CA GLY F 350 9.06 5.60 -46.57
C GLY F 350 8.17 6.01 -45.42
N ALA F 351 8.01 7.29 -45.16
CA ALA F 351 7.16 7.75 -44.07
C ALA F 351 6.13 8.78 -44.51
N THR F 352 6.48 9.67 -45.44
CA THR F 352 5.58 10.70 -45.90
C THR F 352 5.12 10.52 -47.34
N ASP F 353 5.84 9.75 -48.15
CA ASP F 353 5.45 9.51 -49.52
C ASP F 353 4.22 8.61 -49.57
N ARG F 354 3.76 8.34 -50.79
CA ARG F 354 2.51 7.58 -50.96
C ARG F 354 2.64 6.16 -50.44
N ALA F 355 3.81 5.54 -50.61
CA ALA F 355 3.99 4.16 -50.19
C ALA F 355 3.82 4.02 -48.68
N GLY F 356 4.40 4.94 -47.91
CA GLY F 356 4.30 4.85 -46.46
C GLY F 356 2.87 5.01 -45.97
N VAL F 357 2.15 6.00 -46.51
CA VAL F 357 0.76 6.22 -46.12
C VAL F 357 -0.09 5.01 -46.51
N SER F 358 0.13 4.45 -47.70
CA SER F 358 -0.62 3.28 -48.11
C SER F 358 -0.36 2.10 -47.19
N GLU F 359 0.91 1.88 -46.82
CA GLU F 359 1.24 0.79 -45.91
C GLU F 359 0.60 0.99 -44.55
N ALA F 360 0.62 2.22 -44.03
CA ALA F 360 0.02 2.49 -42.73
C ALA F 360 -1.49 2.24 -42.78
N LEU F 361 -2.15 2.71 -43.84
CA LEU F 361 -3.59 2.50 -43.96
C LEU F 361 -3.92 1.01 -44.06
N GLN F 362 -3.14 0.26 -44.84
CA GLN F 362 -3.38 -1.17 -44.94
C GLN F 362 -3.18 -1.86 -43.60
N ARG F 363 -2.15 -1.46 -42.85
CA ARG F 363 -1.93 -2.03 -41.53
C ARG F 363 -3.10 -1.78 -40.60
N VAL F 364 -3.57 -0.53 -40.56
CA VAL F 364 -4.66 -0.17 -39.65
C VAL F 364 -5.94 -0.93 -40.03
N PHE F 365 -6.26 -0.96 -41.33
CA PHE F 365 -7.49 -1.60 -41.75
C PHE F 365 -7.42 -3.11 -41.57
N GLY F 366 -6.26 -3.72 -41.79
CA GLY F 366 -6.12 -5.14 -41.52
C GLY F 366 -6.25 -5.46 -40.05
N ASP F 367 -5.69 -4.63 -39.18
CA ASP F 367 -5.87 -4.84 -37.74
C ASP F 367 -7.34 -4.73 -37.35
N TRP F 368 -8.05 -3.74 -37.86
CA TRP F 368 -9.50 -3.65 -37.55
C TRP F 368 -10.19 -4.92 -38.06
N LYS F 369 -9.91 -5.29 -39.31
CA LYS F 369 -10.59 -6.45 -39.88
C LYS F 369 -10.38 -7.69 -39.03
N VAL F 370 -9.17 -7.88 -38.51
CA VAL F 370 -8.90 -9.06 -37.69
C VAL F 370 -9.60 -8.95 -36.33
N ASP F 371 -9.54 -7.77 -35.70
CA ASP F 371 -10.01 -7.65 -34.32
C ASP F 371 -11.53 -7.63 -34.23
N TYR F 372 -12.21 -6.69 -34.90
CA TYR F 372 -13.68 -6.56 -34.68
C TYR F 372 -14.57 -7.10 -35.79
N ALA F 373 -14.33 -6.75 -37.05
CA ALA F 373 -15.29 -7.07 -38.14
C ALA F 373 -15.52 -8.57 -38.38
N ASP F 374 -14.48 -9.39 -38.33
CA ASP F 374 -14.65 -10.83 -38.63
C ASP F 374 -15.46 -11.51 -37.52
N LYS F 375 -15.64 -10.88 -36.37
CA LYS F 375 -16.39 -11.61 -35.30
C LYS F 375 -17.91 -11.49 -35.49
N ILE F 376 -18.39 -10.49 -36.25
CA ILE F 376 -19.87 -10.29 -36.42
C ILE F 376 -20.33 -10.49 -37.86
N GLY F 377 -19.57 -11.14 -38.73
CA GLY F 377 -20.00 -11.45 -40.08
C GLY F 377 -19.79 -10.35 -41.11
N PHE F 378 -19.26 -9.20 -40.70
CA PHE F 378 -19.06 -8.10 -41.64
C PHE F 378 -18.02 -8.46 -42.69
N ASN F 379 -18.27 -8.05 -43.93
CA ASN F 379 -17.38 -8.31 -45.05
C ASN F 379 -16.75 -7.00 -45.50
N ILE F 380 -15.42 -6.97 -45.55
CA ILE F 380 -14.69 -5.76 -45.92
C ILE F 380 -13.41 -6.18 -46.66
N ASP F 381 -13.08 -5.42 -47.69
CA ASP F 381 -11.81 -5.57 -48.40
C ASP F 381 -10.94 -4.35 -48.17
N VAL F 382 -9.71 -4.56 -47.70
CA VAL F 382 -8.86 -3.41 -47.30
C VAL F 382 -8.43 -2.59 -48.52
N ASP F 383 -8.18 -3.23 -49.67
CA ASP F 383 -7.62 -2.48 -50.82
C ASP F 383 -8.57 -1.37 -51.27
N GLN F 384 -9.87 -1.66 -51.31
CA GLN F 384 -10.86 -0.66 -51.78
C GLN F 384 -10.83 0.54 -50.83
N LYS F 385 -11.02 0.29 -49.54
CA LYS F 385 -11.03 1.39 -48.54
C LYS F 385 -9.74 2.19 -48.69
N VAL F 386 -8.60 1.52 -48.77
CA VAL F 386 -7.33 2.21 -48.86
C VAL F 386 -7.30 3.14 -50.07
N ASP F 387 -7.79 2.65 -51.21
CA ASP F 387 -7.83 3.47 -52.41
C ASP F 387 -8.78 4.66 -52.23
N ALA F 388 -9.93 4.42 -51.60
CA ALA F 388 -10.89 5.50 -51.37
C ALA F 388 -10.28 6.58 -50.48
N VAL F 389 -9.55 6.18 -49.45
CA VAL F 389 -8.91 7.16 -48.57
C VAL F 389 -7.80 7.89 -49.31
N LEU F 390 -6.96 7.16 -50.05
CA LEU F 390 -5.83 7.76 -50.74
C LEU F 390 -6.26 8.64 -51.92
N ALA F 391 -7.50 8.52 -52.38
CA ALA F 391 -7.98 9.41 -53.44
C ALA F 391 -7.94 10.88 -53.03
N GLY F 392 -7.92 11.17 -51.73
CA GLY F 392 -7.83 12.53 -51.26
C GLY F 392 -6.44 12.94 -50.84
N PHE F 393 -5.44 12.19 -51.30
CA PHE F 393 -4.04 12.45 -50.97
C PHE F 393 -3.38 13.24 -52.10
N LYS F 394 -2.70 14.32 -51.74
CA LYS F 394 -2.00 15.15 -52.71
C LYS F 394 -0.60 14.58 -52.92
N ASN F 395 -0.38 14.00 -54.10
CA ASN F 395 0.91 13.39 -54.41
C ASN F 395 2.00 14.44 -54.56
N ARG G 4 -52.94 -18.95 -4.43
CA ARG G 4 -52.80 -18.70 -5.85
C ARG G 4 -51.69 -19.55 -6.46
N GLU G 5 -50.82 -18.91 -7.22
CA GLU G 5 -49.75 -19.61 -7.93
C GLU G 5 -48.40 -18.97 -7.62
N PRO G 6 -47.32 -19.74 -7.65
CA PRO G 6 -46.01 -19.18 -7.37
C PRO G 6 -45.58 -18.18 -8.43
N ILE G 7 -44.75 -17.24 -8.03
CA ILE G 7 -44.19 -16.29 -8.98
C ILE G 7 -43.10 -16.97 -9.81
N HIS G 8 -42.80 -16.37 -10.96
CA HIS G 8 -41.70 -16.88 -11.81
C HIS G 8 -42.08 -18.22 -12.48
N GLU G 9 -43.24 -18.77 -12.15
CA GLU G 9 -43.69 -20.02 -12.80
C GLU G 9 -45.16 -20.28 -12.46
N ASN G 10 -46.06 -20.09 -13.43
CA ASN G 10 -47.51 -20.21 -13.17
C ASN G 10 -48.23 -20.51 -14.47
N SER G 11 -49.48 -21.00 -14.40
CA SER G 11 -50.23 -21.36 -15.62
C SER G 11 -50.49 -20.14 -16.50
N THR G 12 -50.82 -19.00 -15.91
CA THR G 12 -51.18 -17.81 -16.73
C THR G 12 -50.08 -17.53 -17.74
N ARG G 13 -48.83 -17.81 -17.39
CA ARG G 13 -47.70 -17.49 -18.26
C ARG G 13 -47.51 -18.55 -19.32
N THR G 14 -47.63 -19.82 -18.91
CA THR G 14 -47.52 -20.92 -19.89
C THR G 14 -48.69 -20.80 -20.86
N GLU G 15 -49.87 -20.49 -20.35
CA GLU G 15 -51.04 -20.30 -21.23
C GLU G 15 -50.72 -19.24 -22.29
N TRP G 16 -50.33 -18.04 -21.85
CA TRP G 16 -50.02 -16.98 -22.79
C TRP G 16 -48.83 -17.13 -23.74
N GLU G 17 -47.78 -17.78 -23.26
CA GLU G 17 -46.60 -18.03 -24.14
C GLU G 17 -47.03 -18.97 -25.26
N GLY G 18 -47.81 -20.00 -24.93
CA GLY G 18 -48.31 -20.91 -25.95
C GLY G 18 -49.12 -20.20 -27.01
N LYS G 19 -49.97 -19.25 -26.58
CA LYS G 19 -50.70 -18.42 -27.55
C LYS G 19 -49.75 -17.56 -28.37
N ILE G 20 -48.70 -17.03 -27.73
CA ILE G 20 -47.77 -16.13 -28.41
C ILE G 20 -47.01 -16.86 -29.51
N ALA G 21 -46.61 -18.10 -29.25
CA ALA G 21 -45.72 -18.81 -30.17
C ALA G 21 -46.35 -19.09 -31.52
N LYS G 22 -47.67 -18.94 -31.66
CA LYS G 22 -48.35 -19.22 -32.92
C LYS G 22 -48.32 -18.06 -33.90
N LEU G 23 -47.73 -16.92 -33.54
CA LEU G 23 -47.67 -15.78 -34.43
C LEU G 23 -46.62 -16.02 -35.51
N ASN G 24 -46.98 -15.74 -36.77
CA ASN G 24 -46.07 -15.97 -37.89
C ASN G 24 -46.13 -14.85 -38.92
N SER G 25 -46.44 -13.63 -38.49
CA SER G 25 -46.51 -12.50 -39.41
C SER G 25 -46.19 -11.23 -38.65
N VAL G 26 -45.89 -10.17 -39.39
CA VAL G 26 -45.49 -8.91 -38.78
C VAL G 26 -46.72 -8.07 -38.44
N ASP G 27 -47.64 -7.91 -39.39
CA ASP G 27 -48.82 -7.09 -39.15
C ASP G 27 -49.71 -7.68 -38.06
N GLN G 28 -49.89 -9.00 -38.07
CA GLN G 28 -50.74 -9.61 -37.05
C GLN G 28 -50.08 -9.53 -35.68
N ALA G 29 -48.75 -9.64 -35.62
CA ALA G 29 -48.05 -9.45 -34.36
C ALA G 29 -48.20 -8.02 -33.85
N THR G 30 -48.12 -7.04 -34.75
CA THR G 30 -48.31 -5.65 -34.35
C THR G 30 -49.72 -5.43 -33.81
N LYS G 31 -50.73 -5.98 -34.49
CA LYS G 31 -52.10 -5.85 -34.00
C LYS G 31 -52.26 -6.51 -32.63
N PHE G 32 -51.67 -7.70 -32.46
CA PHE G 32 -51.77 -8.41 -31.20
C PHE G 32 -51.16 -7.60 -30.06
N ILE G 33 -49.95 -7.06 -30.28
CA ILE G 33 -49.27 -6.33 -29.21
C ILE G 33 -49.99 -5.02 -28.91
N GLN G 34 -50.51 -4.36 -29.95
CA GLN G 34 -51.27 -3.13 -29.70
C GLN G 34 -52.52 -3.39 -28.89
N ASP G 35 -53.25 -4.47 -29.22
CA ASP G 35 -54.43 -4.81 -28.45
C ASP G 35 -54.07 -5.14 -27.00
N PHE G 36 -53.00 -5.92 -26.80
CA PHE G 36 -52.61 -6.29 -25.44
C PHE G 36 -52.22 -5.06 -24.63
N ARG G 37 -51.46 -4.14 -25.23
CA ARG G 37 -51.05 -2.94 -24.52
C ARG G 37 -52.24 -2.05 -24.21
N VAL G 38 -53.18 -1.91 -25.16
CA VAL G 38 -54.37 -1.12 -24.88
C VAL G 38 -55.16 -1.74 -23.73
N ALA G 39 -55.21 -3.07 -23.67
CA ALA G 39 -56.03 -3.73 -22.66
C ALA G 39 -55.41 -3.69 -21.26
N TYR G 40 -54.12 -4.01 -21.10
CA TYR G 40 -53.60 -4.04 -19.72
C TYR G 40 -52.25 -3.34 -19.58
N SER G 41 -52.18 -2.04 -19.86
CA SER G 41 -50.92 -1.32 -19.69
C SER G 41 -51.04 0.09 -19.12
N SER G 42 -52.19 0.49 -18.61
CA SER G 42 -52.37 1.85 -18.14
C SER G 42 -53.29 1.87 -16.93
N PRO G 43 -53.24 2.93 -16.11
CA PRO G 43 -54.31 3.12 -15.12
C PRO G 43 -55.68 3.26 -15.75
N PHE G 44 -55.75 3.62 -17.03
CA PHE G 44 -57.00 3.66 -17.79
C PHE G 44 -57.27 2.36 -18.53
N ARG G 45 -56.76 1.23 -18.02
CA ARG G 45 -56.94 -0.05 -18.70
C ARG G 45 -58.39 -0.50 -18.59
N LYS G 46 -58.66 -1.68 -19.14
CA LYS G 46 -60.02 -2.21 -19.20
C LYS G 46 -60.29 -3.31 -18.19
N SER G 47 -59.26 -4.01 -17.72
CA SER G 47 -59.45 -5.07 -16.74
C SER G 47 -58.17 -5.24 -15.92
N TYR G 48 -58.34 -5.73 -14.70
CA TYR G 48 -57.23 -5.95 -13.78
C TYR G 48 -56.97 -7.43 -13.51
N ASP G 49 -57.58 -8.33 -14.29
CA ASP G 49 -57.42 -9.75 -14.04
C ASP G 49 -56.00 -10.24 -14.32
N LEU G 50 -55.21 -9.50 -15.07
CA LEU G 50 -53.85 -9.90 -15.41
C LEU G 50 -52.87 -8.86 -14.89
N ASP G 51 -53.06 -8.43 -13.64
CA ASP G 51 -52.30 -7.30 -13.11
C ASP G 51 -50.88 -7.68 -12.73
N VAL G 52 -50.65 -8.91 -12.25
CA VAL G 52 -49.35 -9.29 -11.73
C VAL G 52 -48.52 -10.06 -12.74
N ASP G 53 -48.99 -10.21 -13.98
CA ASP G 53 -48.30 -11.03 -14.96
C ASP G 53 -48.18 -10.40 -16.33
N TYR G 54 -48.68 -9.18 -16.54
CA TYR G 54 -48.76 -8.64 -17.90
C TYR G 54 -47.40 -8.18 -18.43
N GLN G 55 -46.48 -7.78 -17.56
CA GLN G 55 -45.22 -7.24 -18.06
C GLN G 55 -44.32 -8.32 -18.65
N TYR G 56 -44.25 -9.45 -17.95
CA TYR G 56 -43.45 -10.59 -18.45
C TYR G 56 -44.07 -11.04 -19.76
N ILE G 57 -45.39 -11.20 -19.78
CA ILE G 57 -46.08 -11.61 -21.04
C ILE G 57 -45.71 -10.61 -22.13
N GLU G 58 -45.87 -9.31 -21.85
CA GLU G 58 -45.55 -8.26 -22.85
C GLU G 58 -44.13 -8.45 -23.37
N ARG G 59 -43.18 -8.72 -22.47
CA ARG G 59 -41.77 -8.88 -22.90
C ARG G 59 -41.69 -10.04 -23.89
N LYS G 60 -42.41 -11.13 -23.62
CA LYS G 60 -42.35 -12.31 -24.52
C LYS G 60 -42.86 -11.91 -25.90
N ILE G 61 -43.91 -11.09 -25.96
CA ILE G 61 -44.40 -10.59 -27.28
C ILE G 61 -43.32 -9.73 -27.94
N GLU G 62 -42.78 -8.75 -27.24
CA GLU G 62 -41.78 -7.83 -27.84
C GLU G 62 -40.67 -8.67 -28.47
N GLU G 63 -40.19 -9.69 -27.77
CA GLU G 63 -39.12 -10.53 -28.31
C GLU G 63 -39.56 -11.21 -29.60
N ARG G 64 -40.76 -11.79 -29.59
CA ARG G 64 -41.26 -12.47 -30.78
C ARG G 64 -41.40 -11.50 -31.96
N LEU G 65 -41.96 -10.32 -31.70
CA LEU G 65 -42.16 -9.33 -32.74
C LEU G 65 -40.82 -8.86 -33.31
N SER G 66 -39.83 -8.65 -32.45
CA SER G 66 -38.52 -8.22 -32.92
C SER G 66 -37.88 -9.28 -33.80
N VAL G 67 -37.95 -10.55 -33.36
CA VAL G 67 -37.40 -11.63 -34.18
C VAL G 67 -38.08 -11.67 -35.54
N LEU G 68 -39.41 -11.59 -35.57
CA LEU G 68 -40.13 -11.63 -36.83
C LEU G 68 -39.79 -10.44 -37.71
N LYS G 69 -39.62 -9.26 -37.10
CA LYS G 69 -39.29 -8.06 -37.86
C LYS G 69 -37.92 -8.21 -38.53
N THR G 70 -36.90 -8.56 -37.74
CA THR G 70 -35.55 -8.64 -38.30
C THR G 70 -35.39 -9.80 -39.26
N GLU G 71 -36.19 -10.86 -39.11
CA GLU G 71 -36.02 -12.03 -40.00
C GLU G 71 -36.42 -11.71 -41.43
N LYS G 72 -37.56 -11.03 -41.60
CA LYS G 72 -38.10 -10.78 -42.95
C LYS G 72 -38.42 -9.30 -43.15
N LEU G 73 -37.41 -8.47 -43.39
CA LEU G 73 -37.63 -7.02 -43.61
C LEU G 73 -36.32 -6.37 -44.09
N SER G 74 -36.40 -5.19 -44.70
CA SER G 74 -35.25 -4.49 -45.22
C SER G 74 -34.65 -3.57 -44.17
N VAL G 75 -33.36 -3.26 -44.36
CA VAL G 75 -32.63 -2.44 -43.38
C VAL G 75 -33.21 -1.04 -43.33
N ALA G 76 -33.47 -0.44 -44.50
CA ALA G 76 -34.07 0.89 -44.55
C ALA G 76 -35.38 0.93 -43.77
N ASP G 77 -36.27 -0.02 -44.05
CA ASP G 77 -37.50 -0.14 -43.28
C ASP G 77 -37.21 -0.35 -41.80
N LEU G 78 -36.26 -1.25 -41.50
CA LEU G 78 -35.89 -1.54 -40.13
C LEU G 78 -35.41 -0.31 -39.37
N VAL G 79 -34.95 0.71 -40.08
CA VAL G 79 -34.40 1.90 -39.42
C VAL G 79 -35.40 3.04 -39.39
N THR G 80 -35.86 3.51 -40.55
CA THR G 80 -36.68 4.75 -40.57
C THR G 80 -38.20 4.51 -40.64
N LYS G 81 -38.64 3.31 -40.98
CA LYS G 81 -40.06 3.08 -41.16
C LYS G 81 -40.64 2.29 -39.99
N ALA G 82 -41.84 2.69 -39.59
CA ALA G 82 -42.53 2.03 -38.45
C ALA G 82 -43.04 0.66 -38.86
N THR G 83 -43.37 -0.17 -37.89
CA THR G 83 -43.83 -1.53 -38.15
C THR G 83 -45.16 -1.53 -38.91
N THR G 84 -46.03 -0.56 -38.64
CA THR G 84 -47.33 -0.48 -39.28
C THR G 84 -47.26 0.13 -40.69
N GLY G 85 -46.07 0.45 -41.19
CA GLY G 85 -45.87 0.80 -42.57
C GLY G 85 -45.72 2.28 -42.88
N GLU G 86 -46.02 3.17 -41.94
CA GLU G 86 -45.87 4.60 -42.18
C GLU G 86 -44.55 5.11 -41.62
N ASP G 87 -44.14 6.28 -42.08
CA ASP G 87 -42.89 6.88 -41.65
C ASP G 87 -42.97 7.32 -40.20
N ALA G 88 -41.80 7.46 -39.58
CA ALA G 88 -41.72 7.81 -38.16
C ALA G 88 -41.76 9.32 -37.92
N ALA G 89 -41.11 10.10 -38.79
CA ALA G 89 -41.09 11.54 -38.59
C ALA G 89 -42.48 12.14 -38.67
N ALA G 90 -43.30 11.67 -39.62
CA ALA G 90 -44.65 12.18 -39.74
C ALA G 90 -45.47 11.86 -38.50
N VAL G 91 -45.34 10.64 -37.97
CA VAL G 91 -46.05 10.27 -36.75
C VAL G 91 -45.62 11.15 -35.59
N GLU G 92 -44.31 11.35 -35.44
CA GLU G 92 -43.81 12.19 -34.35
C GLU G 92 -44.34 13.61 -34.45
N ALA G 93 -44.29 14.19 -35.65
CA ALA G 93 -44.78 15.55 -35.82
C ALA G 93 -46.28 15.65 -35.54
N ALA G 94 -47.05 14.68 -36.02
CA ALA G 94 -48.49 14.70 -35.80
C ALA G 94 -48.82 14.62 -34.32
N TRP G 95 -48.14 13.74 -33.58
CA TRP G 95 -48.45 13.60 -32.16
C TRP G 95 -47.98 14.82 -31.37
N ILE G 96 -46.85 15.41 -31.76
CA ILE G 96 -46.40 16.64 -31.11
C ILE G 96 -47.44 17.75 -31.30
N ALA G 97 -47.94 17.89 -32.53
CA ALA G 97 -48.97 18.90 -32.78
C ALA G 97 -50.24 18.60 -31.99
N LYS G 98 -50.62 17.33 -31.92
CA LYS G 98 -51.83 16.96 -31.18
C LYS G 98 -51.71 17.33 -29.72
N MET G 99 -50.56 17.05 -29.10
CA MET G 99 -50.42 17.35 -27.68
C MET G 99 -50.26 18.86 -27.44
N LYS G 100 -49.61 19.56 -28.36
CA LYS G 100 -49.52 21.02 -28.21
C LYS G 100 -50.88 21.68 -28.35
N ALA G 101 -51.78 21.10 -29.16
CA ALA G 101 -53.12 21.66 -29.29
C ALA G 101 -53.99 21.41 -28.08
N ALA G 102 -53.54 20.58 -27.13
CA ALA G 102 -54.35 20.30 -25.95
C ALA G 102 -54.41 21.50 -25.03
N GLU G 103 -55.47 21.56 -24.23
CA GLU G 103 -55.73 22.70 -23.36
C GLU G 103 -55.90 22.33 -21.89
N SER G 104 -56.02 21.05 -21.56
CA SER G 104 -56.25 20.61 -20.19
C SER G 104 -55.20 19.58 -19.79
N LYS G 105 -54.91 19.52 -18.50
CA LYS G 105 -53.94 18.56 -17.99
C LYS G 105 -54.40 17.13 -18.24
N TYR G 106 -55.69 16.86 -18.02
CA TYR G 106 -56.22 15.51 -18.20
C TYR G 106 -56.15 15.08 -19.66
N ALA G 107 -56.52 16.01 -20.54
CA ALA G 107 -56.43 15.72 -21.99
C ALA G 107 -54.99 15.32 -22.30
N ALA G 108 -54.04 16.18 -21.93
CA ALA G 108 -52.62 15.87 -22.15
C ALA G 108 -52.33 14.45 -21.66
N GLU G 109 -52.61 14.17 -20.39
CA GLU G 109 -52.33 12.85 -19.84
C GLU G 109 -52.87 11.75 -20.76
N ARG G 110 -54.09 11.93 -21.25
CA ARG G 110 -54.69 10.94 -22.14
C ARG G 110 -53.86 10.80 -23.42
N ILE G 111 -53.44 11.93 -23.99
CA ILE G 111 -52.65 11.89 -25.25
C ILE G 111 -51.36 11.12 -24.99
N HIS G 112 -50.63 11.48 -23.92
CA HIS G 112 -49.37 10.82 -23.63
C HIS G 112 -49.55 9.32 -23.42
N ILE G 113 -50.58 8.94 -22.65
CA ILE G 113 -50.82 7.52 -22.37
C ILE G 113 -51.14 6.78 -23.66
N GLU G 114 -51.98 7.37 -24.52
CA GLU G 114 -52.33 6.73 -25.79
C GLU G 114 -51.11 6.56 -26.68
N PHE G 115 -50.23 7.56 -26.72
CA PHE G 115 -49.06 7.46 -27.61
C PHE G 115 -48.19 6.27 -27.21
N ARG G 116 -47.74 6.24 -25.96
CA ARG G 116 -46.84 5.15 -25.49
C ARG G 116 -47.55 3.81 -25.64
N GLN G 117 -48.87 3.77 -25.42
CA GLN G 117 -49.60 2.49 -25.49
C GLN G 117 -49.65 2.02 -26.96
N LEU G 118 -49.59 2.96 -27.89
CA LEU G 118 -49.66 2.57 -29.30
C LEU G 118 -48.28 2.39 -29.94
N TYR G 119 -47.36 3.34 -29.78
CA TYR G 119 -46.09 3.20 -30.55
C TYR G 119 -44.81 2.98 -29.74
N LYS G 120 -44.89 2.28 -28.61
CA LYS G 120 -43.65 1.97 -27.86
C LYS G 120 -42.87 0.91 -28.63
N PRO G 121 -41.52 0.96 -28.67
CA PRO G 121 -40.75 -0.08 -29.34
C PRO G 121 -41.11 -1.50 -28.87
N PRO G 122 -41.07 -2.54 -29.73
CA PRO G 122 -40.41 -2.48 -31.04
C PRO G 122 -41.31 -2.10 -32.21
N VAL G 123 -42.45 -1.46 -31.93
CA VAL G 123 -43.34 -0.99 -33.04
C VAL G 123 -42.69 0.18 -33.78
N LEU G 124 -41.97 1.05 -33.05
CA LEU G 124 -41.24 2.18 -33.67
C LEU G 124 -39.76 2.01 -33.35
N PRO G 125 -38.79 2.48 -34.17
CA PRO G 125 -37.37 2.41 -33.80
C PRO G 125 -37.08 3.11 -32.46
N VAL G 126 -36.04 2.68 -31.74
CA VAL G 126 -35.76 3.27 -30.39
C VAL G 126 -35.58 4.79 -30.46
N ASN G 127 -34.64 5.30 -31.24
CA ASN G 127 -34.32 6.76 -31.21
C ASN G 127 -35.56 7.65 -31.28
N VAL G 128 -36.30 7.63 -32.39
CA VAL G 128 -37.46 8.50 -32.62
C VAL G 128 -38.39 8.45 -31.42
N PHE G 129 -38.64 7.24 -30.90
CA PHE G 129 -39.53 7.10 -29.75
C PHE G 129 -39.00 7.84 -28.54
N LEU G 130 -37.69 7.73 -28.27
CA LEU G 130 -37.12 8.41 -27.12
C LEU G 130 -37.19 9.92 -27.26
N ARG G 131 -36.88 10.43 -28.46
CA ARG G 131 -36.96 11.88 -28.66
C ARG G 131 -38.40 12.37 -28.47
N THR G 132 -39.37 11.66 -29.05
CA THR G 132 -40.76 12.08 -28.92
C THR G 132 -41.23 11.98 -27.48
N ASP G 133 -40.81 10.94 -26.76
CA ASP G 133 -41.21 10.79 -25.37
C ASP G 133 -40.68 11.92 -24.52
N ALA G 134 -39.42 12.30 -24.71
CA ALA G 134 -38.87 13.43 -23.97
C ALA G 134 -39.61 14.72 -24.29
N ALA G 135 -39.90 14.95 -25.58
CA ALA G 135 -40.58 16.17 -25.97
C ALA G 135 -41.98 16.25 -25.36
N LEU G 136 -42.70 15.13 -25.34
CA LEU G 136 -44.03 15.13 -24.74
C LEU G 136 -43.97 15.29 -23.22
N GLY G 137 -42.99 14.64 -22.58
CA GLY G 137 -42.86 14.72 -21.14
C GLY G 137 -42.55 16.12 -20.66
N THR G 138 -41.76 16.87 -21.43
CA THR G 138 -41.48 18.26 -21.06
C THR G 138 -42.77 19.06 -20.96
N ILE G 139 -43.63 18.96 -21.97
CA ILE G 139 -44.89 19.71 -21.97
C ILE G 139 -45.80 19.21 -20.84
N LEU G 140 -45.81 17.89 -20.61
CA LEU G 140 -46.67 17.36 -19.55
C LEU G 140 -46.25 17.90 -18.18
N MET G 141 -44.94 17.91 -17.91
CA MET G 141 -44.48 18.45 -16.63
C MET G 141 -44.76 19.94 -16.53
N GLU G 142 -44.59 20.68 -17.63
CA GLU G 142 -44.87 22.11 -17.59
C GLU G 142 -46.33 22.38 -17.28
N LEU G 143 -47.24 21.58 -17.87
CA LEU G 143 -48.66 21.78 -17.60
C LEU G 143 -49.04 21.37 -16.19
N ARG G 144 -48.51 20.25 -15.68
CA ARG G 144 -49.00 19.74 -14.36
C ARG G 144 -48.44 20.52 -13.17
N ASN G 145 -47.29 21.19 -13.31
CA ASN G 145 -46.70 21.82 -12.14
C ASN G 145 -47.22 23.23 -11.86
N THR G 146 -48.10 23.76 -12.71
CA THR G 146 -48.69 25.09 -12.43
C THR G 146 -49.74 25.00 -11.32
N ASP G 147 -49.68 25.90 -10.32
CA ASP G 147 -50.72 25.97 -9.25
C ASP G 147 -50.92 24.63 -8.54
N TYR G 148 -49.84 23.91 -8.24
CA TYR G 148 -49.95 22.57 -7.63
C TYR G 148 -50.71 22.62 -6.30
N TYR G 149 -50.69 23.75 -5.59
CA TYR G 149 -51.30 23.75 -4.27
C TYR G 149 -52.60 24.55 -4.20
N ALA G 150 -53.08 25.08 -5.33
CA ALA G 150 -54.25 25.96 -5.29
C ALA G 150 -55.53 25.16 -5.04
N THR G 151 -55.71 24.04 -5.71
CA THR G 151 -56.98 23.33 -5.64
C THR G 151 -57.12 22.62 -4.30
N PRO G 152 -58.25 22.77 -3.62
CA PRO G 152 -58.47 22.01 -2.38
C PRO G 152 -58.64 20.53 -2.65
N LEU G 153 -58.53 19.74 -1.58
CA LEU G 153 -58.56 18.29 -1.71
C LEU G 153 -59.91 17.79 -2.24
N GLU G 154 -61.01 18.37 -1.75
CA GLU G 154 -62.34 17.95 -2.19
C GLU G 154 -62.54 18.25 -3.67
N GLY G 155 -62.12 19.43 -4.12
CA GLY G 155 -62.20 19.75 -5.53
C GLY G 155 -61.37 18.81 -6.39
N LEU G 156 -60.17 18.46 -5.91
CA LEU G 156 -59.34 17.51 -6.64
C LEU G 156 -60.00 16.15 -6.73
N ARG G 157 -60.61 15.70 -5.63
CA ARG G 157 -61.33 14.42 -5.65
C ARG G 157 -62.47 14.45 -6.65
N LYS G 158 -63.22 15.56 -6.67
CA LYS G 158 -64.33 15.67 -7.62
C LYS G 158 -63.82 15.68 -9.07
N GLU G 159 -62.72 16.40 -9.32
CA GLU G 159 -62.19 16.49 -10.68
C GLU G 159 -61.67 15.14 -11.16
N ARG G 160 -60.94 14.43 -10.31
CA ARG G 160 -60.37 13.14 -10.73
C ARG G 160 -61.46 12.12 -11.03
N GLY G 161 -62.53 12.12 -10.23
CA GLY G 161 -63.62 11.20 -10.44
C GLY G 161 -63.64 10.00 -9.51
N VAL G 162 -62.75 9.95 -8.52
CA VAL G 162 -62.74 8.81 -7.61
C VAL G 162 -63.93 8.93 -6.65
N LYS G 163 -64.28 7.78 -6.06
CA LYS G 163 -65.34 7.71 -5.06
C LYS G 163 -64.77 7.15 -3.77
N VAL G 164 -65.15 7.75 -2.66
CA VAL G 164 -64.59 7.41 -1.35
C VAL G 164 -65.39 6.25 -0.74
N LEU G 165 -64.69 5.25 -0.24
CA LEU G 165 -65.31 4.13 0.45
C LEU G 165 -65.18 4.22 1.96
N HIS G 166 -64.11 4.82 2.45
CA HIS G 166 -63.91 5.03 3.88
C HIS G 166 -63.11 6.30 4.08
N LEU G 167 -63.45 7.04 5.14
CA LEU G 167 -62.79 8.31 5.44
C LEU G 167 -62.67 8.41 6.95
N GLN G 168 -61.48 8.09 7.48
CA GLN G 168 -61.26 8.11 8.92
C GLN G 168 -61.37 9.54 9.44
N ALA G 169 -62.11 9.70 10.53
CA ALA G 169 -62.31 11.01 11.13
C ALA G 169 -61.03 11.54 11.77
#